data_5AMU
# 
_entry.id   5AMU 
# 
_audit_conform.dict_name       mmcif_pdbx.dic 
_audit_conform.dict_version    5.383 
_audit_conform.dict_location   http://mmcif.pdb.org/dictionaries/ascii/mmcif_pdbx.dic 
# 
loop_
_database_2.database_id 
_database_2.database_code 
_database_2.pdbx_database_accession 
_database_2.pdbx_DOI 
PDB   5AMU         pdb_00005amu 10.2210/pdb5amu/pdb 
PDBE  EBI-64867    ?            ?                   
WWPDB D_1290064867 ?            ?                   
# 
loop_
_pdbx_audit_revision_history.ordinal 
_pdbx_audit_revision_history.data_content_type 
_pdbx_audit_revision_history.major_revision 
_pdbx_audit_revision_history.minor_revision 
_pdbx_audit_revision_history.revision_date 
1 'Structure model' 1 0 2016-10-05 
2 'Structure model' 1 1 2024-01-10 
# 
_pdbx_audit_revision_details.ordinal             1 
_pdbx_audit_revision_details.revision_ordinal    1 
_pdbx_audit_revision_details.data_content_type   'Structure model' 
_pdbx_audit_revision_details.provider            repository 
_pdbx_audit_revision_details.type                'Initial release' 
_pdbx_audit_revision_details.description         ? 
_pdbx_audit_revision_details.details             ? 
# 
loop_
_pdbx_audit_revision_group.ordinal 
_pdbx_audit_revision_group.revision_ordinal 
_pdbx_audit_revision_group.data_content_type 
_pdbx_audit_revision_group.group 
1 2 'Structure model' 'Data collection'        
2 2 'Structure model' 'Database references'    
3 2 'Structure model' Other                    
4 2 'Structure model' 'Refinement description' 
# 
loop_
_pdbx_audit_revision_category.ordinal 
_pdbx_audit_revision_category.revision_ordinal 
_pdbx_audit_revision_category.data_content_type 
_pdbx_audit_revision_category.category 
1 2 'Structure model' chem_comp_atom                
2 2 'Structure model' chem_comp_bond                
3 2 'Structure model' database_2                    
4 2 'Structure model' pdbx_database_status          
5 2 'Structure model' pdbx_initial_refinement_model 
# 
loop_
_pdbx_audit_revision_item.ordinal 
_pdbx_audit_revision_item.revision_ordinal 
_pdbx_audit_revision_item.data_content_type 
_pdbx_audit_revision_item.item 
1 2 'Structure model' '_database_2.pdbx_DOI'                 
2 2 'Structure model' '_database_2.pdbx_database_accession'  
3 2 'Structure model' '_pdbx_database_status.status_code_sf' 
# 
_pdbx_database_status.status_code                     REL 
_pdbx_database_status.entry_id                        5AMU 
_pdbx_database_status.deposit_site                    PDBE 
_pdbx_database_status.process_site                    PDBE 
_pdbx_database_status.SG_entry                        . 
_pdbx_database_status.recvd_initial_deposition_date   2015-09-01 
_pdbx_database_status.pdb_format_compatible           Y 
_pdbx_database_status.status_code_sf                  REL 
_pdbx_database_status.status_code_mr                  ? 
_pdbx_database_status.status_code_cs                  ? 
_pdbx_database_status.methods_development_category    ? 
_pdbx_database_status.status_code_nmr_data            ? 
# 
_pdbx_database_related.db_name        PDB 
_pdbx_database_related.db_id          5AMT 
_pdbx_database_related.content_type   unspecified 
_pdbx_database_related.details        'INTRACELLULAR GROWTH LOCUS PROTEIN E' 
# 
loop_
_audit_author.name 
_audit_author.pdbx_ordinal 
'Robb, C.S.'     1 
'Nano, F.E.'     2 
'Boraston, A.B.' 3 
# 
_citation.id                        primary 
_citation.title                     
'The Structure, Dimerisation and Impact on Intramacrophage Replication of Igle in Francisella Novicida' 
_citation.journal_abbrev            'To be Published' 
_citation.journal_volume            ? 
_citation.page_first                ? 
_citation.page_last                 ? 
_citation.year                      ? 
_citation.journal_id_ASTM           ? 
_citation.country                   ? 
_citation.journal_id_ISSN           ? 
_citation.journal_id_CSD            0353 
_citation.book_publisher            ? 
_citation.pdbx_database_id_PubMed   ? 
_citation.pdbx_database_id_DOI      ? 
# 
loop_
_citation_author.citation_id 
_citation_author.name 
_citation_author.ordinal 
_citation_author.identifier_ORCID 
primary 'Robb, C.S.'     1 ? 
primary 'Nano, F.E.'     2 ? 
primary 'Boraston, A.B.' 3 ? 
# 
loop_
_entity.id 
_entity.type 
_entity.src_method 
_entity.pdbx_description 
_entity.formula_weight 
_entity.pdbx_number_of_molecules 
_entity.pdbx_ec 
_entity.pdbx_mutation 
_entity.pdbx_fragment 
_entity.details 
1 polymer man IGLE  14331.027 2  ? YES 'UNIPROT RESIDUES 25-125' ? 
2 water   nat water 18.015    92 ? ?   ?                         ? 
# 
_entity_poly.entity_id                      1 
_entity_poly.type                           'polypeptide(L)' 
_entity_poly.nstd_linkage                   no 
_entity_poly.nstd_monomer                   no 
_entity_poly.pdbx_seq_one_letter_code       
;MGSSHHHHHHSSGLVPRGSHMAIMDGLYINNNIPKTKIVLESKPDKNIFYSDNYQSISQRAADDNVKALNLKTGKNEFPL
DKDIKDYALYFILPENKKTENWKYLISSDSVNEFTIKNDSSIEKD
;
_entity_poly.pdbx_seq_one_letter_code_can   
;MGSSHHHHHHSSGLVPRGSHMAIMDGLYINNNIPKTKIVLESKPDKNIFYSDNYQSISQRAADDNVKALNLKTGKNEFPL
DKDIKDYALYFILPENKKTENWKYLISSDSVNEFTIKNDSSIEKD
;
_entity_poly.pdbx_strand_id                 A,B 
_entity_poly.pdbx_target_identifier         ? 
# 
_pdbx_entity_nonpoly.entity_id   2 
_pdbx_entity_nonpoly.name        water 
_pdbx_entity_nonpoly.comp_id     HOH 
# 
loop_
_entity_poly_seq.entity_id 
_entity_poly_seq.num 
_entity_poly_seq.mon_id 
_entity_poly_seq.hetero 
1 1   MET n 
1 2   GLY n 
1 3   SER n 
1 4   SER n 
1 5   HIS n 
1 6   HIS n 
1 7   HIS n 
1 8   HIS n 
1 9   HIS n 
1 10  HIS n 
1 11  SER n 
1 12  SER n 
1 13  GLY n 
1 14  LEU n 
1 15  VAL n 
1 16  PRO n 
1 17  ARG n 
1 18  GLY n 
1 19  SER n 
1 20  HIS n 
1 21  MET n 
1 22  ALA n 
1 23  ILE n 
1 24  MET n 
1 25  ASP n 
1 26  GLY n 
1 27  LEU n 
1 28  TYR n 
1 29  ILE n 
1 30  ASN n 
1 31  ASN n 
1 32  ASN n 
1 33  ILE n 
1 34  PRO n 
1 35  LYS n 
1 36  THR n 
1 37  LYS n 
1 38  ILE n 
1 39  VAL n 
1 40  LEU n 
1 41  GLU n 
1 42  SER n 
1 43  LYS n 
1 44  PRO n 
1 45  ASP n 
1 46  LYS n 
1 47  ASN n 
1 48  ILE n 
1 49  PHE n 
1 50  TYR n 
1 51  SER n 
1 52  ASP n 
1 53  ASN n 
1 54  TYR n 
1 55  GLN n 
1 56  SER n 
1 57  ILE n 
1 58  SER n 
1 59  GLN n 
1 60  ARG n 
1 61  ALA n 
1 62  ALA n 
1 63  ASP n 
1 64  ASP n 
1 65  ASN n 
1 66  VAL n 
1 67  LYS n 
1 68  ALA n 
1 69  LEU n 
1 70  ASN n 
1 71  LEU n 
1 72  LYS n 
1 73  THR n 
1 74  GLY n 
1 75  LYS n 
1 76  ASN n 
1 77  GLU n 
1 78  PHE n 
1 79  PRO n 
1 80  LEU n 
1 81  ASP n 
1 82  LYS n 
1 83  ASP n 
1 84  ILE n 
1 85  LYS n 
1 86  ASP n 
1 87  TYR n 
1 88  ALA n 
1 89  LEU n 
1 90  TYR n 
1 91  PHE n 
1 92  ILE n 
1 93  LEU n 
1 94  PRO n 
1 95  GLU n 
1 96  ASN n 
1 97  LYS n 
1 98  LYS n 
1 99  THR n 
1 100 GLU n 
1 101 ASN n 
1 102 TRP n 
1 103 LYS n 
1 104 TYR n 
1 105 LEU n 
1 106 ILE n 
1 107 SER n 
1 108 SER n 
1 109 ASP n 
1 110 SER n 
1 111 VAL n 
1 112 ASN n 
1 113 GLU n 
1 114 PHE n 
1 115 THR n 
1 116 ILE n 
1 117 LYS n 
1 118 ASN n 
1 119 ASP n 
1 120 SER n 
1 121 SER n 
1 122 ILE n 
1 123 GLU n 
1 124 LYS n 
1 125 ASP n 
# 
_entity_src_gen.entity_id                          1 
_entity_src_gen.pdbx_src_id                        1 
_entity_src_gen.pdbx_alt_source_flag               sample 
_entity_src_gen.pdbx_seq_type                      ? 
_entity_src_gen.pdbx_beg_seq_num                   ? 
_entity_src_gen.pdbx_end_seq_num                   ? 
_entity_src_gen.gene_src_common_name               ? 
_entity_src_gen.gene_src_genus                     ? 
_entity_src_gen.pdbx_gene_src_gene                 ? 
_entity_src_gen.gene_src_species                   ? 
_entity_src_gen.gene_src_strain                    ? 
_entity_src_gen.gene_src_tissue                    ? 
_entity_src_gen.gene_src_tissue_fraction           ? 
_entity_src_gen.gene_src_details                   ? 
_entity_src_gen.pdbx_gene_src_fragment             ? 
_entity_src_gen.pdbx_gene_src_scientific_name      'FRANCISELLA NOVICIDA' 
_entity_src_gen.pdbx_gene_src_ncbi_taxonomy_id     264 
_entity_src_gen.pdbx_gene_src_variant              ? 
_entity_src_gen.pdbx_gene_src_cell_line            ? 
_entity_src_gen.pdbx_gene_src_atcc                 ? 
_entity_src_gen.pdbx_gene_src_organ                ? 
_entity_src_gen.pdbx_gene_src_organelle            ? 
_entity_src_gen.pdbx_gene_src_cell                 ? 
_entity_src_gen.pdbx_gene_src_cellular_location    ? 
_entity_src_gen.host_org_common_name               ? 
_entity_src_gen.pdbx_host_org_scientific_name      'ESCHERICHIA COLI' 
_entity_src_gen.pdbx_host_org_ncbi_taxonomy_id     511693 
_entity_src_gen.host_org_genus                     ? 
_entity_src_gen.pdbx_host_org_gene                 ? 
_entity_src_gen.pdbx_host_org_organ                ? 
_entity_src_gen.host_org_species                   ? 
_entity_src_gen.pdbx_host_org_tissue               ? 
_entity_src_gen.pdbx_host_org_tissue_fraction      ? 
_entity_src_gen.pdbx_host_org_strain               BL21 
_entity_src_gen.pdbx_host_org_variant              ? 
_entity_src_gen.pdbx_host_org_cell_line            ? 
_entity_src_gen.pdbx_host_org_atcc                 ? 
_entity_src_gen.pdbx_host_org_culture_collection   ? 
_entity_src_gen.pdbx_host_org_cell                 ? 
_entity_src_gen.pdbx_host_org_organelle            ? 
_entity_src_gen.pdbx_host_org_cellular_location    ? 
_entity_src_gen.pdbx_host_org_vector_type          PLASMID 
_entity_src_gen.pdbx_host_org_vector               PET28A 
_entity_src_gen.host_org_details                   ? 
_entity_src_gen.expression_system_id               ? 
_entity_src_gen.plasmid_name                       ? 
_entity_src_gen.plasmid_details                    ? 
_entity_src_gen.pdbx_description                   ? 
# 
loop_
_chem_comp.id 
_chem_comp.type 
_chem_comp.mon_nstd_flag 
_chem_comp.name 
_chem_comp.pdbx_synonyms 
_chem_comp.formula 
_chem_comp.formula_weight 
ALA 'L-peptide linking' y ALANINE         ? 'C3 H7 N O2'     89.093  
ARG 'L-peptide linking' y ARGININE        ? 'C6 H15 N4 O2 1' 175.209 
ASN 'L-peptide linking' y ASPARAGINE      ? 'C4 H8 N2 O3'    132.118 
ASP 'L-peptide linking' y 'ASPARTIC ACID' ? 'C4 H7 N O4'     133.103 
GLN 'L-peptide linking' y GLUTAMINE       ? 'C5 H10 N2 O3'   146.144 
GLU 'L-peptide linking' y 'GLUTAMIC ACID' ? 'C5 H9 N O4'     147.129 
GLY 'peptide linking'   y GLYCINE         ? 'C2 H5 N O2'     75.067  
HIS 'L-peptide linking' y HISTIDINE       ? 'C6 H10 N3 O2 1' 156.162 
HOH non-polymer         . WATER           ? 'H2 O'           18.015  
ILE 'L-peptide linking' y ISOLEUCINE      ? 'C6 H13 N O2'    131.173 
LEU 'L-peptide linking' y LEUCINE         ? 'C6 H13 N O2'    131.173 
LYS 'L-peptide linking' y LYSINE          ? 'C6 H15 N2 O2 1' 147.195 
MET 'L-peptide linking' y METHIONINE      ? 'C5 H11 N O2 S'  149.211 
PHE 'L-peptide linking' y PHENYLALANINE   ? 'C9 H11 N O2'    165.189 
PRO 'L-peptide linking' y PROLINE         ? 'C5 H9 N O2'     115.130 
SER 'L-peptide linking' y SERINE          ? 'C3 H7 N O3'     105.093 
THR 'L-peptide linking' y THREONINE       ? 'C4 H9 N O3'     119.119 
TRP 'L-peptide linking' y TRYPTOPHAN      ? 'C11 H12 N2 O2'  204.225 
TYR 'L-peptide linking' y TYROSINE        ? 'C9 H11 N O3'    181.189 
VAL 'L-peptide linking' y VALINE          ? 'C5 H11 N O2'    117.146 
# 
loop_
_pdbx_poly_seq_scheme.asym_id 
_pdbx_poly_seq_scheme.entity_id 
_pdbx_poly_seq_scheme.seq_id 
_pdbx_poly_seq_scheme.mon_id 
_pdbx_poly_seq_scheme.ndb_seq_num 
_pdbx_poly_seq_scheme.pdb_seq_num 
_pdbx_poly_seq_scheme.auth_seq_num 
_pdbx_poly_seq_scheme.pdb_mon_id 
_pdbx_poly_seq_scheme.auth_mon_id 
_pdbx_poly_seq_scheme.pdb_strand_id 
_pdbx_poly_seq_scheme.pdb_ins_code 
_pdbx_poly_seq_scheme.hetero 
A 1 1   MET 1   1   ?   ?   ?   A . n 
A 1 2   GLY 2   2   ?   ?   ?   A . n 
A 1 3   SER 3   3   ?   ?   ?   A . n 
A 1 4   SER 4   4   ?   ?   ?   A . n 
A 1 5   HIS 5   5   ?   ?   ?   A . n 
A 1 6   HIS 6   6   ?   ?   ?   A . n 
A 1 7   HIS 7   7   ?   ?   ?   A . n 
A 1 8   HIS 8   8   ?   ?   ?   A . n 
A 1 9   HIS 9   9   ?   ?   ?   A . n 
A 1 10  HIS 10  10  ?   ?   ?   A . n 
A 1 11  SER 11  11  ?   ?   ?   A . n 
A 1 12  SER 12  12  ?   ?   ?   A . n 
A 1 13  GLY 13  13  ?   ?   ?   A . n 
A 1 14  LEU 14  14  ?   ?   ?   A . n 
A 1 15  VAL 15  15  ?   ?   ?   A . n 
A 1 16  PRO 16  16  ?   ?   ?   A . n 
A 1 17  ARG 17  17  ?   ?   ?   A . n 
A 1 18  GLY 18  18  ?   ?   ?   A . n 
A 1 19  SER 19  19  ?   ?   ?   A . n 
A 1 20  HIS 20  20  ?   ?   ?   A . n 
A 1 21  MET 21  21  ?   ?   ?   A . n 
A 1 22  ALA 22  22  ?   ?   ?   A . n 
A 1 23  ILE 23  23  23  ILE ILE A . n 
A 1 24  MET 24  24  24  MET MET A . n 
A 1 25  ASP 25  25  25  ASP ASP A . n 
A 1 26  GLY 26  26  26  GLY GLY A . n 
A 1 27  LEU 27  27  27  LEU LEU A . n 
A 1 28  TYR 28  28  28  TYR TYR A . n 
A 1 29  ILE 29  29  29  ILE ILE A . n 
A 1 30  ASN 30  30  30  ASN ASN A . n 
A 1 31  ASN 31  31  31  ASN ASN A . n 
A 1 32  ASN 32  32  32  ASN ASN A . n 
A 1 33  ILE 33  33  33  ILE ILE A . n 
A 1 34  PRO 34  34  34  PRO PRO A . n 
A 1 35  LYS 35  35  35  LYS LYS A . n 
A 1 36  THR 36  36  36  THR THR A . n 
A 1 37  LYS 37  37  37  LYS LYS A . n 
A 1 38  ILE 38  38  38  ILE ILE A . n 
A 1 39  VAL 39  39  39  VAL VAL A . n 
A 1 40  LEU 40  40  40  LEU LEU A . n 
A 1 41  GLU 41  41  41  GLU GLU A . n 
A 1 42  SER 42  42  42  SER SER A . n 
A 1 43  LYS 43  43  43  LYS LYS A . n 
A 1 44  PRO 44  44  44  PRO PRO A . n 
A 1 45  ASP 45  45  45  ASP ASP A . n 
A 1 46  LYS 46  46  46  LYS LYS A . n 
A 1 47  ASN 47  47  47  ASN ASN A . n 
A 1 48  ILE 48  48  48  ILE ILE A . n 
A 1 49  PHE 49  49  49  PHE PHE A . n 
A 1 50  TYR 50  50  50  TYR TYR A . n 
A 1 51  SER 51  51  51  SER SER A . n 
A 1 52  ASP 52  52  52  ASP ASP A . n 
A 1 53  ASN 53  53  53  ASN ASN A . n 
A 1 54  TYR 54  54  54  TYR TYR A . n 
A 1 55  GLN 55  55  55  GLN GLN A . n 
A 1 56  SER 56  56  56  SER SER A . n 
A 1 57  ILE 57  57  57  ILE ILE A . n 
A 1 58  SER 58  58  58  SER SER A . n 
A 1 59  GLN 59  59  59  GLN GLN A . n 
A 1 60  ARG 60  60  60  ARG ARG A . n 
A 1 61  ALA 61  61  61  ALA ALA A . n 
A 1 62  ALA 62  62  62  ALA ALA A . n 
A 1 63  ASP 63  63  63  ASP ASP A . n 
A 1 64  ASP 64  64  64  ASP ASP A . n 
A 1 65  ASN 65  65  65  ASN ASN A . n 
A 1 66  VAL 66  66  66  VAL VAL A . n 
A 1 67  LYS 67  67  67  LYS LYS A . n 
A 1 68  ALA 68  68  68  ALA ALA A . n 
A 1 69  LEU 69  69  69  LEU LEU A . n 
A 1 70  ASN 70  70  70  ASN ASN A . n 
A 1 71  LEU 71  71  71  LEU LEU A . n 
A 1 72  LYS 72  72  72  LYS LYS A . n 
A 1 73  THR 73  73  73  THR THR A . n 
A 1 74  GLY 74  74  74  GLY GLY A . n 
A 1 75  LYS 75  75  75  LYS LYS A . n 
A 1 76  ASN 76  76  76  ASN ASN A . n 
A 1 77  GLU 77  77  77  GLU GLU A . n 
A 1 78  PHE 78  78  78  PHE PHE A . n 
A 1 79  PRO 79  79  79  PRO PRO A . n 
A 1 80  LEU 80  80  80  LEU LEU A . n 
A 1 81  ASP 81  81  81  ASP ASP A . n 
A 1 82  LYS 82  82  82  LYS LYS A . n 
A 1 83  ASP 83  83  83  ASP ASP A . n 
A 1 84  ILE 84  84  84  ILE ILE A . n 
A 1 85  LYS 85  85  85  LYS LYS A . n 
A 1 86  ASP 86  86  86  ASP ASP A . n 
A 1 87  TYR 87  87  87  TYR TYR A . n 
A 1 88  ALA 88  88  88  ALA ALA A . n 
A 1 89  LEU 89  89  89  LEU LEU A . n 
A 1 90  TYR 90  90  90  TYR TYR A . n 
A 1 91  PHE 91  91  91  PHE PHE A . n 
A 1 92  ILE 92  92  92  ILE ILE A . n 
A 1 93  LEU 93  93  93  LEU LEU A . n 
A 1 94  PRO 94  94  94  PRO PRO A . n 
A 1 95  GLU 95  95  ?   ?   ?   A . n 
A 1 96  ASN 96  96  ?   ?   ?   A . n 
A 1 97  LYS 97  97  97  LYS LYS A . n 
A 1 98  LYS 98  98  98  LYS LYS A . n 
A 1 99  THR 99  99  99  THR THR A . n 
A 1 100 GLU 100 100 100 GLU GLU A . n 
A 1 101 ASN 101 101 101 ASN ASN A . n 
A 1 102 TRP 102 102 102 TRP TRP A . n 
A 1 103 LYS 103 103 103 LYS LYS A . n 
A 1 104 TYR 104 104 104 TYR TYR A . n 
A 1 105 LEU 105 105 105 LEU LEU A . n 
A 1 106 ILE 106 106 106 ILE ILE A . n 
A 1 107 SER 107 107 107 SER SER A . n 
A 1 108 SER 108 108 108 SER SER A . n 
A 1 109 ASP 109 109 109 ASP ASP A . n 
A 1 110 SER 110 110 110 SER SER A . n 
A 1 111 VAL 111 111 111 VAL VAL A . n 
A 1 112 ASN 112 112 112 ASN ASN A . n 
A 1 113 GLU 113 113 113 GLU GLU A . n 
A 1 114 PHE 114 114 114 PHE PHE A . n 
A 1 115 THR 115 115 115 THR THR A . n 
A 1 116 ILE 116 116 116 ILE ILE A . n 
A 1 117 LYS 117 117 117 LYS LYS A . n 
A 1 118 ASN 118 118 118 ASN ASN A . n 
A 1 119 ASP 119 119 119 ASP ASP A . n 
A 1 120 SER 120 120 120 SER SER A . n 
A 1 121 SER 121 121 121 SER SER A . n 
A 1 122 ILE 122 122 122 ILE ILE A . n 
A 1 123 GLU 123 123 123 GLU GLU A . n 
A 1 124 LYS 124 124 124 LYS LYS A . n 
A 1 125 ASP 125 125 125 ASP ASP A . n 
B 1 1   MET 1   1   ?   ?   ?   B . n 
B 1 2   GLY 2   2   ?   ?   ?   B . n 
B 1 3   SER 3   3   ?   ?   ?   B . n 
B 1 4   SER 4   4   ?   ?   ?   B . n 
B 1 5   HIS 5   5   ?   ?   ?   B . n 
B 1 6   HIS 6   6   ?   ?   ?   B . n 
B 1 7   HIS 7   7   ?   ?   ?   B . n 
B 1 8   HIS 8   8   ?   ?   ?   B . n 
B 1 9   HIS 9   9   ?   ?   ?   B . n 
B 1 10  HIS 10  10  ?   ?   ?   B . n 
B 1 11  SER 11  11  ?   ?   ?   B . n 
B 1 12  SER 12  12  ?   ?   ?   B . n 
B 1 13  GLY 13  13  ?   ?   ?   B . n 
B 1 14  LEU 14  14  ?   ?   ?   B . n 
B 1 15  VAL 15  15  ?   ?   ?   B . n 
B 1 16  PRO 16  16  ?   ?   ?   B . n 
B 1 17  ARG 17  17  ?   ?   ?   B . n 
B 1 18  GLY 18  18  ?   ?   ?   B . n 
B 1 19  SER 19  19  ?   ?   ?   B . n 
B 1 20  HIS 20  20  ?   ?   ?   B . n 
B 1 21  MET 21  21  ?   ?   ?   B . n 
B 1 22  ALA 22  22  ?   ?   ?   B . n 
B 1 23  ILE 23  23  ?   ?   ?   B . n 
B 1 24  MET 24  24  24  MET MET B . n 
B 1 25  ASP 25  25  25  ASP ASP B . n 
B 1 26  GLY 26  26  26  GLY GLY B . n 
B 1 27  LEU 27  27  27  LEU LEU B . n 
B 1 28  TYR 28  28  28  TYR TYR B . n 
B 1 29  ILE 29  29  29  ILE ILE B . n 
B 1 30  ASN 30  30  30  ASN ASN B . n 
B 1 31  ASN 31  31  31  ASN ASN B . n 
B 1 32  ASN 32  32  32  ASN ASN B . n 
B 1 33  ILE 33  33  33  ILE ILE B . n 
B 1 34  PRO 34  34  34  PRO PRO B . n 
B 1 35  LYS 35  35  35  LYS LYS B . n 
B 1 36  THR 36  36  36  THR THR B . n 
B 1 37  LYS 37  37  37  LYS LYS B . n 
B 1 38  ILE 38  38  38  ILE ILE B . n 
B 1 39  VAL 39  39  39  VAL VAL B . n 
B 1 40  LEU 40  40  40  LEU LEU B . n 
B 1 41  GLU 41  41  41  GLU GLU B . n 
B 1 42  SER 42  42  42  SER SER B . n 
B 1 43  LYS 43  43  43  LYS LYS B . n 
B 1 44  PRO 44  44  44  PRO PRO B . n 
B 1 45  ASP 45  45  45  ASP ASP B . n 
B 1 46  LYS 46  46  46  LYS LYS B . n 
B 1 47  ASN 47  47  47  ASN ASN B . n 
B 1 48  ILE 48  48  48  ILE ILE B . n 
B 1 49  PHE 49  49  49  PHE PHE B . n 
B 1 50  TYR 50  50  50  TYR TYR B . n 
B 1 51  SER 51  51  51  SER SER B . n 
B 1 52  ASP 52  52  52  ASP ASP B . n 
B 1 53  ASN 53  53  53  ASN ASN B . n 
B 1 54  TYR 54  54  54  TYR TYR B . n 
B 1 55  GLN 55  55  55  GLN GLN B . n 
B 1 56  SER 56  56  56  SER SER B . n 
B 1 57  ILE 57  57  57  ILE ILE B . n 
B 1 58  SER 58  58  58  SER SER B . n 
B 1 59  GLN 59  59  59  GLN GLN B . n 
B 1 60  ARG 60  60  60  ARG ARG B . n 
B 1 61  ALA 61  61  61  ALA ALA B . n 
B 1 62  ALA 62  62  62  ALA ALA B . n 
B 1 63  ASP 63  63  63  ASP ASP B . n 
B 1 64  ASP 64  64  64  ASP ASP B . n 
B 1 65  ASN 65  65  65  ASN ASN B . n 
B 1 66  VAL 66  66  66  VAL VAL B . n 
B 1 67  LYS 67  67  67  LYS LYS B . n 
B 1 68  ALA 68  68  68  ALA ALA B . n 
B 1 69  LEU 69  69  69  LEU LEU B . n 
B 1 70  ASN 70  70  70  ASN ASN B . n 
B 1 71  LEU 71  71  71  LEU LEU B . n 
B 1 72  LYS 72  72  72  LYS LYS B . n 
B 1 73  THR 73  73  73  THR THR B . n 
B 1 74  GLY 74  74  74  GLY GLY B . n 
B 1 75  LYS 75  75  75  LYS LYS B . n 
B 1 76  ASN 76  76  76  ASN ASN B . n 
B 1 77  GLU 77  77  77  GLU GLU B . n 
B 1 78  PHE 78  78  78  PHE PHE B . n 
B 1 79  PRO 79  79  79  PRO PRO B . n 
B 1 80  LEU 80  80  80  LEU LEU B . n 
B 1 81  ASP 81  81  81  ASP ASP B . n 
B 1 82  LYS 82  82  82  LYS LYS B . n 
B 1 83  ASP 83  83  83  ASP ASP B . n 
B 1 84  ILE 84  84  84  ILE ILE B . n 
B 1 85  LYS 85  85  85  LYS LYS B . n 
B 1 86  ASP 86  86  86  ASP ASP B . n 
B 1 87  TYR 87  87  87  TYR TYR B . n 
B 1 88  ALA 88  88  88  ALA ALA B . n 
B 1 89  LEU 89  89  89  LEU LEU B . n 
B 1 90  TYR 90  90  90  TYR TYR B . n 
B 1 91  PHE 91  91  91  PHE PHE B . n 
B 1 92  ILE 92  92  92  ILE ILE B . n 
B 1 93  LEU 93  93  93  LEU LEU B . n 
B 1 94  PRO 94  94  94  PRO PRO B . n 
B 1 95  GLU 95  95  ?   ?   ?   B . n 
B 1 96  ASN 96  96  ?   ?   ?   B . n 
B 1 97  LYS 97  97  ?   ?   ?   B . n 
B 1 98  LYS 98  98  ?   ?   ?   B . n 
B 1 99  THR 99  99  99  THR THR B . n 
B 1 100 GLU 100 100 100 GLU GLU B . n 
B 1 101 ASN 101 101 101 ASN ASN B . n 
B 1 102 TRP 102 102 102 TRP TRP B . n 
B 1 103 LYS 103 103 103 LYS LYS B . n 
B 1 104 TYR 104 104 104 TYR TYR B . n 
B 1 105 LEU 105 105 105 LEU LEU B . n 
B 1 106 ILE 106 106 106 ILE ILE B . n 
B 1 107 SER 107 107 107 SER SER B . n 
B 1 108 SER 108 108 108 SER SER B . n 
B 1 109 ASP 109 109 109 ASP ASP B . n 
B 1 110 SER 110 110 110 SER SER B . n 
B 1 111 VAL 111 111 111 VAL VAL B . n 
B 1 112 ASN 112 112 112 ASN ASN B . n 
B 1 113 GLU 113 113 113 GLU GLU B . n 
B 1 114 PHE 114 114 114 PHE PHE B . n 
B 1 115 THR 115 115 115 THR THR B . n 
B 1 116 ILE 116 116 116 ILE ILE B . n 
B 1 117 LYS 117 117 117 LYS LYS B . n 
B 1 118 ASN 118 118 118 ASN ASN B . n 
B 1 119 ASP 119 119 119 ASP ASP B . n 
B 1 120 SER 120 120 120 SER SER B . n 
B 1 121 SER 121 121 121 SER SER B . n 
B 1 122 ILE 122 122 122 ILE ILE B . n 
B 1 123 GLU 123 123 123 GLU GLU B . n 
B 1 124 LYS 124 124 124 LYS LYS B . n 
B 1 125 ASP 125 125 125 ASP ASP B . n 
# 
loop_
_pdbx_nonpoly_scheme.asym_id 
_pdbx_nonpoly_scheme.entity_id 
_pdbx_nonpoly_scheme.mon_id 
_pdbx_nonpoly_scheme.ndb_seq_num 
_pdbx_nonpoly_scheme.pdb_seq_num 
_pdbx_nonpoly_scheme.auth_seq_num 
_pdbx_nonpoly_scheme.pdb_mon_id 
_pdbx_nonpoly_scheme.auth_mon_id 
_pdbx_nonpoly_scheme.pdb_strand_id 
_pdbx_nonpoly_scheme.pdb_ins_code 
C 2 HOH 1  2001 2001 HOH HOH A . 
C 2 HOH 2  2002 2002 HOH HOH A . 
C 2 HOH 3  2003 2003 HOH HOH A . 
C 2 HOH 4  2004 2004 HOH HOH A . 
C 2 HOH 5  2005 2005 HOH HOH A . 
C 2 HOH 6  2006 2006 HOH HOH A . 
C 2 HOH 7  2007 2007 HOH HOH A . 
C 2 HOH 8  2008 2008 HOH HOH A . 
C 2 HOH 9  2009 2009 HOH HOH A . 
C 2 HOH 10 2010 2010 HOH HOH A . 
C 2 HOH 11 2011 2011 HOH HOH A . 
C 2 HOH 12 2012 2012 HOH HOH A . 
C 2 HOH 13 2013 2013 HOH HOH A . 
C 2 HOH 14 2014 2014 HOH HOH A . 
C 2 HOH 15 2015 2015 HOH HOH A . 
C 2 HOH 16 2016 2016 HOH HOH A . 
C 2 HOH 17 2017 2017 HOH HOH A . 
C 2 HOH 18 2018 2018 HOH HOH A . 
C 2 HOH 19 2019 2019 HOH HOH A . 
C 2 HOH 20 2020 2020 HOH HOH A . 
C 2 HOH 21 2021 2021 HOH HOH A . 
C 2 HOH 22 2022 2022 HOH HOH A . 
C 2 HOH 23 2023 2023 HOH HOH A . 
C 2 HOH 24 2024 2024 HOH HOH A . 
C 2 HOH 25 2025 2025 HOH HOH A . 
C 2 HOH 26 2026 2026 HOH HOH A . 
C 2 HOH 27 2027 2027 HOH HOH A . 
C 2 HOH 28 2028 2028 HOH HOH A . 
C 2 HOH 29 2029 2029 HOH HOH A . 
C 2 HOH 30 2030 2030 HOH HOH A . 
C 2 HOH 31 2031 2031 HOH HOH A . 
C 2 HOH 32 2032 2032 HOH HOH A . 
C 2 HOH 33 2033 2033 HOH HOH A . 
C 2 HOH 34 2034 2034 HOH HOH A . 
C 2 HOH 35 2035 2035 HOH HOH A . 
C 2 HOH 36 2036 2036 HOH HOH A . 
C 2 HOH 37 2037 2037 HOH HOH A . 
C 2 HOH 38 2038 2038 HOH HOH A . 
C 2 HOH 39 2039 2039 HOH HOH A . 
C 2 HOH 40 2040 2040 HOH HOH A . 
C 2 HOH 41 2041 2041 HOH HOH A . 
C 2 HOH 42 2042 2042 HOH HOH A . 
C 2 HOH 43 2043 2043 HOH HOH A . 
C 2 HOH 44 2044 2044 HOH HOH A . 
C 2 HOH 45 2045 2045 HOH HOH A . 
C 2 HOH 46 2046 2046 HOH HOH A . 
C 2 HOH 47 2047 2047 HOH HOH A . 
C 2 HOH 48 2048 2048 HOH HOH A . 
C 2 HOH 49 2049 2049 HOH HOH A . 
C 2 HOH 50 2050 2050 HOH HOH A . 
C 2 HOH 51 2051 2051 HOH HOH A . 
D 2 HOH 1  2001 2001 HOH HOH B . 
D 2 HOH 2  2002 2002 HOH HOH B . 
D 2 HOH 3  2003 2003 HOH HOH B . 
D 2 HOH 4  2004 2004 HOH HOH B . 
D 2 HOH 5  2005 2005 HOH HOH B . 
D 2 HOH 6  2006 2006 HOH HOH B . 
D 2 HOH 7  2007 2007 HOH HOH B . 
D 2 HOH 8  2008 2008 HOH HOH B . 
D 2 HOH 9  2009 2009 HOH HOH B . 
D 2 HOH 10 2010 2010 HOH HOH B . 
D 2 HOH 11 2011 2011 HOH HOH B . 
D 2 HOH 12 2012 2012 HOH HOH B . 
D 2 HOH 13 2013 2013 HOH HOH B . 
D 2 HOH 14 2014 2014 HOH HOH B . 
D 2 HOH 15 2015 2015 HOH HOH B . 
D 2 HOH 16 2016 2016 HOH HOH B . 
D 2 HOH 17 2017 2017 HOH HOH B . 
D 2 HOH 18 2018 2018 HOH HOH B . 
D 2 HOH 19 2019 2019 HOH HOH B . 
D 2 HOH 20 2020 2020 HOH HOH B . 
D 2 HOH 21 2021 2021 HOH HOH B . 
D 2 HOH 22 2022 2022 HOH HOH B . 
D 2 HOH 23 2023 2023 HOH HOH B . 
D 2 HOH 24 2024 2024 HOH HOH B . 
D 2 HOH 25 2025 2025 HOH HOH B . 
D 2 HOH 26 2026 2026 HOH HOH B . 
D 2 HOH 27 2027 2027 HOH HOH B . 
D 2 HOH 28 2028 2028 HOH HOH B . 
D 2 HOH 29 2029 2029 HOH HOH B . 
D 2 HOH 30 2030 2030 HOH HOH B . 
D 2 HOH 31 2031 2031 HOH HOH B . 
D 2 HOH 32 2032 2032 HOH HOH B . 
D 2 HOH 33 2033 2033 HOH HOH B . 
D 2 HOH 34 2034 2034 HOH HOH B . 
D 2 HOH 35 2035 2035 HOH HOH B . 
D 2 HOH 36 2036 2036 HOH HOH B . 
D 2 HOH 37 2037 2037 HOH HOH B . 
D 2 HOH 38 2038 2038 HOH HOH B . 
D 2 HOH 39 2039 2039 HOH HOH B . 
D 2 HOH 40 2040 2040 HOH HOH B . 
D 2 HOH 41 2041 2041 HOH HOH B . 
# 
loop_
_pdbx_unobs_or_zero_occ_atoms.id 
_pdbx_unobs_or_zero_occ_atoms.PDB_model_num 
_pdbx_unobs_or_zero_occ_atoms.polymer_flag 
_pdbx_unobs_or_zero_occ_atoms.occupancy_flag 
_pdbx_unobs_or_zero_occ_atoms.auth_asym_id 
_pdbx_unobs_or_zero_occ_atoms.auth_comp_id 
_pdbx_unobs_or_zero_occ_atoms.auth_seq_id 
_pdbx_unobs_or_zero_occ_atoms.PDB_ins_code 
_pdbx_unobs_or_zero_occ_atoms.auth_atom_id 
_pdbx_unobs_or_zero_occ_atoms.label_alt_id 
_pdbx_unobs_or_zero_occ_atoms.label_asym_id 
_pdbx_unobs_or_zero_occ_atoms.label_comp_id 
_pdbx_unobs_or_zero_occ_atoms.label_seq_id 
_pdbx_unobs_or_zero_occ_atoms.label_atom_id 
1  1 Y 1 A ILE 23  ? CG1 ? A ILE 23  CG1 
2  1 Y 1 A ILE 23  ? CG2 ? A ILE 23  CG2 
3  1 Y 1 A ILE 23  ? CD1 ? A ILE 23  CD1 
4  1 Y 1 A LYS 35  ? CD  ? A LYS 35  CD  
5  1 Y 1 A LYS 35  ? CE  ? A LYS 35  CE  
6  1 Y 1 A LYS 35  ? NZ  ? A LYS 35  NZ  
7  1 Y 1 A LYS 37  ? CG  ? A LYS 37  CG  
8  1 Y 1 A LYS 37  ? CD  ? A LYS 37  CD  
9  1 Y 1 A LYS 37  ? CE  ? A LYS 37  CE  
10 1 Y 1 A LYS 37  ? NZ  ? A LYS 37  NZ  
11 1 Y 1 A LYS 43  ? CG  ? A LYS 43  CG  
12 1 Y 1 A LYS 43  ? CD  ? A LYS 43  CD  
13 1 Y 1 A LYS 43  ? CE  ? A LYS 43  CE  
14 1 Y 1 A LYS 43  ? NZ  ? A LYS 43  NZ  
15 1 Y 1 A GLN 55  ? CG  ? A GLN 55  CG  
16 1 Y 1 A GLN 55  ? CD  ? A GLN 55  CD  
17 1 Y 1 A GLN 55  ? OE1 ? A GLN 55  OE1 
18 1 Y 1 A GLN 55  ? NE2 ? A GLN 55  NE2 
19 1 Y 1 A GLN 59  ? CG  ? A GLN 59  CG  
20 1 Y 1 A GLN 59  ? CD  ? A GLN 59  CD  
21 1 Y 1 A GLN 59  ? OE1 ? A GLN 59  OE1 
22 1 Y 1 A GLN 59  ? NE2 ? A GLN 59  NE2 
23 1 Y 1 A LYS 67  ? CD  ? A LYS 67  CD  
24 1 Y 1 A LYS 67  ? CE  ? A LYS 67  CE  
25 1 Y 1 A LYS 67  ? NZ  ? A LYS 67  NZ  
26 1 Y 1 A LYS 75  ? CG  ? A LYS 75  CG  
27 1 Y 1 A LYS 75  ? CD  ? A LYS 75  CD  
28 1 Y 1 A LYS 75  ? CE  ? A LYS 75  CE  
29 1 Y 1 A LYS 75  ? NZ  ? A LYS 75  NZ  
30 1 Y 1 A ASP 83  ? CG  ? A ASP 83  CG  
31 1 Y 1 A ASP 83  ? OD1 ? A ASP 83  OD1 
32 1 Y 1 A ASP 83  ? OD2 ? A ASP 83  OD2 
33 1 Y 1 A LYS 85  ? CG  ? A LYS 85  CG  
34 1 Y 1 A LYS 85  ? CD  ? A LYS 85  CD  
35 1 Y 1 A LYS 85  ? CE  ? A LYS 85  CE  
36 1 Y 1 A LYS 85  ? NZ  ? A LYS 85  NZ  
37 1 Y 1 A LYS 97  ? CG  ? A LYS 97  CG  
38 1 Y 1 A LYS 97  ? CD  ? A LYS 97  CD  
39 1 Y 1 A LYS 97  ? CE  ? A LYS 97  CE  
40 1 Y 1 A LYS 97  ? NZ  ? A LYS 97  NZ  
41 1 Y 1 A LYS 98  ? CG  ? A LYS 98  CG  
42 1 Y 1 A LYS 98  ? CD  ? A LYS 98  CD  
43 1 Y 1 A LYS 98  ? CE  ? A LYS 98  CE  
44 1 Y 1 A LYS 98  ? NZ  ? A LYS 98  NZ  
45 1 Y 1 A GLU 100 ? CG  ? A GLU 100 CG  
46 1 Y 1 A GLU 100 ? CD  ? A GLU 100 CD  
47 1 Y 1 A GLU 100 ? OE1 ? A GLU 100 OE1 
48 1 Y 1 A GLU 100 ? OE2 ? A GLU 100 OE2 
49 1 Y 1 B LYS 35  ? CD  ? B LYS 35  CD  
50 1 Y 1 B LYS 35  ? CE  ? B LYS 35  CE  
51 1 Y 1 B LYS 35  ? NZ  ? B LYS 35  NZ  
52 1 Y 1 B LYS 37  ? CG  ? B LYS 37  CG  
53 1 Y 1 B LYS 37  ? CD  ? B LYS 37  CD  
54 1 Y 1 B LYS 37  ? CE  ? B LYS 37  CE  
55 1 Y 1 B LYS 37  ? NZ  ? B LYS 37  NZ  
56 1 Y 1 B GLN 55  ? CG  ? B GLN 55  CG  
57 1 Y 1 B GLN 55  ? CD  ? B GLN 55  CD  
58 1 Y 1 B GLN 55  ? OE1 ? B GLN 55  OE1 
59 1 Y 1 B GLN 55  ? NE2 ? B GLN 55  NE2 
60 1 Y 1 B GLN 59  ? CG  ? B GLN 59  CG  
61 1 Y 1 B GLN 59  ? CD  ? B GLN 59  CD  
62 1 Y 1 B GLN 59  ? OE1 ? B GLN 59  OE1 
63 1 Y 1 B GLN 59  ? NE2 ? B GLN 59  NE2 
64 1 Y 1 B ASP 64  ? CG  ? B ASP 64  CG  
65 1 Y 1 B ASP 64  ? OD1 ? B ASP 64  OD1 
66 1 Y 1 B ASP 64  ? OD2 ? B ASP 64  OD2 
67 1 Y 1 B LYS 67  ? CD  ? B LYS 67  CD  
68 1 Y 1 B LYS 67  ? CE  ? B LYS 67  CE  
69 1 Y 1 B LYS 67  ? NZ  ? B LYS 67  NZ  
70 1 Y 1 B LYS 75  ? CG  ? B LYS 75  CG  
71 1 Y 1 B LYS 75  ? CD  ? B LYS 75  CD  
72 1 Y 1 B LYS 75  ? CE  ? B LYS 75  CE  
73 1 Y 1 B LYS 75  ? NZ  ? B LYS 75  NZ  
74 1 Y 1 B LYS 85  ? CG  ? B LYS 85  CG  
75 1 Y 1 B LYS 85  ? CD  ? B LYS 85  CD  
76 1 Y 1 B LYS 85  ? CE  ? B LYS 85  CE  
77 1 Y 1 B LYS 85  ? NZ  ? B LYS 85  NZ  
78 1 Y 1 B THR 99  ? OG1 ? B THR 99  OG1 
79 1 Y 1 B THR 99  ? CG2 ? B THR 99  CG2 
80 1 Y 1 B GLU 100 ? CG  ? B GLU 100 CG  
81 1 Y 1 B GLU 100 ? CD  ? B GLU 100 CD  
82 1 Y 1 B GLU 100 ? OE1 ? B GLU 100 OE1 
83 1 Y 1 B GLU 100 ? OE2 ? B GLU 100 OE2 
84 1 Y 1 B GLU 123 ? CG  ? B GLU 123 CG  
85 1 Y 1 B GLU 123 ? CD  ? B GLU 123 CD  
86 1 Y 1 B GLU 123 ? OE1 ? B GLU 123 OE1 
87 1 Y 1 B GLU 123 ? OE2 ? B GLU 123 OE2 
# 
loop_
_software.name 
_software.classification 
_software.version 
_software.citation_id 
_software.pdbx_ordinal 
REFMAC    refinement       5.7.0029 ? 1 
iMOSFLM   'data reduction' .        ? 2 
SCALEPACK 'data scaling'   .        ? 3 
PHASER    phasing          .        ? 4 
# 
_cell.entry_id           5AMU 
_cell.length_a           74.560 
_cell.length_b           53.780 
_cell.length_c           51.160 
_cell.angle_alpha        90.00 
_cell.angle_beta         90.00 
_cell.angle_gamma        90.00 
_cell.Z_PDB              8 
_cell.pdbx_unique_axis   ? 
# 
_symmetry.entry_id                         5AMU 
_symmetry.space_group_name_H-M             'P 21 21 2' 
_symmetry.pdbx_full_space_group_name_H-M   ? 
_symmetry.cell_setting                     ? 
_symmetry.Int_Tables_number                18 
# 
_exptl.entry_id          5AMU 
_exptl.method            'X-RAY DIFFRACTION' 
_exptl.crystals_number   1 
# 
_exptl_crystal.id                    1 
_exptl_crystal.density_meas          ? 
_exptl_crystal.density_Matthews      1.79 
_exptl_crystal.density_percent_sol   ? 
_exptl_crystal.description           NONE 
# 
_diffrn.id                     1 
_diffrn.ambient_temp           113 
_diffrn.ambient_temp_details   ? 
_diffrn.crystal_id             1 
# 
_diffrn_radiation.diffrn_id                        1 
_diffrn_radiation.wavelength_id                    1 
_diffrn_radiation.pdbx_monochromatic_or_laue_m_l   M 
_diffrn_radiation.monochromator                    ? 
_diffrn_radiation.pdbx_diffrn_protocol             'SINGLE WAVELENGTH' 
_diffrn_radiation.pdbx_scattering_type             x-ray 
# 
_diffrn_radiation_wavelength.id           1 
_diffrn_radiation_wavelength.wavelength   1.5418 
_diffrn_radiation_wavelength.wt           1.0 
# 
_diffrn_source.diffrn_id                   1 
_diffrn_source.source                      'ROTATING ANODE' 
_diffrn_source.type                        ? 
_diffrn_source.pdbx_synchrotron_site       ? 
_diffrn_source.pdbx_synchrotron_beamline   ? 
_diffrn_source.pdbx_wavelength             1.5418 
_diffrn_source.pdbx_wavelength_list        ? 
# 
_reflns.pdbx_diffrn_id               1 
_reflns.pdbx_ordinal                 1 
_reflns.entry_id                     5AMU 
_reflns.observed_criterion_sigma_I   3.0 
_reflns.observed_criterion_sigma_F   ? 
_reflns.d_resolution_low             22.07 
_reflns.d_resolution_high            2.20 
_reflns.number_obs                   10932 
_reflns.number_all                   ? 
_reflns.percent_possible_obs         99.8 
_reflns.pdbx_Rmerge_I_obs            0.08 
_reflns.pdbx_Rsym_value              ? 
_reflns.pdbx_netI_over_sigmaI        11.40 
_reflns.B_iso_Wilson_estimate        ? 
_reflns.pdbx_redundancy              4.6 
# 
_reflns_shell.pdbx_diffrn_id         1 
_reflns_shell.pdbx_ordinal           1 
_reflns_shell.d_res_high             2.20 
_reflns_shell.d_res_low              2.32 
_reflns_shell.percent_possible_all   100.0 
_reflns_shell.Rmerge_I_obs           0.38 
_reflns_shell.pdbx_Rsym_value        ? 
_reflns_shell.meanI_over_sigI_obs    3.60 
_reflns_shell.pdbx_redundancy        4.7 
# 
_refine.pdbx_refine_id                           'X-RAY DIFFRACTION' 
_refine.entry_id                                 5AMU 
_refine.pdbx_diffrn_id                           1 
_refine.pdbx_TLS_residual_ADP_flag               ? 
_refine.ls_number_reflns_obs                     10372 
_refine.ls_number_reflns_all                     ? 
_refine.pdbx_ls_sigma_I                          ? 
_refine.pdbx_ls_sigma_F                          . 
_refine.pdbx_data_cutoff_high_absF               ? 
_refine.pdbx_data_cutoff_low_absF                ? 
_refine.pdbx_data_cutoff_high_rms_absF           ? 
_refine.ls_d_res_low                             21.82 
_refine.ls_d_res_high                            2.20 
_refine.ls_percent_reflns_obs                    99.61 
_refine.ls_R_factor_obs                          0.20170 
_refine.ls_R_factor_all                          ? 
_refine.ls_R_factor_R_work                       0.19831 
_refine.ls_R_factor_R_free                       0.26499 
_refine.ls_R_factor_R_free_error                 ? 
_refine.ls_R_factor_R_free_error_details         ? 
_refine.ls_percent_reflns_R_free                 4.8 
_refine.ls_number_reflns_R_free                  524 
_refine.ls_number_parameters                     ? 
_refine.ls_number_restraints                     ? 
_refine.occupancy_min                            ? 
_refine.occupancy_max                            ? 
_refine.correlation_coeff_Fo_to_Fc               0.962 
_refine.correlation_coeff_Fo_to_Fc_free          0.923 
_refine.B_iso_mean                               29.210 
_refine.aniso_B[1][1]                            2.14 
_refine.aniso_B[2][2]                            -0.17 
_refine.aniso_B[3][3]                            -1.97 
_refine.aniso_B[1][2]                            0.00 
_refine.aniso_B[1][3]                            0.00 
_refine.aniso_B[2][3]                            0.00 
_refine.solvent_model_details                    MASK 
_refine.solvent_model_param_ksol                 ? 
_refine.solvent_model_param_bsol                 ? 
_refine.pdbx_solvent_vdw_probe_radii             1.20 
_refine.pdbx_solvent_ion_probe_radii             0.80 
_refine.pdbx_solvent_shrinkage_radii             0.80 
_refine.pdbx_ls_cross_valid_method               THROUGHOUT 
_refine.details                                  'HYDROGENS HAVE BEEN ADDED IN THE RIDING POSITIONS.' 
_refine.pdbx_starting_model                      'PDB ENTRY 5AMT' 
_refine.pdbx_method_to_determine_struct          'MOLECULAR REPLACEMENT' 
_refine.pdbx_isotropic_thermal_model             ? 
_refine.pdbx_stereochemistry_target_values       'MAXIMUM LIKELIHOOD' 
_refine.pdbx_stereochem_target_val_spec_case     ? 
_refine.pdbx_R_Free_selection_details            RANDOM 
_refine.pdbx_overall_ESU_R                       0.289 
_refine.pdbx_overall_ESU_R_Free                  0.235 
_refine.overall_SU_ML                            0.169 
_refine.pdbx_overall_phase_error                 ? 
_refine.overall_SU_B                             6.659 
_refine.overall_SU_R_Cruickshank_DPI             ? 
_refine.pdbx_overall_SU_R_free_Cruickshank_DPI   ? 
_refine.pdbx_overall_SU_R_Blow_DPI               ? 
_refine.pdbx_overall_SU_R_free_Blow_DPI          ? 
# 
_refine_hist.pdbx_refine_id                   'X-RAY DIFFRACTION' 
_refine_hist.cycle_id                         LAST 
_refine_hist.pdbx_number_atoms_protein        1537 
_refine_hist.pdbx_number_atoms_nucleic_acid   0 
_refine_hist.pdbx_number_atoms_ligand         0 
_refine_hist.number_atoms_solvent             92 
_refine_hist.number_atoms_total               1629 
_refine_hist.d_res_high                       2.20 
_refine_hist.d_res_low                        21.82 
# 
loop_
_refine_ls_restr.type 
_refine_ls_restr.dev_ideal 
_refine_ls_restr.dev_ideal_target 
_refine_ls_restr.weight 
_refine_ls_restr.number 
_refine_ls_restr.pdbx_refine_id 
_refine_ls_restr.pdbx_restraint_function 
r_bond_refined_d             0.015  0.020  ? 1565 'X-RAY DIFFRACTION' ? 
r_bond_other_d               0.001  0.020  ? 1412 'X-RAY DIFFRACTION' ? 
r_angle_refined_deg          1.718  1.961  ? 2129 'X-RAY DIFFRACTION' ? 
r_angle_other_deg            0.836  3.000  ? 3244 'X-RAY DIFFRACTION' ? 
r_dihedral_angle_1_deg       7.063  5.000  ? 195  'X-RAY DIFFRACTION' ? 
r_dihedral_angle_2_deg       37.660 26.438 ? 73   'X-RAY DIFFRACTION' ? 
r_dihedral_angle_3_deg       13.666 15.000 ? 249  'X-RAY DIFFRACTION' ? 
r_dihedral_angle_4_deg       12.204 15.000 ? 2    'X-RAY DIFFRACTION' ? 
r_chiral_restr               0.092  0.200  ? 244  'X-RAY DIFFRACTION' ? 
r_gen_planes_refined         0.008  0.021  ? 1795 'X-RAY DIFFRACTION' ? 
r_gen_planes_other           0.001  0.020  ? 339  'X-RAY DIFFRACTION' ? 
r_nbd_refined                ?      ?      ? ?    'X-RAY DIFFRACTION' ? 
r_nbd_other                  ?      ?      ? ?    'X-RAY DIFFRACTION' ? 
r_nbtor_refined              ?      ?      ? ?    'X-RAY DIFFRACTION' ? 
r_nbtor_other                ?      ?      ? ?    'X-RAY DIFFRACTION' ? 
r_xyhbond_nbd_refined        ?      ?      ? ?    'X-RAY DIFFRACTION' ? 
r_xyhbond_nbd_other          ?      ?      ? ?    'X-RAY DIFFRACTION' ? 
r_metal_ion_refined          ?      ?      ? ?    'X-RAY DIFFRACTION' ? 
r_metal_ion_other            ?      ?      ? ?    'X-RAY DIFFRACTION' ? 
r_symmetry_vdw_refined       ?      ?      ? ?    'X-RAY DIFFRACTION' ? 
r_symmetry_vdw_other         ?      ?      ? ?    'X-RAY DIFFRACTION' ? 
r_symmetry_hbond_refined     ?      ?      ? ?    'X-RAY DIFFRACTION' ? 
r_symmetry_hbond_other       ?      ?      ? ?    'X-RAY DIFFRACTION' ? 
r_symmetry_metal_ion_refined ?      ?      ? ?    'X-RAY DIFFRACTION' ? 
r_symmetry_metal_ion_other   ?      ?      ? ?    'X-RAY DIFFRACTION' ? 
r_mcbond_it                  ?      ?      ? ?    'X-RAY DIFFRACTION' ? 
r_mcbond_other               ?      ?      ? ?    'X-RAY DIFFRACTION' ? 
r_mcangle_it                 ?      ?      ? ?    'X-RAY DIFFRACTION' ? 
r_mcangle_other              ?      ?      ? ?    'X-RAY DIFFRACTION' ? 
r_scbond_it                  ?      ?      ? ?    'X-RAY DIFFRACTION' ? 
r_scbond_other               ?      ?      ? ?    'X-RAY DIFFRACTION' ? 
r_scangle_it                 ?      ?      ? ?    'X-RAY DIFFRACTION' ? 
r_scangle_other              ?      ?      ? ?    'X-RAY DIFFRACTION' ? 
r_long_range_B_refined       ?      ?      ? ?    'X-RAY DIFFRACTION' ? 
r_long_range_B_other         ?      ?      ? ?    'X-RAY DIFFRACTION' ? 
r_rigid_bond_restr           ?      ?      ? ?    'X-RAY DIFFRACTION' ? 
r_sphericity_free            ?      ?      ? ?    'X-RAY DIFFRACTION' ? 
r_sphericity_bonded          ?      ?      ? ?    'X-RAY DIFFRACTION' ? 
# 
_refine_ls_shell.pdbx_refine_id                   'X-RAY DIFFRACTION' 
_refine_ls_shell.pdbx_total_number_of_bins_used   20 
_refine_ls_shell.d_res_high                       2.200 
_refine_ls_shell.d_res_low                        2.257 
_refine_ls_shell.number_reflns_R_work             763 
_refine_ls_shell.R_factor_R_work                  0.203 
_refine_ls_shell.percent_reflns_obs               99.88 
_refine_ls_shell.R_factor_R_free                  0.348 
_refine_ls_shell.R_factor_R_free_error            ? 
_refine_ls_shell.percent_reflns_R_free            ? 
_refine_ls_shell.number_reflns_R_free             36 
_refine_ls_shell.number_reflns_all                ? 
_refine_ls_shell.R_factor_all                     ? 
# 
_struct.entry_id                  5AMU 
_struct.title                     'IglE I39A,Y40A,V44A' 
_struct.pdbx_model_details        ? 
_struct.pdbx_CASP_flag            ? 
_struct.pdbx_model_type_details   ? 
# 
_struct_keywords.entry_id        5AMU 
_struct_keywords.pdbx_keywords   'UNKNOWN FUNCTION' 
_struct_keywords.text            'UNKNOWN FUNCTION, TYPE SIX SECRETION SYSTEM, LIPOPROTEIN' 
# 
loop_
_struct_asym.id 
_struct_asym.pdbx_blank_PDB_chainid_flag 
_struct_asym.pdbx_modified 
_struct_asym.entity_id 
_struct_asym.details 
A N N 1 ? 
B N N 1 ? 
C N N 2 ? 
D N N 2 ? 
# 
_struct_ref.id                         1 
_struct_ref.db_name                    UNP 
_struct_ref.db_code                    A0Q7H2_FRATN 
_struct_ref.entity_id                  1 
_struct_ref.pdbx_seq_one_letter_code   ? 
_struct_ref.pdbx_align_begin           ? 
_struct_ref.pdbx_db_accession          A0Q7H2 
_struct_ref.pdbx_db_isoform            ? 
# 
loop_
_struct_ref_seq.align_id 
_struct_ref_seq.ref_id 
_struct_ref_seq.pdbx_PDB_id_code 
_struct_ref_seq.pdbx_strand_id 
_struct_ref_seq.seq_align_beg 
_struct_ref_seq.pdbx_seq_align_beg_ins_code 
_struct_ref_seq.seq_align_end 
_struct_ref_seq.pdbx_seq_align_end_ins_code 
_struct_ref_seq.pdbx_db_accession 
_struct_ref_seq.db_align_beg 
_struct_ref_seq.pdbx_db_align_beg_ins_code 
_struct_ref_seq.db_align_end 
_struct_ref_seq.pdbx_db_align_end_ins_code 
_struct_ref_seq.pdbx_auth_seq_align_beg 
_struct_ref_seq.pdbx_auth_seq_align_end 
1 1 5AMU A 25 ? 125 ? A0Q7H2 25 ? 125 ? 25 125 
2 1 5AMU B 25 ? 125 ? A0Q7H2 25 ? 125 ? 25 125 
# 
loop_
_struct_ref_seq_dif.align_id 
_struct_ref_seq_dif.pdbx_pdb_id_code 
_struct_ref_seq_dif.mon_id 
_struct_ref_seq_dif.pdbx_pdb_strand_id 
_struct_ref_seq_dif.seq_num 
_struct_ref_seq_dif.pdbx_pdb_ins_code 
_struct_ref_seq_dif.pdbx_seq_db_name 
_struct_ref_seq_dif.pdbx_seq_db_accession_code 
_struct_ref_seq_dif.db_mon_id 
_struct_ref_seq_dif.pdbx_seq_db_seq_num 
_struct_ref_seq_dif.details 
_struct_ref_seq_dif.pdbx_auth_seq_num 
_struct_ref_seq_dif.pdbx_ordinal 
1 5AMU MET A 1  ? UNP A0Q7H2 ?   ?  'expression tag'      1  1  
1 5AMU GLY A 2  ? UNP A0Q7H2 ?   ?  'expression tag'      2  2  
1 5AMU SER A 3  ? UNP A0Q7H2 ?   ?  'expression tag'      3  3  
1 5AMU SER A 4  ? UNP A0Q7H2 ?   ?  'expression tag'      4  4  
1 5AMU HIS A 5  ? UNP A0Q7H2 ?   ?  'expression tag'      5  5  
1 5AMU HIS A 6  ? UNP A0Q7H2 ?   ?  'expression tag'      6  6  
1 5AMU HIS A 7  ? UNP A0Q7H2 ?   ?  'expression tag'      7  7  
1 5AMU HIS A 8  ? UNP A0Q7H2 ?   ?  'expression tag'      8  8  
1 5AMU HIS A 9  ? UNP A0Q7H2 ?   ?  'expression tag'      9  9  
1 5AMU HIS A 10 ? UNP A0Q7H2 ?   ?  'expression tag'      10 10 
1 5AMU SER A 11 ? UNP A0Q7H2 ?   ?  'expression tag'      11 11 
1 5AMU SER A 12 ? UNP A0Q7H2 ?   ?  'expression tag'      12 12 
1 5AMU GLY A 13 ? UNP A0Q7H2 ?   ?  'expression tag'      13 13 
1 5AMU LEU A 14 ? UNP A0Q7H2 ?   ?  'expression tag'      14 14 
1 5AMU VAL A 15 ? UNP A0Q7H2 ?   ?  'expression tag'      15 15 
1 5AMU PRO A 16 ? UNP A0Q7H2 ?   ?  'expression tag'      16 16 
1 5AMU ARG A 17 ? UNP A0Q7H2 ?   ?  'expression tag'      17 17 
1 5AMU GLY A 18 ? UNP A0Q7H2 ?   ?  'expression tag'      18 18 
1 5AMU SER A 19 ? UNP A0Q7H2 ?   ?  'expression tag'      19 19 
1 5AMU HIS A 20 ? UNP A0Q7H2 ?   ?  'expression tag'      20 20 
1 5AMU MET A 21 ? UNP A0Q7H2 ?   ?  'expression tag'      21 21 
1 5AMU ALA A 22 ? UNP A0Q7H2 ?   ?  'expression tag'      22 22 
1 5AMU ILE A 23 ? UNP A0Q7H2 ?   ?  'expression tag'      23 23 
1 5AMU MET A 24 ? UNP A0Q7H2 ?   ?  'expression tag'      24 24 
1 5AMU ALA A 61 ? UNP A0Q7H2 ILE 61 'engineered mutation' 61 25 
1 5AMU ALA A 62 ? UNP A0Q7H2 TYR 62 'engineered mutation' 62 26 
1 5AMU ALA A 68 ? UNP A0Q7H2 VAL 68 'engineered mutation' 68 27 
2 5AMU MET B 1  ? UNP A0Q7H2 ?   ?  'expression tag'      1  28 
2 5AMU GLY B 2  ? UNP A0Q7H2 ?   ?  'expression tag'      2  29 
2 5AMU SER B 3  ? UNP A0Q7H2 ?   ?  'expression tag'      3  30 
2 5AMU SER B 4  ? UNP A0Q7H2 ?   ?  'expression tag'      4  31 
2 5AMU HIS B 5  ? UNP A0Q7H2 ?   ?  'expression tag'      5  32 
2 5AMU HIS B 6  ? UNP A0Q7H2 ?   ?  'expression tag'      6  33 
2 5AMU HIS B 7  ? UNP A0Q7H2 ?   ?  'expression tag'      7  34 
2 5AMU HIS B 8  ? UNP A0Q7H2 ?   ?  'expression tag'      8  35 
2 5AMU HIS B 9  ? UNP A0Q7H2 ?   ?  'expression tag'      9  36 
2 5AMU HIS B 10 ? UNP A0Q7H2 ?   ?  'expression tag'      10 37 
2 5AMU SER B 11 ? UNP A0Q7H2 ?   ?  'expression tag'      11 38 
2 5AMU SER B 12 ? UNP A0Q7H2 ?   ?  'expression tag'      12 39 
2 5AMU GLY B 13 ? UNP A0Q7H2 ?   ?  'expression tag'      13 40 
2 5AMU LEU B 14 ? UNP A0Q7H2 ?   ?  'expression tag'      14 41 
2 5AMU VAL B 15 ? UNP A0Q7H2 ?   ?  'expression tag'      15 42 
2 5AMU PRO B 16 ? UNP A0Q7H2 ?   ?  'expression tag'      16 43 
2 5AMU ARG B 17 ? UNP A0Q7H2 ?   ?  'expression tag'      17 44 
2 5AMU GLY B 18 ? UNP A0Q7H2 ?   ?  'expression tag'      18 45 
2 5AMU SER B 19 ? UNP A0Q7H2 ?   ?  'expression tag'      19 46 
2 5AMU HIS B 20 ? UNP A0Q7H2 ?   ?  'expression tag'      20 47 
2 5AMU MET B 21 ? UNP A0Q7H2 ?   ?  'expression tag'      21 48 
2 5AMU ALA B 22 ? UNP A0Q7H2 ?   ?  'expression tag'      22 49 
2 5AMU ILE B 23 ? UNP A0Q7H2 ?   ?  'expression tag'      23 50 
2 5AMU MET B 24 ? UNP A0Q7H2 ?   ?  'expression tag'      24 51 
2 5AMU ALA B 61 ? UNP A0Q7H2 ILE 61 'engineered mutation' 61 52 
2 5AMU ALA B 62 ? UNP A0Q7H2 TYR 62 'engineered mutation' 62 53 
2 5AMU ALA B 68 ? UNP A0Q7H2 VAL 68 'engineered mutation' 68 54 
# 
loop_
_pdbx_struct_assembly.id 
_pdbx_struct_assembly.details 
_pdbx_struct_assembly.method_details 
_pdbx_struct_assembly.oligomeric_details 
_pdbx_struct_assembly.oligomeric_count 
1 author_and_software_defined_assembly PISA monomeric 1 
2 author_and_software_defined_assembly PISA monomeric 1 
# 
loop_
_pdbx_struct_assembly_gen.assembly_id 
_pdbx_struct_assembly_gen.oper_expression 
_pdbx_struct_assembly_gen.asym_id_list 
1 1 A,C 
2 1 B,D 
# 
_pdbx_struct_oper_list.id                   1 
_pdbx_struct_oper_list.type                 'identity operation' 
_pdbx_struct_oper_list.name                 1_555 
_pdbx_struct_oper_list.symmetry_operation   x,y,z 
_pdbx_struct_oper_list.matrix[1][1]         1.0000000000 
_pdbx_struct_oper_list.matrix[1][2]         0.0000000000 
_pdbx_struct_oper_list.matrix[1][3]         0.0000000000 
_pdbx_struct_oper_list.vector[1]            0.0000000000 
_pdbx_struct_oper_list.matrix[2][1]         0.0000000000 
_pdbx_struct_oper_list.matrix[2][2]         1.0000000000 
_pdbx_struct_oper_list.matrix[2][3]         0.0000000000 
_pdbx_struct_oper_list.vector[2]            0.0000000000 
_pdbx_struct_oper_list.matrix[3][1]         0.0000000000 
_pdbx_struct_oper_list.matrix[3][2]         0.0000000000 
_pdbx_struct_oper_list.matrix[3][3]         1.0000000000 
_pdbx_struct_oper_list.vector[3]            0.0000000000 
# 
_struct_biol.id   1 
# 
loop_
_struct_conf.conf_type_id 
_struct_conf.id 
_struct_conf.pdbx_PDB_helix_id 
_struct_conf.beg_label_comp_id 
_struct_conf.beg_label_asym_id 
_struct_conf.beg_label_seq_id 
_struct_conf.pdbx_beg_PDB_ins_code 
_struct_conf.end_label_comp_id 
_struct_conf.end_label_asym_id 
_struct_conf.end_label_seq_id 
_struct_conf.pdbx_end_PDB_ins_code 
_struct_conf.beg_auth_comp_id 
_struct_conf.beg_auth_asym_id 
_struct_conf.beg_auth_seq_id 
_struct_conf.end_auth_comp_id 
_struct_conf.end_auth_asym_id 
_struct_conf.end_auth_seq_id 
_struct_conf.pdbx_PDB_helix_class 
_struct_conf.details 
_struct_conf.pdbx_PDB_helix_length 
HELX_P HELX_P1 1 ASP A 45 ? ASP A 52 ? ASP A 45 ASP A 52 1 ? 8 
HELX_P HELX_P2 2 ASN A 53 ? GLN A 59 ? ASN A 53 GLN A 59 1 ? 7 
HELX_P HELX_P3 3 ASP B 45 ? ASP B 52 ? ASP B 45 ASP B 52 1 ? 8 
HELX_P HELX_P4 4 ASN B 53 ? ARG B 60 ? ASN B 53 ARG B 60 1 ? 8 
# 
_struct_conf_type.id          HELX_P 
_struct_conf_type.criteria    ? 
_struct_conf_type.reference   ? 
# 
loop_
_struct_sheet.id 
_struct_sheet.type 
_struct_sheet.number_strands 
_struct_sheet.details 
AA ? 4 ? 
AB ? 4 ? 
BA ? 4 ? 
BB ? 4 ? 
# 
loop_
_struct_sheet_order.sheet_id 
_struct_sheet_order.range_id_1 
_struct_sheet_order.range_id_2 
_struct_sheet_order.offset 
_struct_sheet_order.sense 
AA 1 2 ? anti-parallel 
AA 2 3 ? parallel      
AA 3 4 ? anti-parallel 
AB 1 2 ? anti-parallel 
AB 2 3 ? anti-parallel 
AB 3 4 ? anti-parallel 
BA 1 2 ? anti-parallel 
BA 2 3 ? parallel      
BA 3 4 ? anti-parallel 
BB 1 2 ? anti-parallel 
BB 2 3 ? anti-parallel 
BB 3 4 ? anti-parallel 
# 
loop_
_struct_sheet_range.sheet_id 
_struct_sheet_range.id 
_struct_sheet_range.beg_label_comp_id 
_struct_sheet_range.beg_label_asym_id 
_struct_sheet_range.beg_label_seq_id 
_struct_sheet_range.pdbx_beg_PDB_ins_code 
_struct_sheet_range.end_label_comp_id 
_struct_sheet_range.end_label_asym_id 
_struct_sheet_range.end_label_seq_id 
_struct_sheet_range.pdbx_end_PDB_ins_code 
_struct_sheet_range.beg_auth_comp_id 
_struct_sheet_range.beg_auth_asym_id 
_struct_sheet_range.beg_auth_seq_id 
_struct_sheet_range.end_auth_comp_id 
_struct_sheet_range.end_auth_asym_id 
_struct_sheet_range.end_auth_seq_id 
AA 1 GLY A 74  ? PHE A 78  ? GLY A 74  PHE A 78  
AA 2 GLY A 26  ? ASN A 31  ? GLY A 26  ASN A 31  
AA 3 VAL A 111 ? ILE A 116 ? VAL A 111 ILE A 116 
AA 4 ILE A 122 ? LYS A 124 ? ILE A 122 LYS A 124 
AB 1 VAL A 66  ? ASN A 70  ? VAL A 66  ASN A 70  
AB 2 LYS A 37  ? SER A 42  ? LYS A 37  SER A 42  
AB 3 ASP A 86  ? ILE A 92  ? ASP A 86  ILE A 92  
AB 4 LYS A 103 ? SER A 107 ? LYS A 103 SER A 107 
BA 1 GLY B 74  ? PHE B 78  ? GLY B 74  PHE B 78  
BA 2 GLY B 26  ? ASN B 31  ? GLY B 26  ASN B 31  
BA 3 VAL B 111 ? ILE B 116 ? VAL B 111 ILE B 116 
BA 4 ILE B 122 ? LYS B 124 ? ILE B 122 LYS B 124 
BB 1 VAL B 66  ? ASN B 70  ? VAL B 66  ASN B 70  
BB 2 LYS B 37  ? SER B 42  ? LYS B 37  SER B 42  
BB 3 ASP B 86  ? ILE B 92  ? ASP B 86  ILE B 92  
BB 4 LYS B 103 ? SER B 107 ? LYS B 103 SER B 107 
# 
loop_
_pdbx_struct_sheet_hbond.sheet_id 
_pdbx_struct_sheet_hbond.range_id_1 
_pdbx_struct_sheet_hbond.range_id_2 
_pdbx_struct_sheet_hbond.range_1_label_atom_id 
_pdbx_struct_sheet_hbond.range_1_label_comp_id 
_pdbx_struct_sheet_hbond.range_1_label_asym_id 
_pdbx_struct_sheet_hbond.range_1_label_seq_id 
_pdbx_struct_sheet_hbond.range_1_PDB_ins_code 
_pdbx_struct_sheet_hbond.range_1_auth_atom_id 
_pdbx_struct_sheet_hbond.range_1_auth_comp_id 
_pdbx_struct_sheet_hbond.range_1_auth_asym_id 
_pdbx_struct_sheet_hbond.range_1_auth_seq_id 
_pdbx_struct_sheet_hbond.range_2_label_atom_id 
_pdbx_struct_sheet_hbond.range_2_label_comp_id 
_pdbx_struct_sheet_hbond.range_2_label_asym_id 
_pdbx_struct_sheet_hbond.range_2_label_seq_id 
_pdbx_struct_sheet_hbond.range_2_PDB_ins_code 
_pdbx_struct_sheet_hbond.range_2_auth_atom_id 
_pdbx_struct_sheet_hbond.range_2_auth_comp_id 
_pdbx_struct_sheet_hbond.range_2_auth_asym_id 
_pdbx_struct_sheet_hbond.range_2_auth_seq_id 
AA 1 2 N PHE A 78  ? N PHE A 78  O LEU A 27  ? O LEU A 27  
AA 2 3 N TYR A 28  ? N TYR A 28  O ASN A 112 ? O ASN A 112 
AA 3 4 N THR A 115 ? N THR A 115 O GLU A 123 ? O GLU A 123 
AB 1 2 N LEU A 69  ? N LEU A 69  O ILE A 38  ? O ILE A 38  
AB 2 3 N GLU A 41  ? N GLU A 41  O ALA A 88  ? O ALA A 88  
AB 3 4 N LEU A 89  ? N LEU A 89  O TYR A 104 ? O TYR A 104 
BA 1 2 N PHE B 78  ? N PHE B 78  O LEU B 27  ? O LEU B 27  
BA 2 3 N TYR B 28  ? N TYR B 28  O ASN B 112 ? O ASN B 112 
BA 3 4 N THR B 115 ? N THR B 115 O GLU B 123 ? O GLU B 123 
BB 1 2 N LEU B 69  ? N LEU B 69  O ILE B 38  ? O ILE B 38  
BB 2 3 N GLU B 41  ? N GLU B 41  O ALA B 88  ? O ALA B 88  
BB 3 4 N LEU B 89  ? N LEU B 89  O TYR B 104 ? O TYR B 104 
# 
_pdbx_validate_torsion.id              1 
_pdbx_validate_torsion.PDB_model_num   1 
_pdbx_validate_torsion.auth_comp_id    SER 
_pdbx_validate_torsion.auth_asym_id    A 
_pdbx_validate_torsion.auth_seq_id     120 
_pdbx_validate_torsion.PDB_ins_code    ? 
_pdbx_validate_torsion.label_alt_id    ? 
_pdbx_validate_torsion.phi             73.19 
_pdbx_validate_torsion.psi             -1.67 
# 
loop_
_pdbx_unobs_or_zero_occ_residues.id 
_pdbx_unobs_or_zero_occ_residues.PDB_model_num 
_pdbx_unobs_or_zero_occ_residues.polymer_flag 
_pdbx_unobs_or_zero_occ_residues.occupancy_flag 
_pdbx_unobs_or_zero_occ_residues.auth_asym_id 
_pdbx_unobs_or_zero_occ_residues.auth_comp_id 
_pdbx_unobs_or_zero_occ_residues.auth_seq_id 
_pdbx_unobs_or_zero_occ_residues.PDB_ins_code 
_pdbx_unobs_or_zero_occ_residues.label_asym_id 
_pdbx_unobs_or_zero_occ_residues.label_comp_id 
_pdbx_unobs_or_zero_occ_residues.label_seq_id 
1  1 Y 1 A MET 1  ? A MET 1  
2  1 Y 1 A GLY 2  ? A GLY 2  
3  1 Y 1 A SER 3  ? A SER 3  
4  1 Y 1 A SER 4  ? A SER 4  
5  1 Y 1 A HIS 5  ? A HIS 5  
6  1 Y 1 A HIS 6  ? A HIS 6  
7  1 Y 1 A HIS 7  ? A HIS 7  
8  1 Y 1 A HIS 8  ? A HIS 8  
9  1 Y 1 A HIS 9  ? A HIS 9  
10 1 Y 1 A HIS 10 ? A HIS 10 
11 1 Y 1 A SER 11 ? A SER 11 
12 1 Y 1 A SER 12 ? A SER 12 
13 1 Y 1 A GLY 13 ? A GLY 13 
14 1 Y 1 A LEU 14 ? A LEU 14 
15 1 Y 1 A VAL 15 ? A VAL 15 
16 1 Y 1 A PRO 16 ? A PRO 16 
17 1 Y 1 A ARG 17 ? A ARG 17 
18 1 Y 1 A GLY 18 ? A GLY 18 
19 1 Y 1 A SER 19 ? A SER 19 
20 1 Y 1 A HIS 20 ? A HIS 20 
21 1 Y 1 A MET 21 ? A MET 21 
22 1 Y 1 A ALA 22 ? A ALA 22 
23 1 Y 1 A GLU 95 ? A GLU 95 
24 1 Y 1 A ASN 96 ? A ASN 96 
25 1 Y 1 B MET 1  ? B MET 1  
26 1 Y 1 B GLY 2  ? B GLY 2  
27 1 Y 1 B SER 3  ? B SER 3  
28 1 Y 1 B SER 4  ? B SER 4  
29 1 Y 1 B HIS 5  ? B HIS 5  
30 1 Y 1 B HIS 6  ? B HIS 6  
31 1 Y 1 B HIS 7  ? B HIS 7  
32 1 Y 1 B HIS 8  ? B HIS 8  
33 1 Y 1 B HIS 9  ? B HIS 9  
34 1 Y 1 B HIS 10 ? B HIS 10 
35 1 Y 1 B SER 11 ? B SER 11 
36 1 Y 1 B SER 12 ? B SER 12 
37 1 Y 1 B GLY 13 ? B GLY 13 
38 1 Y 1 B LEU 14 ? B LEU 14 
39 1 Y 1 B VAL 15 ? B VAL 15 
40 1 Y 1 B PRO 16 ? B PRO 16 
41 1 Y 1 B ARG 17 ? B ARG 17 
42 1 Y 1 B GLY 18 ? B GLY 18 
43 1 Y 1 B SER 19 ? B SER 19 
44 1 Y 1 B HIS 20 ? B HIS 20 
45 1 Y 1 B MET 21 ? B MET 21 
46 1 Y 1 B ALA 22 ? B ALA 22 
47 1 Y 1 B ILE 23 ? B ILE 23 
48 1 Y 1 B GLU 95 ? B GLU 95 
49 1 Y 1 B ASN 96 ? B ASN 96 
50 1 Y 1 B LYS 97 ? B LYS 97 
51 1 Y 1 B LYS 98 ? B LYS 98 
# 
loop_
_chem_comp_atom.comp_id 
_chem_comp_atom.atom_id 
_chem_comp_atom.type_symbol 
_chem_comp_atom.pdbx_aromatic_flag 
_chem_comp_atom.pdbx_stereo_config 
_chem_comp_atom.pdbx_ordinal 
ALA N    N N N 1   
ALA CA   C N S 2   
ALA C    C N N 3   
ALA O    O N N 4   
ALA CB   C N N 5   
ALA OXT  O N N 6   
ALA H    H N N 7   
ALA H2   H N N 8   
ALA HA   H N N 9   
ALA HB1  H N N 10  
ALA HB2  H N N 11  
ALA HB3  H N N 12  
ALA HXT  H N N 13  
ARG N    N N N 14  
ARG CA   C N S 15  
ARG C    C N N 16  
ARG O    O N N 17  
ARG CB   C N N 18  
ARG CG   C N N 19  
ARG CD   C N N 20  
ARG NE   N N N 21  
ARG CZ   C N N 22  
ARG NH1  N N N 23  
ARG NH2  N N N 24  
ARG OXT  O N N 25  
ARG H    H N N 26  
ARG H2   H N N 27  
ARG HA   H N N 28  
ARG HB2  H N N 29  
ARG HB3  H N N 30  
ARG HG2  H N N 31  
ARG HG3  H N N 32  
ARG HD2  H N N 33  
ARG HD3  H N N 34  
ARG HE   H N N 35  
ARG HH11 H N N 36  
ARG HH12 H N N 37  
ARG HH21 H N N 38  
ARG HH22 H N N 39  
ARG HXT  H N N 40  
ASN N    N N N 41  
ASN CA   C N S 42  
ASN C    C N N 43  
ASN O    O N N 44  
ASN CB   C N N 45  
ASN CG   C N N 46  
ASN OD1  O N N 47  
ASN ND2  N N N 48  
ASN OXT  O N N 49  
ASN H    H N N 50  
ASN H2   H N N 51  
ASN HA   H N N 52  
ASN HB2  H N N 53  
ASN HB3  H N N 54  
ASN HD21 H N N 55  
ASN HD22 H N N 56  
ASN HXT  H N N 57  
ASP N    N N N 58  
ASP CA   C N S 59  
ASP C    C N N 60  
ASP O    O N N 61  
ASP CB   C N N 62  
ASP CG   C N N 63  
ASP OD1  O N N 64  
ASP OD2  O N N 65  
ASP OXT  O N N 66  
ASP H    H N N 67  
ASP H2   H N N 68  
ASP HA   H N N 69  
ASP HB2  H N N 70  
ASP HB3  H N N 71  
ASP HD2  H N N 72  
ASP HXT  H N N 73  
GLN N    N N N 74  
GLN CA   C N S 75  
GLN C    C N N 76  
GLN O    O N N 77  
GLN CB   C N N 78  
GLN CG   C N N 79  
GLN CD   C N N 80  
GLN OE1  O N N 81  
GLN NE2  N N N 82  
GLN OXT  O N N 83  
GLN H    H N N 84  
GLN H2   H N N 85  
GLN HA   H N N 86  
GLN HB2  H N N 87  
GLN HB3  H N N 88  
GLN HG2  H N N 89  
GLN HG3  H N N 90  
GLN HE21 H N N 91  
GLN HE22 H N N 92  
GLN HXT  H N N 93  
GLU N    N N N 94  
GLU CA   C N S 95  
GLU C    C N N 96  
GLU O    O N N 97  
GLU CB   C N N 98  
GLU CG   C N N 99  
GLU CD   C N N 100 
GLU OE1  O N N 101 
GLU OE2  O N N 102 
GLU OXT  O N N 103 
GLU H    H N N 104 
GLU H2   H N N 105 
GLU HA   H N N 106 
GLU HB2  H N N 107 
GLU HB3  H N N 108 
GLU HG2  H N N 109 
GLU HG3  H N N 110 
GLU HE2  H N N 111 
GLU HXT  H N N 112 
GLY N    N N N 113 
GLY CA   C N N 114 
GLY C    C N N 115 
GLY O    O N N 116 
GLY OXT  O N N 117 
GLY H    H N N 118 
GLY H2   H N N 119 
GLY HA2  H N N 120 
GLY HA3  H N N 121 
GLY HXT  H N N 122 
HIS N    N N N 123 
HIS CA   C N S 124 
HIS C    C N N 125 
HIS O    O N N 126 
HIS CB   C N N 127 
HIS CG   C Y N 128 
HIS ND1  N Y N 129 
HIS CD2  C Y N 130 
HIS CE1  C Y N 131 
HIS NE2  N Y N 132 
HIS OXT  O N N 133 
HIS H    H N N 134 
HIS H2   H N N 135 
HIS HA   H N N 136 
HIS HB2  H N N 137 
HIS HB3  H N N 138 
HIS HD1  H N N 139 
HIS HD2  H N N 140 
HIS HE1  H N N 141 
HIS HE2  H N N 142 
HIS HXT  H N N 143 
HOH O    O N N 144 
HOH H1   H N N 145 
HOH H2   H N N 146 
ILE N    N N N 147 
ILE CA   C N S 148 
ILE C    C N N 149 
ILE O    O N N 150 
ILE CB   C N S 151 
ILE CG1  C N N 152 
ILE CG2  C N N 153 
ILE CD1  C N N 154 
ILE OXT  O N N 155 
ILE H    H N N 156 
ILE H2   H N N 157 
ILE HA   H N N 158 
ILE HB   H N N 159 
ILE HG12 H N N 160 
ILE HG13 H N N 161 
ILE HG21 H N N 162 
ILE HG22 H N N 163 
ILE HG23 H N N 164 
ILE HD11 H N N 165 
ILE HD12 H N N 166 
ILE HD13 H N N 167 
ILE HXT  H N N 168 
LEU N    N N N 169 
LEU CA   C N S 170 
LEU C    C N N 171 
LEU O    O N N 172 
LEU CB   C N N 173 
LEU CG   C N N 174 
LEU CD1  C N N 175 
LEU CD2  C N N 176 
LEU OXT  O N N 177 
LEU H    H N N 178 
LEU H2   H N N 179 
LEU HA   H N N 180 
LEU HB2  H N N 181 
LEU HB3  H N N 182 
LEU HG   H N N 183 
LEU HD11 H N N 184 
LEU HD12 H N N 185 
LEU HD13 H N N 186 
LEU HD21 H N N 187 
LEU HD22 H N N 188 
LEU HD23 H N N 189 
LEU HXT  H N N 190 
LYS N    N N N 191 
LYS CA   C N S 192 
LYS C    C N N 193 
LYS O    O N N 194 
LYS CB   C N N 195 
LYS CG   C N N 196 
LYS CD   C N N 197 
LYS CE   C N N 198 
LYS NZ   N N N 199 
LYS OXT  O N N 200 
LYS H    H N N 201 
LYS H2   H N N 202 
LYS HA   H N N 203 
LYS HB2  H N N 204 
LYS HB3  H N N 205 
LYS HG2  H N N 206 
LYS HG3  H N N 207 
LYS HD2  H N N 208 
LYS HD3  H N N 209 
LYS HE2  H N N 210 
LYS HE3  H N N 211 
LYS HZ1  H N N 212 
LYS HZ2  H N N 213 
LYS HZ3  H N N 214 
LYS HXT  H N N 215 
MET N    N N N 216 
MET CA   C N S 217 
MET C    C N N 218 
MET O    O N N 219 
MET CB   C N N 220 
MET CG   C N N 221 
MET SD   S N N 222 
MET CE   C N N 223 
MET OXT  O N N 224 
MET H    H N N 225 
MET H2   H N N 226 
MET HA   H N N 227 
MET HB2  H N N 228 
MET HB3  H N N 229 
MET HG2  H N N 230 
MET HG3  H N N 231 
MET HE1  H N N 232 
MET HE2  H N N 233 
MET HE3  H N N 234 
MET HXT  H N N 235 
PHE N    N N N 236 
PHE CA   C N S 237 
PHE C    C N N 238 
PHE O    O N N 239 
PHE CB   C N N 240 
PHE CG   C Y N 241 
PHE CD1  C Y N 242 
PHE CD2  C Y N 243 
PHE CE1  C Y N 244 
PHE CE2  C Y N 245 
PHE CZ   C Y N 246 
PHE OXT  O N N 247 
PHE H    H N N 248 
PHE H2   H N N 249 
PHE HA   H N N 250 
PHE HB2  H N N 251 
PHE HB3  H N N 252 
PHE HD1  H N N 253 
PHE HD2  H N N 254 
PHE HE1  H N N 255 
PHE HE2  H N N 256 
PHE HZ   H N N 257 
PHE HXT  H N N 258 
PRO N    N N N 259 
PRO CA   C N S 260 
PRO C    C N N 261 
PRO O    O N N 262 
PRO CB   C N N 263 
PRO CG   C N N 264 
PRO CD   C N N 265 
PRO OXT  O N N 266 
PRO H    H N N 267 
PRO HA   H N N 268 
PRO HB2  H N N 269 
PRO HB3  H N N 270 
PRO HG2  H N N 271 
PRO HG3  H N N 272 
PRO HD2  H N N 273 
PRO HD3  H N N 274 
PRO HXT  H N N 275 
SER N    N N N 276 
SER CA   C N S 277 
SER C    C N N 278 
SER O    O N N 279 
SER CB   C N N 280 
SER OG   O N N 281 
SER OXT  O N N 282 
SER H    H N N 283 
SER H2   H N N 284 
SER HA   H N N 285 
SER HB2  H N N 286 
SER HB3  H N N 287 
SER HG   H N N 288 
SER HXT  H N N 289 
THR N    N N N 290 
THR CA   C N S 291 
THR C    C N N 292 
THR O    O N N 293 
THR CB   C N R 294 
THR OG1  O N N 295 
THR CG2  C N N 296 
THR OXT  O N N 297 
THR H    H N N 298 
THR H2   H N N 299 
THR HA   H N N 300 
THR HB   H N N 301 
THR HG1  H N N 302 
THR HG21 H N N 303 
THR HG22 H N N 304 
THR HG23 H N N 305 
THR HXT  H N N 306 
TRP N    N N N 307 
TRP CA   C N S 308 
TRP C    C N N 309 
TRP O    O N N 310 
TRP CB   C N N 311 
TRP CG   C Y N 312 
TRP CD1  C Y N 313 
TRP CD2  C Y N 314 
TRP NE1  N Y N 315 
TRP CE2  C Y N 316 
TRP CE3  C Y N 317 
TRP CZ2  C Y N 318 
TRP CZ3  C Y N 319 
TRP CH2  C Y N 320 
TRP OXT  O N N 321 
TRP H    H N N 322 
TRP H2   H N N 323 
TRP HA   H N N 324 
TRP HB2  H N N 325 
TRP HB3  H N N 326 
TRP HD1  H N N 327 
TRP HE1  H N N 328 
TRP HE3  H N N 329 
TRP HZ2  H N N 330 
TRP HZ3  H N N 331 
TRP HH2  H N N 332 
TRP HXT  H N N 333 
TYR N    N N N 334 
TYR CA   C N S 335 
TYR C    C N N 336 
TYR O    O N N 337 
TYR CB   C N N 338 
TYR CG   C Y N 339 
TYR CD1  C Y N 340 
TYR CD2  C Y N 341 
TYR CE1  C Y N 342 
TYR CE2  C Y N 343 
TYR CZ   C Y N 344 
TYR OH   O N N 345 
TYR OXT  O N N 346 
TYR H    H N N 347 
TYR H2   H N N 348 
TYR HA   H N N 349 
TYR HB2  H N N 350 
TYR HB3  H N N 351 
TYR HD1  H N N 352 
TYR HD2  H N N 353 
TYR HE1  H N N 354 
TYR HE2  H N N 355 
TYR HH   H N N 356 
TYR HXT  H N N 357 
VAL N    N N N 358 
VAL CA   C N S 359 
VAL C    C N N 360 
VAL O    O N N 361 
VAL CB   C N N 362 
VAL CG1  C N N 363 
VAL CG2  C N N 364 
VAL OXT  O N N 365 
VAL H    H N N 366 
VAL H2   H N N 367 
VAL HA   H N N 368 
VAL HB   H N N 369 
VAL HG11 H N N 370 
VAL HG12 H N N 371 
VAL HG13 H N N 372 
VAL HG21 H N N 373 
VAL HG22 H N N 374 
VAL HG23 H N N 375 
VAL HXT  H N N 376 
# 
loop_
_chem_comp_bond.comp_id 
_chem_comp_bond.atom_id_1 
_chem_comp_bond.atom_id_2 
_chem_comp_bond.value_order 
_chem_comp_bond.pdbx_aromatic_flag 
_chem_comp_bond.pdbx_stereo_config 
_chem_comp_bond.pdbx_ordinal 
ALA N   CA   sing N N 1   
ALA N   H    sing N N 2   
ALA N   H2   sing N N 3   
ALA CA  C    sing N N 4   
ALA CA  CB   sing N N 5   
ALA CA  HA   sing N N 6   
ALA C   O    doub N N 7   
ALA C   OXT  sing N N 8   
ALA CB  HB1  sing N N 9   
ALA CB  HB2  sing N N 10  
ALA CB  HB3  sing N N 11  
ALA OXT HXT  sing N N 12  
ARG N   CA   sing N N 13  
ARG N   H    sing N N 14  
ARG N   H2   sing N N 15  
ARG CA  C    sing N N 16  
ARG CA  CB   sing N N 17  
ARG CA  HA   sing N N 18  
ARG C   O    doub N N 19  
ARG C   OXT  sing N N 20  
ARG CB  CG   sing N N 21  
ARG CB  HB2  sing N N 22  
ARG CB  HB3  sing N N 23  
ARG CG  CD   sing N N 24  
ARG CG  HG2  sing N N 25  
ARG CG  HG3  sing N N 26  
ARG CD  NE   sing N N 27  
ARG CD  HD2  sing N N 28  
ARG CD  HD3  sing N N 29  
ARG NE  CZ   sing N N 30  
ARG NE  HE   sing N N 31  
ARG CZ  NH1  sing N N 32  
ARG CZ  NH2  doub N N 33  
ARG NH1 HH11 sing N N 34  
ARG NH1 HH12 sing N N 35  
ARG NH2 HH21 sing N N 36  
ARG NH2 HH22 sing N N 37  
ARG OXT HXT  sing N N 38  
ASN N   CA   sing N N 39  
ASN N   H    sing N N 40  
ASN N   H2   sing N N 41  
ASN CA  C    sing N N 42  
ASN CA  CB   sing N N 43  
ASN CA  HA   sing N N 44  
ASN C   O    doub N N 45  
ASN C   OXT  sing N N 46  
ASN CB  CG   sing N N 47  
ASN CB  HB2  sing N N 48  
ASN CB  HB3  sing N N 49  
ASN CG  OD1  doub N N 50  
ASN CG  ND2  sing N N 51  
ASN ND2 HD21 sing N N 52  
ASN ND2 HD22 sing N N 53  
ASN OXT HXT  sing N N 54  
ASP N   CA   sing N N 55  
ASP N   H    sing N N 56  
ASP N   H2   sing N N 57  
ASP CA  C    sing N N 58  
ASP CA  CB   sing N N 59  
ASP CA  HA   sing N N 60  
ASP C   O    doub N N 61  
ASP C   OXT  sing N N 62  
ASP CB  CG   sing N N 63  
ASP CB  HB2  sing N N 64  
ASP CB  HB3  sing N N 65  
ASP CG  OD1  doub N N 66  
ASP CG  OD2  sing N N 67  
ASP OD2 HD2  sing N N 68  
ASP OXT HXT  sing N N 69  
GLN N   CA   sing N N 70  
GLN N   H    sing N N 71  
GLN N   H2   sing N N 72  
GLN CA  C    sing N N 73  
GLN CA  CB   sing N N 74  
GLN CA  HA   sing N N 75  
GLN C   O    doub N N 76  
GLN C   OXT  sing N N 77  
GLN CB  CG   sing N N 78  
GLN CB  HB2  sing N N 79  
GLN CB  HB3  sing N N 80  
GLN CG  CD   sing N N 81  
GLN CG  HG2  sing N N 82  
GLN CG  HG3  sing N N 83  
GLN CD  OE1  doub N N 84  
GLN CD  NE2  sing N N 85  
GLN NE2 HE21 sing N N 86  
GLN NE2 HE22 sing N N 87  
GLN OXT HXT  sing N N 88  
GLU N   CA   sing N N 89  
GLU N   H    sing N N 90  
GLU N   H2   sing N N 91  
GLU CA  C    sing N N 92  
GLU CA  CB   sing N N 93  
GLU CA  HA   sing N N 94  
GLU C   O    doub N N 95  
GLU C   OXT  sing N N 96  
GLU CB  CG   sing N N 97  
GLU CB  HB2  sing N N 98  
GLU CB  HB3  sing N N 99  
GLU CG  CD   sing N N 100 
GLU CG  HG2  sing N N 101 
GLU CG  HG3  sing N N 102 
GLU CD  OE1  doub N N 103 
GLU CD  OE2  sing N N 104 
GLU OE2 HE2  sing N N 105 
GLU OXT HXT  sing N N 106 
GLY N   CA   sing N N 107 
GLY N   H    sing N N 108 
GLY N   H2   sing N N 109 
GLY CA  C    sing N N 110 
GLY CA  HA2  sing N N 111 
GLY CA  HA3  sing N N 112 
GLY C   O    doub N N 113 
GLY C   OXT  sing N N 114 
GLY OXT HXT  sing N N 115 
HIS N   CA   sing N N 116 
HIS N   H    sing N N 117 
HIS N   H2   sing N N 118 
HIS CA  C    sing N N 119 
HIS CA  CB   sing N N 120 
HIS CA  HA   sing N N 121 
HIS C   O    doub N N 122 
HIS C   OXT  sing N N 123 
HIS CB  CG   sing N N 124 
HIS CB  HB2  sing N N 125 
HIS CB  HB3  sing N N 126 
HIS CG  ND1  sing Y N 127 
HIS CG  CD2  doub Y N 128 
HIS ND1 CE1  doub Y N 129 
HIS ND1 HD1  sing N N 130 
HIS CD2 NE2  sing Y N 131 
HIS CD2 HD2  sing N N 132 
HIS CE1 NE2  sing Y N 133 
HIS CE1 HE1  sing N N 134 
HIS NE2 HE2  sing N N 135 
HIS OXT HXT  sing N N 136 
HOH O   H1   sing N N 137 
HOH O   H2   sing N N 138 
ILE N   CA   sing N N 139 
ILE N   H    sing N N 140 
ILE N   H2   sing N N 141 
ILE CA  C    sing N N 142 
ILE CA  CB   sing N N 143 
ILE CA  HA   sing N N 144 
ILE C   O    doub N N 145 
ILE C   OXT  sing N N 146 
ILE CB  CG1  sing N N 147 
ILE CB  CG2  sing N N 148 
ILE CB  HB   sing N N 149 
ILE CG1 CD1  sing N N 150 
ILE CG1 HG12 sing N N 151 
ILE CG1 HG13 sing N N 152 
ILE CG2 HG21 sing N N 153 
ILE CG2 HG22 sing N N 154 
ILE CG2 HG23 sing N N 155 
ILE CD1 HD11 sing N N 156 
ILE CD1 HD12 sing N N 157 
ILE CD1 HD13 sing N N 158 
ILE OXT HXT  sing N N 159 
LEU N   CA   sing N N 160 
LEU N   H    sing N N 161 
LEU N   H2   sing N N 162 
LEU CA  C    sing N N 163 
LEU CA  CB   sing N N 164 
LEU CA  HA   sing N N 165 
LEU C   O    doub N N 166 
LEU C   OXT  sing N N 167 
LEU CB  CG   sing N N 168 
LEU CB  HB2  sing N N 169 
LEU CB  HB3  sing N N 170 
LEU CG  CD1  sing N N 171 
LEU CG  CD2  sing N N 172 
LEU CG  HG   sing N N 173 
LEU CD1 HD11 sing N N 174 
LEU CD1 HD12 sing N N 175 
LEU CD1 HD13 sing N N 176 
LEU CD2 HD21 sing N N 177 
LEU CD2 HD22 sing N N 178 
LEU CD2 HD23 sing N N 179 
LEU OXT HXT  sing N N 180 
LYS N   CA   sing N N 181 
LYS N   H    sing N N 182 
LYS N   H2   sing N N 183 
LYS CA  C    sing N N 184 
LYS CA  CB   sing N N 185 
LYS CA  HA   sing N N 186 
LYS C   O    doub N N 187 
LYS C   OXT  sing N N 188 
LYS CB  CG   sing N N 189 
LYS CB  HB2  sing N N 190 
LYS CB  HB3  sing N N 191 
LYS CG  CD   sing N N 192 
LYS CG  HG2  sing N N 193 
LYS CG  HG3  sing N N 194 
LYS CD  CE   sing N N 195 
LYS CD  HD2  sing N N 196 
LYS CD  HD3  sing N N 197 
LYS CE  NZ   sing N N 198 
LYS CE  HE2  sing N N 199 
LYS CE  HE3  sing N N 200 
LYS NZ  HZ1  sing N N 201 
LYS NZ  HZ2  sing N N 202 
LYS NZ  HZ3  sing N N 203 
LYS OXT HXT  sing N N 204 
MET N   CA   sing N N 205 
MET N   H    sing N N 206 
MET N   H2   sing N N 207 
MET CA  C    sing N N 208 
MET CA  CB   sing N N 209 
MET CA  HA   sing N N 210 
MET C   O    doub N N 211 
MET C   OXT  sing N N 212 
MET CB  CG   sing N N 213 
MET CB  HB2  sing N N 214 
MET CB  HB3  sing N N 215 
MET CG  SD   sing N N 216 
MET CG  HG2  sing N N 217 
MET CG  HG3  sing N N 218 
MET SD  CE   sing N N 219 
MET CE  HE1  sing N N 220 
MET CE  HE2  sing N N 221 
MET CE  HE3  sing N N 222 
MET OXT HXT  sing N N 223 
PHE N   CA   sing N N 224 
PHE N   H    sing N N 225 
PHE N   H2   sing N N 226 
PHE CA  C    sing N N 227 
PHE CA  CB   sing N N 228 
PHE CA  HA   sing N N 229 
PHE C   O    doub N N 230 
PHE C   OXT  sing N N 231 
PHE CB  CG   sing N N 232 
PHE CB  HB2  sing N N 233 
PHE CB  HB3  sing N N 234 
PHE CG  CD1  doub Y N 235 
PHE CG  CD2  sing Y N 236 
PHE CD1 CE1  sing Y N 237 
PHE CD1 HD1  sing N N 238 
PHE CD2 CE2  doub Y N 239 
PHE CD2 HD2  sing N N 240 
PHE CE1 CZ   doub Y N 241 
PHE CE1 HE1  sing N N 242 
PHE CE2 CZ   sing Y N 243 
PHE CE2 HE2  sing N N 244 
PHE CZ  HZ   sing N N 245 
PHE OXT HXT  sing N N 246 
PRO N   CA   sing N N 247 
PRO N   CD   sing N N 248 
PRO N   H    sing N N 249 
PRO CA  C    sing N N 250 
PRO CA  CB   sing N N 251 
PRO CA  HA   sing N N 252 
PRO C   O    doub N N 253 
PRO C   OXT  sing N N 254 
PRO CB  CG   sing N N 255 
PRO CB  HB2  sing N N 256 
PRO CB  HB3  sing N N 257 
PRO CG  CD   sing N N 258 
PRO CG  HG2  sing N N 259 
PRO CG  HG3  sing N N 260 
PRO CD  HD2  sing N N 261 
PRO CD  HD3  sing N N 262 
PRO OXT HXT  sing N N 263 
SER N   CA   sing N N 264 
SER N   H    sing N N 265 
SER N   H2   sing N N 266 
SER CA  C    sing N N 267 
SER CA  CB   sing N N 268 
SER CA  HA   sing N N 269 
SER C   O    doub N N 270 
SER C   OXT  sing N N 271 
SER CB  OG   sing N N 272 
SER CB  HB2  sing N N 273 
SER CB  HB3  sing N N 274 
SER OG  HG   sing N N 275 
SER OXT HXT  sing N N 276 
THR N   CA   sing N N 277 
THR N   H    sing N N 278 
THR N   H2   sing N N 279 
THR CA  C    sing N N 280 
THR CA  CB   sing N N 281 
THR CA  HA   sing N N 282 
THR C   O    doub N N 283 
THR C   OXT  sing N N 284 
THR CB  OG1  sing N N 285 
THR CB  CG2  sing N N 286 
THR CB  HB   sing N N 287 
THR OG1 HG1  sing N N 288 
THR CG2 HG21 sing N N 289 
THR CG2 HG22 sing N N 290 
THR CG2 HG23 sing N N 291 
THR OXT HXT  sing N N 292 
TRP N   CA   sing N N 293 
TRP N   H    sing N N 294 
TRP N   H2   sing N N 295 
TRP CA  C    sing N N 296 
TRP CA  CB   sing N N 297 
TRP CA  HA   sing N N 298 
TRP C   O    doub N N 299 
TRP C   OXT  sing N N 300 
TRP CB  CG   sing N N 301 
TRP CB  HB2  sing N N 302 
TRP CB  HB3  sing N N 303 
TRP CG  CD1  doub Y N 304 
TRP CG  CD2  sing Y N 305 
TRP CD1 NE1  sing Y N 306 
TRP CD1 HD1  sing N N 307 
TRP CD2 CE2  doub Y N 308 
TRP CD2 CE3  sing Y N 309 
TRP NE1 CE2  sing Y N 310 
TRP NE1 HE1  sing N N 311 
TRP CE2 CZ2  sing Y N 312 
TRP CE3 CZ3  doub Y N 313 
TRP CE3 HE3  sing N N 314 
TRP CZ2 CH2  doub Y N 315 
TRP CZ2 HZ2  sing N N 316 
TRP CZ3 CH2  sing Y N 317 
TRP CZ3 HZ3  sing N N 318 
TRP CH2 HH2  sing N N 319 
TRP OXT HXT  sing N N 320 
TYR N   CA   sing N N 321 
TYR N   H    sing N N 322 
TYR N   H2   sing N N 323 
TYR CA  C    sing N N 324 
TYR CA  CB   sing N N 325 
TYR CA  HA   sing N N 326 
TYR C   O    doub N N 327 
TYR C   OXT  sing N N 328 
TYR CB  CG   sing N N 329 
TYR CB  HB2  sing N N 330 
TYR CB  HB3  sing N N 331 
TYR CG  CD1  doub Y N 332 
TYR CG  CD2  sing Y N 333 
TYR CD1 CE1  sing Y N 334 
TYR CD1 HD1  sing N N 335 
TYR CD2 CE2  doub Y N 336 
TYR CD2 HD2  sing N N 337 
TYR CE1 CZ   doub Y N 338 
TYR CE1 HE1  sing N N 339 
TYR CE2 CZ   sing Y N 340 
TYR CE2 HE2  sing N N 341 
TYR CZ  OH   sing N N 342 
TYR OH  HH   sing N N 343 
TYR OXT HXT  sing N N 344 
VAL N   CA   sing N N 345 
VAL N   H    sing N N 346 
VAL N   H2   sing N N 347 
VAL CA  C    sing N N 348 
VAL CA  CB   sing N N 349 
VAL CA  HA   sing N N 350 
VAL C   O    doub N N 351 
VAL C   OXT  sing N N 352 
VAL CB  CG1  sing N N 353 
VAL CB  CG2  sing N N 354 
VAL CB  HB   sing N N 355 
VAL CG1 HG11 sing N N 356 
VAL CG1 HG12 sing N N 357 
VAL CG1 HG13 sing N N 358 
VAL CG2 HG21 sing N N 359 
VAL CG2 HG22 sing N N 360 
VAL CG2 HG23 sing N N 361 
VAL OXT HXT  sing N N 362 
# 
_pdbx_initial_refinement_model.id               1 
_pdbx_initial_refinement_model.entity_id_list   ? 
_pdbx_initial_refinement_model.type             'experimental model' 
_pdbx_initial_refinement_model.source_name      PDB 
_pdbx_initial_refinement_model.accession_code   5AMT 
_pdbx_initial_refinement_model.details          'PDB ENTRY 5AMT' 
# 
_atom_sites.entry_id                    5AMU 
_atom_sites.fract_transf_matrix[1][1]   0.00655674 
_atom_sites.fract_transf_matrix[1][2]   0.00568550 
_atom_sites.fract_transf_matrix[1][3]   0.01022575 
_atom_sites.fract_transf_matrix[2][1]   -0.00547869 
_atom_sites.fract_transf_matrix[2][2]   0.01678794 
_atom_sites.fract_transf_matrix[2][3]   -0.00582114 
_atom_sites.fract_transf_matrix[3][1]   -0.01604983 
_atom_sites.fract_transf_matrix[3][2]   -0.00139958 
_atom_sites.fract_transf_matrix[3][3]   0.01106930 
_atom_sites.fract_transf_vector[1]      -0.201855 
_atom_sites.fract_transf_vector[2]      0.435993 
_atom_sites.fract_transf_vector[3]      -0.248513 
# 
loop_
_atom_type.symbol 
C 
N 
O 
S 
# 
loop_
_atom_site.group_PDB 
_atom_site.id 
_atom_site.type_symbol 
_atom_site.label_atom_id 
_atom_site.label_alt_id 
_atom_site.label_comp_id 
_atom_site.label_asym_id 
_atom_site.label_entity_id 
_atom_site.label_seq_id 
_atom_site.pdbx_PDB_ins_code 
_atom_site.Cartn_x 
_atom_site.Cartn_y 
_atom_site.Cartn_z 
_atom_site.occupancy 
_atom_site.B_iso_or_equiv 
_atom_site.pdbx_formal_charge 
_atom_site.auth_seq_id 
_atom_site.auth_comp_id 
_atom_site.auth_asym_id 
_atom_site.auth_atom_id 
_atom_site.pdbx_PDB_model_num 
ATOM   1    N N   . ILE A 1 23  ? 2.036   -23.959 -6.427  1.00 55.47  ? 23   ILE A N   1 
ATOM   2    C CA  . ILE A 1 23  ? 1.361   -23.153 -5.356  1.00 53.33  ? 23   ILE A CA  1 
ATOM   3    C C   . ILE A 1 23  ? 2.412   -22.671 -4.357  1.00 50.53  ? 23   ILE A C   1 
ATOM   4    O O   . ILE A 1 23  ? 2.515   -23.166 -3.239  1.00 60.64  ? 23   ILE A O   1 
ATOM   5    C CB  . ILE A 1 23  ? 0.264   -23.959 -4.647  1.00 54.49  ? 23   ILE A CB  1 
ATOM   6    N N   . MET A 1 24  ? 3.223   -21.731 -4.802  1.00 41.64  ? 24   MET A N   1 
ATOM   7    C CA  . MET A 1 24  ? 4.142   -21.003 -3.943  1.00 35.47  ? 24   MET A CA  1 
ATOM   8    C C   . MET A 1 24  ? 3.480   -19.776 -3.399  1.00 30.58  ? 24   MET A C   1 
ATOM   9    O O   . MET A 1 24  ? 3.790   -19.357 -2.300  1.00 29.20  ? 24   MET A O   1 
ATOM   10   C CB  . MET A 1 24  ? 5.271   -20.447 -4.760  1.00 38.61  ? 24   MET A CB  1 
ATOM   11   C CG  . MET A 1 24  ? 6.497   -21.287 -4.833  1.00 44.19  ? 24   MET A CG  1 
ATOM   12   S SD  . MET A 1 24  ? 7.789   -20.279 -5.578  1.00 50.52  ? 24   MET A SD  1 
ATOM   13   C CE  . MET A 1 24  ? 6.951   -19.323 -6.855  1.00 48.99  ? 24   MET A CE  1 
ATOM   14   N N   . ASP A 1 25  ? 2.658   -19.153 -4.235  1.00 26.93  ? 25   ASP A N   1 
ATOM   15   C CA  . ASP A 1 25  ? 2.019   -17.887 -3.933  1.00 26.90  ? 25   ASP A CA  1 
ATOM   16   C C   . ASP A 1 25  ? 1.119   -18.072 -2.751  1.00 27.81  ? 25   ASP A C   1 
ATOM   17   O O   . ASP A 1 25  ? 0.637   -19.161 -2.505  1.00 29.06  ? 25   ASP A O   1 
ATOM   18   C CB  . ASP A 1 25  ? 1.210   -17.390 -5.140  1.00 26.67  ? 25   ASP A CB  1 
ATOM   19   C CG  . ASP A 1 25  ? 2.100   -16.985 -6.314  1.00 27.05  ? 25   ASP A CG  1 
ATOM   20   O OD1 . ASP A 1 25  ? 3.276   -16.638 -6.108  1.00 25.74  ? 25   ASP A OD1 1 
ATOM   21   O OD2 . ASP A 1 25  ? 1.618   -16.995 -7.446  1.00 27.29  ? 25   ASP A OD2 1 
ATOM   22   N N   . GLY A 1 26  ? 0.904   -17.004 -1.987  1.00 29.32  ? 26   GLY A N   1 
ATOM   23   C CA  . GLY A 1 26  ? 0.170   -17.140 -0.742  1.00 27.68  ? 26   GLY A CA  1 
ATOM   24   C C   . GLY A 1 26  ? 0.596   -16.097 0.258   1.00 26.83  ? 26   GLY A C   1 
ATOM   25   O O   . GLY A 1 26  ? 1.227   -15.098 -0.101  1.00 24.73  ? 26   GLY A O   1 
ATOM   26   N N   . LEU A 1 27  ? 0.202   -16.339 1.506   1.00 22.92  ? 27   LEU A N   1 
ATOM   27   C CA  . LEU A 1 27  ? 0.502   -15.481 2.654   1.00 21.53  ? 27   LEU A CA  1 
ATOM   28   C C   . LEU A 1 27  ? 1.233   -16.351 3.699   1.00 22.94  ? 27   LEU A C   1 
ATOM   29   O O   . LEU A 1 27  ? 0.759   -17.416 4.093   1.00 24.40  ? 27   LEU A O   1 
ATOM   30   C CB  . LEU A 1 27  ? -0.804  -14.867 3.238   1.00 19.78  ? 27   LEU A CB  1 
ATOM   31   C CG  . LEU A 1 27  ? -0.670  -13.920 4.448   1.00 19.40  ? 27   LEU A CG  1 
ATOM   32   C CD1 . LEU A 1 27  ? 0.302   -12.799 4.159   1.00 19.29  ? 27   LEU A CD1 1 
ATOM   33   C CD2 . LEU A 1 27  ? -2.016  -13.385 4.967   1.00 20.21  ? 27   LEU A CD2 1 
ATOM   34   N N   . TYR A 1 28  ? 2.408   -15.899 4.112   1.00 24.38  ? 28   TYR A N   1 
ATOM   35   C CA  . TYR A 1 28  ? 3.280   -16.615 5.021   1.00 23.23  ? 28   TYR A CA  1 
ATOM   36   C C   . TYR A 1 28  ? 3.682   -15.630 6.091   1.00 22.29  ? 28   TYR A C   1 
ATOM   37   O O   . TYR A 1 28  ? 4.258   -14.578 5.814   1.00 23.87  ? 28   TYR A O   1 
ATOM   38   C CB  . TYR A 1 28  ? 4.529   -17.103 4.303   1.00 25.09  ? 28   TYR A CB  1 
ATOM   39   C CG  . TYR A 1 28  ? 4.264   -18.008 3.114   1.00 25.52  ? 28   TYR A CG  1 
ATOM   40   C CD1 . TYR A 1 28  ? 4.057   -17.480 1.851   1.00 24.96  ? 28   TYR A CD1 1 
ATOM   41   C CD2 . TYR A 1 28  ? 4.269   -19.401 3.255   1.00 26.50  ? 28   TYR A CD2 1 
ATOM   42   C CE1 . TYR A 1 28  ? 3.857   -18.298 0.760   1.00 24.72  ? 28   TYR A CE1 1 
ATOM   43   C CE2 . TYR A 1 28  ? 4.083   -20.244 2.156   1.00 27.86  ? 28   TYR A CE2 1 
ATOM   44   C CZ  . TYR A 1 28  ? 3.869   -19.685 0.912   1.00 26.63  ? 28   TYR A CZ  1 
ATOM   45   O OH  . TYR A 1 28  ? 3.657   -20.505 -0.166  1.00 26.72  ? 28   TYR A OH  1 
ATOM   46   N N   . ILE A 1 29  ? 3.358   -15.961 7.336   1.00 22.99  ? 29   ILE A N   1 
ATOM   47   C CA  . ILE A 1 29  ? 3.613   -15.068 8.452   1.00 21.98  ? 29   ILE A CA  1 
ATOM   48   C C   . ILE A 1 29  ? 4.307   -15.795 9.558   1.00 22.93  ? 29   ILE A C   1 
ATOM   49   O O   . ILE A 1 29  ? 3.729   -16.698 10.162  1.00 22.38  ? 29   ILE A O   1 
ATOM   50   C CB  . ILE A 1 29  ? 2.321   -14.412 9.034   1.00 19.30  ? 29   ILE A CB  1 
ATOM   51   C CG1 . ILE A 1 29  ? 1.516   -13.681 7.935   1.00 20.07  ? 29   ILE A CG1 1 
ATOM   52   C CG2 . ILE A 1 29  ? 2.691   -13.438 10.147  1.00 19.40  ? 29   ILE A CG2 1 
ATOM   53   C CD1 . ILE A 1 29  ? 0.154   -13.236 8.393   1.00 18.94  ? 29   ILE A CD1 1 
ATOM   54   N N   . ASN A 1 30  ? 5.510   -15.320 9.864   1.00 25.84  ? 30   ASN A N   1 
ATOM   55   C CA  . ASN A 1 30  ? 6.264   -15.780 11.001  1.00 28.08  ? 30   ASN A CA  1 
ATOM   56   C C   . ASN A 1 30  ? 5.970   -14.852 12.165  1.00 25.43  ? 30   ASN A C   1 
ATOM   57   O O   . ASN A 1 30  ? 6.383   -13.681 12.186  1.00 29.88  ? 30   ASN A O   1 
ATOM   58   C CB  . ASN A 1 30  ? 7.770   -15.845 10.662  1.00 31.01  ? 30   ASN A CB  1 
ATOM   59   C CG  . ASN A 1 30  ? 8.601   -16.550 11.745  1.00 36.77  ? 30   ASN A CG  1 
ATOM   60   O OD1 . ASN A 1 30  ? 8.087   -17.225 12.659  1.00 37.18  ? 30   ASN A OD1 1 
ATOM   61   N ND2 . ASN A 1 30  ? 9.910   -16.385 11.647  1.00 44.31  ? 30   ASN A ND2 1 
ATOM   62   N N   . ASN A 1 31  ? 5.233   -15.366 13.134  1.00 22.71  ? 31   ASN A N   1 
ATOM   63   C CA  . ASN A 1 31  ? 4.747   -14.573 14.225  1.00 21.44  ? 31   ASN A CA  1 
ATOM   64   C C   . ASN A 1 31  ? 5.460   -14.829 15.536  1.00 23.34  ? 31   ASN A C   1 
ATOM   65   O O   . ASN A 1 31  ? 5.381   -15.924 16.113  1.00 22.54  ? 31   ASN A O   1 
ATOM   66   C CB  . ASN A 1 31  ? 3.265   -14.828 14.463  1.00 20.78  ? 31   ASN A CB  1 
ATOM   67   C CG  . ASN A 1 31  ? 2.731   -13.997 15.610  1.00 20.09  ? 31   ASN A CG  1 
ATOM   68   O OD1 . ASN A 1 31  ? 3.142   -12.846 15.776  1.00 21.67  ? 31   ASN A OD1 1 
ATOM   69   N ND2 . ASN A 1 31  ? 1.810   -14.549 16.389  1.00 19.99  ? 31   ASN A ND2 1 
ATOM   70   N N   . ASN A 1 32  ? 6.058   -13.780 16.068  1.00 25.06  ? 32   ASN A N   1 
ATOM   71   C CA  . ASN A 1 32  ? 6.760   -13.884 17.343  1.00 26.96  ? 32   ASN A CA  1 
ATOM   72   C C   . ASN A 1 32  ? 6.002   -13.250 18.513  1.00 28.97  ? 32   ASN A C   1 
ATOM   73   O O   . ASN A 1 32  ? 6.477   -13.284 19.625  1.00 33.72  ? 32   ASN A O   1 
ATOM   74   C CB  . ASN A 1 32  ? 8.159   -13.259 17.210  1.00 27.53  ? 32   ASN A CB  1 
ATOM   75   C CG  . ASN A 1 32  ? 9.052   -14.050 16.274  1.00 28.31  ? 32   ASN A CG  1 
ATOM   76   O OD1 . ASN A 1 32  ? 9.566   -13.569 15.239  1.00 32.73  ? 32   ASN A OD1 1 
ATOM   77   N ND2 . ASN A 1 32  ? 9.248   -15.276 16.637  1.00 29.86  ? 32   ASN A ND2 1 
ATOM   78   N N   . ILE A 1 33  ? 4.823   -12.682 18.268  1.00 28.48  ? 33   ILE A N   1 
ATOM   79   C CA  . ILE A 1 33  ? 4.062   -12.025 19.294  1.00 28.53  ? 33   ILE A CA  1 
ATOM   80   C C   . ILE A 1 33  ? 2.781   -12.845 19.471  1.00 29.31  ? 33   ILE A C   1 
ATOM   81   O O   . ILE A 1 33  ? 1.896   -12.871 18.580  1.00 29.30  ? 33   ILE A O   1 
ATOM   82   C CB  . ILE A 1 33  ? 3.729   -10.559 18.908  1.00 28.80  ? 33   ILE A CB  1 
ATOM   83   C CG1 . ILE A 1 33  ? 4.969   -9.756  18.482  1.00 29.61  ? 33   ILE A CG1 1 
ATOM   84   C CG2 . ILE A 1 33  ? 2.964   -9.880  20.012  1.00 26.96  ? 33   ILE A CG2 1 
ATOM   85   C CD1 . ILE A 1 33  ? 5.874   -9.406  19.621  1.00 33.18  ? 33   ILE A CD1 1 
ATOM   86   N N   . PRO A 1 34  ? 2.676   -13.558 20.604  1.00 29.93  ? 34   PRO A N   1 
ATOM   87   C CA  . PRO A 1 34  ? 1.473   -14.358 20.857  1.00 27.97  ? 34   PRO A CA  1 
ATOM   88   C C   . PRO A 1 34  ? 0.195   -13.533 20.875  1.00 26.17  ? 34   PRO A C   1 
ATOM   89   O O   . PRO A 1 34  ? 0.194   -12.375 21.298  1.00 26.54  ? 34   PRO A O   1 
ATOM   90   C CB  . PRO A 1 34  ? 1.735   -14.971 22.236  1.00 30.37  ? 34   PRO A CB  1 
ATOM   91   C CG  . PRO A 1 34  ? 3.233   -14.968 22.401  1.00 30.75  ? 34   PRO A CG  1 
ATOM   92   C CD  . PRO A 1 34  ? 3.830   -14.010 21.401  1.00 29.22  ? 34   PRO A CD  1 
ATOM   93   N N   . LYS A 1 35  ? -0.896  -14.119 20.401  1.00 28.20  ? 35   LYS A N   1 
ATOM   94   C CA  . LYS A 1 35  ? -2.207  -13.449 20.435  1.00 29.59  ? 35   LYS A CA  1 
ATOM   95   C C   . LYS A 1 35  ? -2.282  -12.329 19.365  1.00 30.07  ? 35   LYS A C   1 
ATOM   96   O O   . LYS A 1 35  ? -3.194  -11.502 19.386  1.00 33.75  ? 35   LYS A O   1 
ATOM   97   C CB  . LYS A 1 35  ? -2.525  -12.910 21.871  1.00 33.17  ? 35   LYS A CB  1 
ATOM   98   C CG  . LYS A 1 35  ? -2.618  -13.958 22.998  1.00 30.52  ? 35   LYS A CG  1 
ATOM   99   N N   . THR A 1 36  ? -1.335  -12.276 18.415  1.00 26.78  ? 36   THR A N   1 
ATOM   100  C CA  . THR A 1 36  ? -1.495  -11.327 17.319  1.00 25.18  ? 36   THR A CA  1 
ATOM   101  C C   . THR A 1 36  ? -2.651  -11.822 16.407  1.00 25.35  ? 36   THR A C   1 
ATOM   102  O O   . THR A 1 36  ? -2.862  -13.033 16.287  1.00 23.66  ? 36   THR A O   1 
ATOM   103  C CB  . THR A 1 36  ? -0.164  -11.147 16.562  1.00 25.73  ? 36   THR A CB  1 
ATOM   104  O OG1 . THR A 1 36  ? 0.789   -10.512 17.439  1.00 28.32  ? 36   THR A OG1 1 
ATOM   105  C CG2 . THR A 1 36  ? -0.375  -10.284 15.339  1.00 27.48  ? 36   THR A CG2 1 
ATOM   106  N N   . LYS A 1 37  ? -3.416  -10.892 15.815  1.00 26.55  ? 37   LYS A N   1 
ATOM   107  C CA  . LYS A 1 37  ? -4.521  -11.211 14.870  1.00 27.14  ? 37   LYS A CA  1 
ATOM   108  C C   . LYS A 1 37  ? -4.244  -10.506 13.540  1.00 26.21  ? 37   LYS A C   1 
ATOM   109  O O   . LYS A 1 37  ? -3.509  -9.501  13.497  1.00 24.48  ? 37   LYS A O   1 
ATOM   110  C CB  . LYS A 1 37  ? -5.895  -10.739 15.404  1.00 29.38  ? 37   LYS A CB  1 
ATOM   111  N N   . ILE A 1 38  ? -4.813  -11.045 12.472  1.00 22.86  ? 38   ILE A N   1 
ATOM   112  C CA  . ILE A 1 38  ? -4.830  -10.386 11.186  1.00 23.28  ? 38   ILE A CA  1 
ATOM   113  C C   . ILE A 1 38  ? -6.266  -10.186 10.680  1.00 22.06  ? 38   ILE A C   1 
ATOM   114  O O   . ILE A 1 38  ? -7.193  -10.861 11.091  1.00 22.64  ? 38   ILE A O   1 
ATOM   115  C CB  . ILE A 1 38  ? -3.990  -11.120 10.133  1.00 23.43  ? 38   ILE A CB  1 
ATOM   116  C CG1 . ILE A 1 38  ? -4.499  -12.544 9.938   1.00 24.66  ? 38   ILE A CG1 1 
ATOM   117  C CG2 . ILE A 1 38  ? -2.495  -11.099 10.528  1.00 23.07  ? 38   ILE A CG2 1 
ATOM   118  C CD1 . ILE A 1 38  ? -3.929  -13.203 8.693   1.00 26.02  ? 38   ILE A CD1 1 
ATOM   119  N N   . VAL A 1 39  ? -6.442  -9.195  9.839   1.00 20.38  ? 39   VAL A N   1 
ATOM   120  C CA  . VAL A 1 39  ? -7.664  -9.046  9.109   1.00 20.19  ? 39   VAL A CA  1 
ATOM   121  C C   . VAL A 1 39  ? -7.298  -9.056  7.631   1.00 18.30  ? 39   VAL A C   1 
ATOM   122  O O   . VAL A 1 39  ? -6.440  -8.328  7.204   1.00 19.43  ? 39   VAL A O   1 
ATOM   123  C CB  . VAL A 1 39  ? -8.430  -7.767  9.530   1.00 19.58  ? 39   VAL A CB  1 
ATOM   124  C CG1 . VAL A 1 39  ? -9.693  -7.594  8.712   1.00 19.46  ? 39   VAL A CG1 1 
ATOM   125  C CG2 . VAL A 1 39  ? -8.778  -7.818  11.023  1.00 20.55  ? 39   VAL A CG2 1 
ATOM   126  N N   . LEU A 1 40  ? -7.955  -9.897  6.852   1.00 18.32  ? 40   LEU A N   1 
ATOM   127  C CA  . LEU A 1 40  ? -7.843  -9.877  5.403   1.00 18.83  ? 40   LEU A CA  1 
ATOM   128  C C   . LEU A 1 40  ? -9.121  -9.428  4.787   1.00 19.76  ? 40   LEU A C   1 
ATOM   129  O O   . LEU A 1 40  ? -10.172 -9.987  5.102   1.00 19.02  ? 40   LEU A O   1 
ATOM   130  C CB  . LEU A 1 40  ? -7.540  -11.256 4.852   1.00 21.45  ? 40   LEU A CB  1 
ATOM   131  C CG  . LEU A 1 40  ? -6.098  -11.737 5.023   1.00 22.77  ? 40   LEU A CG  1 
ATOM   132  C CD1 . LEU A 1 40  ? -6.068  -13.219 4.715   1.00 23.79  ? 40   LEU A CD1 1 
ATOM   133  C CD2 . LEU A 1 40  ? -5.124  -10.968 4.085   1.00 22.02  ? 40   LEU A CD2 1 
ATOM   134  N N   . GLU A 1 41  ? -9.028  -8.433  3.890   1.00 19.99  ? 41   GLU A N   1 
ATOM   135  C CA  . GLU A 1 41  ? -10.171 -7.950  3.111   1.00 22.03  ? 41   GLU A CA  1 
ATOM   136  C C   . GLU A 1 41  ? -9.904  -8.114  1.593   1.00 25.37  ? 41   GLU A C   1 
ATOM   137  O O   . GLU A 1 41  ? -8.911  -7.556  1.061   1.00 26.11  ? 41   GLU A O   1 
ATOM   138  C CB  . GLU A 1 41  ? -10.432 -6.469  3.394   1.00 21.99  ? 41   GLU A CB  1 
ATOM   139  C CG  . GLU A 1 41  ? -11.588 -5.955  2.575   1.00 22.61  ? 41   GLU A CG  1 
ATOM   140  C CD  . GLU A 1 41  ? -12.114 -4.636  3.030   1.00 23.72  ? 41   GLU A CD  1 
ATOM   141  O OE1 . GLU A 1 41  ? -11.331 -3.917  3.661   1.00 25.65  ? 41   GLU A OE1 1 
ATOM   142  O OE2 . GLU A 1 41  ? -13.304 -4.308  2.730   1.00 25.74  ? 41   GLU A OE2 1 
ATOM   143  N N   . SER A 1 42  ? -10.780 -8.843  0.917   1.00 24.93  ? 42   SER A N   1 
ATOM   144  C CA  . SER A 1 42  ? -10.623 -9.126  -0.497  1.00 30.00  ? 42   SER A CA  1 
ATOM   145  C C   . SER A 1 42  ? -11.179 -7.964  -1.328  1.00 27.88  ? 42   SER A C   1 
ATOM   146  O O   . SER A 1 42  ? -12.085 -7.283  -0.895  1.00 27.50  ? 42   SER A O   1 
ATOM   147  C CB  . SER A 1 42  ? -11.277 -10.472 -0.899  1.00 29.02  ? 42   SER A CB  1 
ATOM   148  O OG  . SER A 1 42  ? -12.651 -10.491 -0.600  1.00 33.39  ? 42   SER A OG  1 
ATOM   149  N N   . LYS A 1 43  ? -10.603 -7.765  -2.519  1.00 29.50  ? 43   LYS A N   1 
ATOM   150  C CA  . LYS A 1 43  ? -10.965 -6.687  -3.459  1.00 27.10  ? 43   LYS A CA  1 
ATOM   151  C C   . LYS A 1 43  ? -11.113 -5.350  -2.671  1.00 26.65  ? 43   LYS A C   1 
ATOM   152  O O   . LYS A 1 43  ? -12.105 -4.657  -2.778  1.00 23.27  ? 43   LYS A O   1 
ATOM   153  C CB  . LYS A 1 43  ? -12.216 -7.082  -4.312  1.00 27.19  ? 43   LYS A CB  1 
ATOM   154  N N   . PRO A 1 44  ? -10.080 -4.963  -1.894  1.00 27.10  ? 44   PRO A N   1 
ATOM   155  C CA  . PRO A 1 44  ? -10.222 -3.729  -1.104  1.00 25.88  ? 44   PRO A CA  1 
ATOM   156  C C   . PRO A 1 44  ? -10.296 -2.448  -1.944  1.00 26.34  ? 44   PRO A C   1 
ATOM   157  O O   . PRO A 1 44  ? -9.732  -2.410  -3.053  1.00 29.74  ? 44   PRO A O   1 
ATOM   158  C CB  . PRO A 1 44  ? -8.920  -3.715  -0.300  1.00 26.87  ? 44   PRO A CB  1 
ATOM   159  C CG  . PRO A 1 44  ? -7.921  -4.326  -1.266  1.00 26.00  ? 44   PRO A CG  1 
ATOM   160  C CD  . PRO A 1 44  ? -8.675  -5.410  -1.960  1.00 25.43  ? 44   PRO A CD  1 
ATOM   161  N N   . ASP A 1 45  ? -10.941 -1.399  -1.403  1.00 25.72  ? 45   ASP A N   1 
ATOM   162  C CA  . ASP A 1 45  ? -10.831 -0.029  -1.922  1.00 23.32  ? 45   ASP A CA  1 
ATOM   163  C C   . ASP A 1 45  ? -9.563  0.565   -1.321  1.00 21.91  ? 45   ASP A C   1 
ATOM   164  O O   . ASP A 1 45  ? -9.405  0.613   -0.099  1.00 19.81  ? 45   ASP A O   1 
ATOM   165  C CB  . ASP A 1 45  ? -12.048 0.860   -1.599  1.00 23.99  ? 45   ASP A CB  1 
ATOM   166  C CG  . ASP A 1 45  ? -11.932 2.242   -2.238  1.00 26.91  ? 45   ASP A CG  1 
ATOM   167  O OD1 . ASP A 1 45  ? -12.251 2.409   -3.424  1.00 37.72  ? 45   ASP A OD1 1 
ATOM   168  O OD2 . ASP A 1 45  ? -11.479 3.175   -1.586  1.00 29.88  ? 45   ASP A OD2 1 
ATOM   169  N N   . LYS A 1 46  ? -8.640  0.990   -2.189  1.00 22.88  ? 46   LYS A N   1 
ATOM   170  C CA  . LYS A 1 46  ? -7.305  1.439   -1.761  1.00 23.79  ? 46   LYS A CA  1 
ATOM   171  C C   . LYS A 1 46  ? -7.343  2.736   -0.906  1.00 24.39  ? 46   LYS A C   1 
ATOM   172  O O   . LYS A 1 46  ? -6.660  2.842   0.093   1.00 23.18  ? 46   LYS A O   1 
ATOM   173  C CB  . LYS A 1 46  ? -6.372  1.573   -2.970  1.00 24.50  ? 46   LYS A CB  1 
ATOM   174  C CG  . LYS A 1 46  ? -5.858  0.254   -3.509  1.00 25.70  ? 46   LYS A CG  1 
ATOM   175  C CD  . LYS A 1 46  ? -4.794  0.482   -4.583  1.00 28.86  ? 46   LYS A CD  1 
ATOM   176  C CE  . LYS A 1 46  ? -4.261  -0.824  -5.150  1.00 31.50  ? 46   LYS A CE  1 
ATOM   177  N NZ  . LYS A 1 46  ? -5.247  -1.647  -5.909  1.00 33.62  ? 46   LYS A NZ  1 
ATOM   178  N N   . ASN A 1 47  ? -8.218  3.673   -1.251  1.00 27.22  ? 47   ASN A N   1 
ATOM   179  C CA  . ASN A 1 47  ? -8.437  4.880   -0.439  1.00 28.75  ? 47   ASN A CA  1 
ATOM   180  C C   . ASN A 1 47  ? -8.892  4.606   0.981   1.00 28.71  ? 47   ASN A C   1 
ATOM   181  O O   . ASN A 1 47  ? -8.310  5.130   1.942   1.00 33.70  ? 47   ASN A O   1 
ATOM   182  C CB  . ASN A 1 47  ? -9.490  5.779   -1.080  1.00 33.57  ? 47   ASN A CB  1 
ATOM   183  C CG  . ASN A 1 47  ? -9.108  6.187   -2.456  1.00 37.59  ? 47   ASN A CG  1 
ATOM   184  O OD1 . ASN A 1 47  ? -9.293  5.435   -3.404  1.00 49.02  ? 47   ASN A OD1 1 
ATOM   185  N ND2 . ASN A 1 47  ? -8.542  7.356   -2.580  1.00 40.26  ? 47   ASN A ND2 1 
ATOM   186  N N   . ILE A 1 48  ? -9.952  3.813   1.086   1.00 28.15  ? 48   ILE A N   1 
ATOM   187  C CA  . ILE A 1 48  ? -10.475 3.385   2.385   1.00 26.11  ? 48   ILE A CA  1 
ATOM   188  C C   . ILE A 1 48  ? -9.317  2.754   3.115   1.00 23.04  ? 48   ILE A C   1 
ATOM   189  O O   . ILE A 1 48  ? -9.074  3.090   4.274   1.00 23.52  ? 48   ILE A O   1 
ATOM   190  C CB  . ILE A 1 48  ? -11.592 2.335   2.263   1.00 27.81  ? 48   ILE A CB  1 
ATOM   191  C CG1 . ILE A 1 48  ? -12.749 2.847   1.393   1.00 34.20  ? 48   ILE A CG1 1 
ATOM   192  C CG2 . ILE A 1 48  ? -12.115 1.935   3.644   1.00 26.86  ? 48   ILE A CG2 1 
ATOM   193  C CD1 . ILE A 1 48  ? -13.321 4.174   1.834   1.00 35.39  ? 48   ILE A CD1 1 
ATOM   194  N N   . PHE A 1 49  ? -8.565  1.881   2.425   1.00 22.21  ? 49   PHE A N   1 
ATOM   195  C CA  . PHE A 1 49  ? -7.409  1.196   3.042   1.00 19.96  ? 49   PHE A CA  1 
ATOM   196  C C   . PHE A 1 49  ? -6.415  2.176   3.612   1.00 20.68  ? 49   PHE A C   1 
ATOM   197  O O   . PHE A 1 49  ? -5.981  1.985   4.758   1.00 18.89  ? 49   PHE A O   1 
ATOM   198  C CB  . PHE A 1 49  ? -6.705  0.243   2.093   1.00 19.22  ? 49   PHE A CB  1 
ATOM   199  C CG  . PHE A 1 49  ? -5.348  -0.218  2.554   1.00 18.99  ? 49   PHE A CG  1 
ATOM   200  C CD1 . PHE A 1 49  ? -5.209  -1.383  3.314   1.00 19.78  ? 49   PHE A CD1 1 
ATOM   201  C CD2 . PHE A 1 49  ? -4.197  0.458   2.144   1.00 19.36  ? 49   PHE A CD2 1 
ATOM   202  C CE1 . PHE A 1 49  ? -3.952  -1.843  3.702   1.00 18.96  ? 49   PHE A CE1 1 
ATOM   203  C CE2 . PHE A 1 49  ? -2.937  0.015   2.526   1.00 19.27  ? 49   PHE A CE2 1 
ATOM   204  C CZ  . PHE A 1 49  ? -2.818  -1.157  3.290   1.00 20.26  ? 49   PHE A CZ  1 
ATOM   205  N N   . TYR A 1 50  ? -6.021  3.184   2.829   1.00 21.29  ? 50   TYR A N   1 
ATOM   206  C CA  . TYR A 1 50  ? -5.090  4.161   3.359   1.00 22.11  ? 50   TYR A CA  1 
ATOM   207  C C   . TYR A 1 50  ? -5.668  5.000   4.481   1.00 24.90  ? 50   TYR A C   1 
ATOM   208  O O   . TYR A 1 50  ? -4.915  5.380   5.346   1.00 25.15  ? 50   TYR A O   1 
ATOM   209  C CB  . TYR A 1 50  ? -4.442  5.041   2.275   1.00 23.01  ? 50   TYR A CB  1 
ATOM   210  C CG  . TYR A 1 50  ? -3.336  4.295   1.520   1.00 21.12  ? 50   TYR A CG  1 
ATOM   211  C CD1 . TYR A 1 50  ? -2.086  4.100   2.086   1.00 22.72  ? 50   TYR A CD1 1 
ATOM   212  C CD2 . TYR A 1 50  ? -3.559  3.748   0.271   1.00 21.41  ? 50   TYR A CD2 1 
ATOM   213  C CE1 . TYR A 1 50  ? -1.077  3.404   1.414   1.00 23.12  ? 50   TYR A CE1 1 
ATOM   214  C CE2 . TYR A 1 50  ? -2.555  3.041   -0.402  1.00 22.84  ? 50   TYR A CE2 1 
ATOM   215  C CZ  . TYR A 1 50  ? -1.324  2.878   0.163   1.00 22.49  ? 50   TYR A CZ  1 
ATOM   216  O OH  . TYR A 1 50  ? -0.335  2.182   -0.515  1.00 24.44  ? 50   TYR A OH  1 
ATOM   217  N N   . SER A 1 51  ? -6.978  5.303   4.463   1.00 29.53  ? 51   SER A N   1 
ATOM   218  C CA  . SER A 1 51  ? -7.662  5.971   5.607   1.00 28.97  ? 51   SER A CA  1 
ATOM   219  C C   . SER A 1 51  ? -7.782  5.098   6.860   1.00 28.43  ? 51   SER A C   1 
ATOM   220  O O   . SER A 1 51  ? -7.896  5.597   7.981   1.00 27.47  ? 51   SER A O   1 
ATOM   221  C CB  . SER A 1 51  ? -9.118  6.253   5.228   1.00 30.69  ? 51   SER A CB  1 
ATOM   222  O OG  . SER A 1 51  ? -9.183  7.335   4.343   1.00 38.26  ? 51   SER A OG  1 
ATOM   223  N N   . ASP A 1 52  ? -7.884  3.789   6.681   1.00 24.35  ? 52   ASP A N   1 
ATOM   224  C CA  . ASP A 1 52  ? -8.279  2.980   7.813   1.00 25.56  ? 52   ASP A CA  1 
ATOM   225  C C   . ASP A 1 52  ? -7.382  3.121   9.041   1.00 25.26  ? 52   ASP A C   1 
ATOM   226  O O   . ASP A 1 52  ? -6.171  3.279   8.952   1.00 21.41  ? 52   ASP A O   1 
ATOM   227  C CB  . ASP A 1 52  ? -8.337  1.509   7.450   1.00 25.78  ? 52   ASP A CB  1 
ATOM   228  C CG  . ASP A 1 52  ? -9.575  1.131   6.729   1.00 25.16  ? 52   ASP A CG  1 
ATOM   229  O OD1 . ASP A 1 52  ? -10.617 1.716   7.053   1.00 25.80  ? 52   ASP A OD1 1 
ATOM   230  O OD2 . ASP A 1 52  ? -9.504  0.176   5.903   1.00 23.71  ? 52   ASP A OD2 1 
ATOM   231  N N   . ASN A 1 53  ? -8.022  2.981   10.192  1.00 28.90  ? 53   ASN A N   1 
ATOM   232  C CA  . ASN A 1 53  ? -7.339  2.785   11.459  1.00 29.41  ? 53   ASN A CA  1 
ATOM   233  C C   . ASN A 1 53  ? -7.915  1.512   12.054  1.00 31.59  ? 53   ASN A C   1 
ATOM   234  O O   . ASN A 1 53  ? -8.720  0.812   11.387  1.00 29.70  ? 53   ASN A O   1 
ATOM   235  C CB  . ASN A 1 53  ? -7.585  3.968   12.384  1.00 32.39  ? 53   ASN A CB  1 
ATOM   236  C CG  . ASN A 1 53  ? -9.066  4.331   12.509  1.00 34.55  ? 53   ASN A CG  1 
ATOM   237  O OD1 . ASN A 1 53  ? -9.966  3.514   12.379  1.00 35.70  ? 53   ASN A OD1 1 
ATOM   238  N ND2 . ASN A 1 53  ? -9.307  5.576   12.758  1.00 41.61  ? 53   ASN A ND2 1 
ATOM   239  N N   . TYR A 1 54  ? -7.547  1.232   13.304  1.00 34.45  ? 54   TYR A N   1 
ATOM   240  C CA  . TYR A 1 54  ? -8.043  0.059   14.008  1.00 39.39  ? 54   TYR A CA  1 
ATOM   241  C C   . TYR A 1 54  ? -9.605  0.022   14.115  1.00 38.56  ? 54   TYR A C   1 
ATOM   242  O O   . TYR A 1 54  ? -10.209 -1.038  13.861  1.00 34.49  ? 54   TYR A O   1 
ATOM   243  C CB  . TYR A 1 54  ? -7.299  -0.158  15.357  1.00 44.80  ? 54   TYR A CB  1 
ATOM   244  C CG  . TYR A 1 54  ? -7.990  -1.190  16.244  1.00 58.61  ? 54   TYR A CG  1 
ATOM   245  C CD1 . TYR A 1 54  ? -7.922  -2.557  15.943  1.00 63.30  ? 54   TYR A CD1 1 
ATOM   246  C CD2 . TYR A 1 54  ? -8.778  -0.799  17.353  1.00 65.67  ? 54   TYR A CD2 1 
ATOM   247  C CE1 . TYR A 1 54  ? -8.587  -3.509  16.725  1.00 65.18  ? 54   TYR A CE1 1 
ATOM   248  C CE2 . TYR A 1 54  ? -9.445  -1.753  18.139  1.00 68.33  ? 54   TYR A CE2 1 
ATOM   249  C CZ  . TYR A 1 54  ? -9.344  -3.109  17.818  1.00 67.11  ? 54   TYR A CZ  1 
ATOM   250  O OH  . TYR A 1 54  ? -9.988  -4.074  18.567  1.00 71.04  ? 54   TYR A OH  1 
ATOM   251  N N   . GLN A 1 55  ? -10.265 1.151   14.431  1.00 36.02  ? 55   GLN A N   1 
ATOM   252  C CA  . GLN A 1 55  ? -11.740 1.174   14.586  1.00 31.25  ? 55   GLN A CA  1 
ATOM   253  C C   . GLN A 1 55  ? -12.471 0.941   13.254  1.00 33.05  ? 55   GLN A C   1 
ATOM   254  O O   . GLN A 1 55  ? -13.410 0.142   13.172  1.00 33.31  ? 55   GLN A O   1 
ATOM   255  C CB  . GLN A 1 55  ? -12.234 2.483   15.259  1.00 30.99  ? 55   GLN A CB  1 
ATOM   256  N N   . SER A 1 56  ? -12.032 1.615   12.195  1.00 30.58  ? 56   SER A N   1 
ATOM   257  C CA  . SER A 1 56  ? -12.707 1.499   10.920  1.00 28.38  ? 56   SER A CA  1 
ATOM   258  C C   . SER A 1 56  ? -12.688 0.073   10.389  1.00 28.43  ? 56   SER A C   1 
ATOM   259  O O   . SER A 1 56  ? -13.711 -0.436  9.932   1.00 29.46  ? 56   SER A O   1 
ATOM   260  C CB  . SER A 1 56  ? -12.136 2.497   9.899   1.00 27.96  ? 56   SER A CB  1 
ATOM   261  O OG  . SER A 1 56  ? -10.740 2.354   9.644   1.00 26.73  ? 56   SER A OG  1 
ATOM   262  N N   . ILE A 1 57  ? -11.538 -0.592  10.449  1.00 30.48  ? 57   ILE A N   1 
ATOM   263  C CA  . ILE A 1 57  ? -11.470 -1.976  9.940   1.00 28.69  ? 57   ILE A CA  1 
ATOM   264  C C   . ILE A 1 57  ? -12.187 -2.949  10.883  1.00 28.98  ? 57   ILE A C   1 
ATOM   265  O O   . ILE A 1 57  ? -12.825 -3.897  10.420  1.00 24.96  ? 57   ILE A O   1 
ATOM   266  C CB  . ILE A 1 57  ? -10.025 -2.439  9.575   1.00 28.84  ? 57   ILE A CB  1 
ATOM   267  C CG1 . ILE A 1 57  ? -10.062 -3.833  8.950   1.00 28.84  ? 57   ILE A CG1 1 
ATOM   268  C CG2 . ILE A 1 57  ? -9.089  -2.501  10.761  1.00 27.94  ? 57   ILE A CG2 1 
ATOM   269  C CD1 . ILE A 1 57  ? -10.756 -3.880  7.617   1.00 32.24  ? 57   ILE A CD1 1 
ATOM   270  N N   . SER A 1 58  ? -12.071 -2.715  12.195  1.00 28.75  ? 58   SER A N   1 
ATOM   271  C CA  . SER A 1 58  ? -12.875 -3.417  13.176  1.00 31.34  ? 58   SER A CA  1 
ATOM   272  C C   . SER A 1 58  ? -14.360 -3.404  12.893  1.00 30.86  ? 58   SER A C   1 
ATOM   273  O O   . SER A 1 58  ? -14.974 -4.445  13.032  1.00 30.43  ? 58   SER A O   1 
ATOM   274  C CB  . SER A 1 58  ? -12.657 -2.838  14.569  1.00 35.57  ? 58   SER A CB  1 
ATOM   275  O OG  . SER A 1 58  ? -11.370 -3.209  14.985  1.00 37.19  ? 58   SER A OG  1 
ATOM   276  N N   . GLN A 1 59  ? -14.922 -2.254  12.501  1.00 29.14  ? 59   GLN A N   1 
ATOM   277  C CA  . GLN A 1 59  ? -16.367 -2.166  12.169  1.00 31.31  ? 59   GLN A CA  1 
ATOM   278  C C   . GLN A 1 59  ? -16.768 -2.978  10.951  1.00 31.57  ? 59   GLN A C   1 
ATOM   279  O O   . GLN A 1 59  ? -17.951 -3.198  10.738  1.00 33.01  ? 59   GLN A O   1 
ATOM   280  C CB  . GLN A 1 59  ? -16.852 -0.702  11.963  1.00 30.20  ? 59   GLN A CB  1 
ATOM   281  N N   . ARG A 1 60  ? -15.797 -3.383  10.131  1.00 31.66  ? 60   ARG A N   1 
ATOM   282  C CA  . ARG A 1 60  ? -16.073 -4.143  8.934   1.00 32.44  ? 60   ARG A CA  1 
ATOM   283  C C   . ARG A 1 60  ? -15.898 -5.645  9.134   1.00 30.95  ? 60   ARG A C   1 
ATOM   284  O O   . ARG A 1 60  ? -16.076 -6.420  8.185   1.00 27.59  ? 60   ARG A O   1 
ATOM   285  C CB  . ARG A 1 60  ? -15.180 -3.655  7.778   1.00 35.36  ? 60   ARG A CB  1 
ATOM   286  C CG  . ARG A 1 60  ? -15.421 -2.197  7.405   1.00 36.31  ? 60   ARG A CG  1 
ATOM   287  C CD  . ARG A 1 60  ? -15.197 -1.941  5.912   1.00 34.69  ? 60   ARG A CD  1 
ATOM   288  N NE  . ARG A 1 60  ? -13.828 -2.228  5.464   1.00 36.54  ? 60   ARG A NE  1 
ATOM   289  C CZ  . ARG A 1 60  ? -12.784 -1.418  5.637   1.00 35.58  ? 60   ARG A CZ  1 
ATOM   290  N NH1 . ARG A 1 60  ? -12.923 -0.276  6.314   1.00 39.28  ? 60   ARG A NH1 1 
ATOM   291  N NH2 . ARG A 1 60  ? -11.581 -1.764  5.184   1.00 33.52  ? 60   ARG A NH2 1 
ATOM   292  N N   . ALA A 1 61  ? -15.566 -6.073  10.361  1.00 35.55  ? 61   ALA A N   1 
ATOM   293  C CA  . ALA A 1 61  ? -15.303 -7.500  10.646  1.00 36.61  ? 61   ALA A CA  1 
ATOM   294  C C   . ALA A 1 61  ? -16.412 -8.409  10.134  1.00 37.03  ? 61   ALA A C   1 
ATOM   295  O O   . ALA A 1 61  ? -16.120 -9.513  9.663   1.00 39.66  ? 61   ALA A O   1 
ATOM   296  C CB  . ALA A 1 61  ? -15.068 -7.732  12.131  1.00 38.08  ? 61   ALA A CB  1 
ATOM   297  N N   . ALA A 1 62  ? -17.655 -7.917  10.161  1.00 37.12  ? 62   ALA A N   1 
ATOM   298  C CA  . ALA A 1 62  ? -18.842 -8.700  9.775   1.00 37.71  ? 62   ALA A CA  1 
ATOM   299  C C   . ALA A 1 62  ? -19.179 -8.705  8.286   1.00 39.64  ? 62   ALA A C   1 
ATOM   300  O O   . ALA A 1 62  ? -20.154 -9.373  7.889   1.00 35.48  ? 62   ALA A O   1 
ATOM   301  C CB  . ALA A 1 62  ? -20.069 -8.205  10.541  1.00 39.83  ? 62   ALA A CB  1 
ATOM   302  N N   . ASP A 1 63  ? -18.433 -7.946  7.469   1.00 36.35  ? 63   ASP A N   1 
ATOM   303  C CA  . ASP A 1 63  ? -18.687 -7.911  6.033   1.00 33.17  ? 63   ASP A CA  1 
ATOM   304  C C   . ASP A 1 63  ? -18.294 -9.234  5.404   1.00 30.47  ? 63   ASP A C   1 
ATOM   305  O O   . ASP A 1 63  ? -17.379 -9.910  5.891   1.00 27.47  ? 63   ASP A O   1 
ATOM   306  C CB  . ASP A 1 63  ? -17.905 -6.780  5.357   1.00 36.10  ? 63   ASP A CB  1 
ATOM   307  C CG  . ASP A 1 63  ? -18.384 -5.398  5.769   1.00 36.41  ? 63   ASP A CG  1 
ATOM   308  O OD1 . ASP A 1 63  ? -19.305 -5.310  6.567   1.00 36.82  ? 63   ASP A OD1 1 
ATOM   309  O OD2 . ASP A 1 63  ? -17.811 -4.394  5.311   1.00 38.95  ? 63   ASP A OD2 1 
ATOM   310  N N   . ASP A 1 64  ? -18.953 -9.583  4.301   1.00 28.53  ? 64   ASP A N   1 
ATOM   311  C CA  . ASP A 1 64  ? -18.763 -10.879 3.686   1.00 34.02  ? 64   ASP A CA  1 
ATOM   312  C C   . ASP A 1 64  ? -17.343 -11.013 3.202   1.00 32.29  ? 64   ASP A C   1 
ATOM   313  O O   . ASP A 1 64  ? -16.797 -12.109 3.185   1.00 27.36  ? 64   ASP A O   1 
ATOM   314  C CB  . ASP A 1 64  ? -19.689 -11.110 2.478   1.00 42.19  ? 64   ASP A CB  1 
ATOM   315  C CG  . ASP A 1 64  ? -21.166 -10.882 2.810   1.00 51.61  ? 64   ASP A CG  1 
ATOM   316  O OD1 . ASP A 1 64  ? -21.581 -11.111 3.983   1.00 49.27  ? 64   ASP A OD1 1 
ATOM   317  O OD2 . ASP A 1 64  ? -21.910 -10.464 1.880   1.00 61.03  ? 64   ASP A OD2 1 
ATOM   318  N N   . ASN A 1 65  ? -16.749 -9.891  2.799   1.00 29.46  ? 65   ASN A N   1 
ATOM   319  C CA  . ASN A 1 65  ? -15.452 -9.957  2.163   1.00 30.64  ? 65   ASN A CA  1 
ATOM   320  C C   . ASN A 1 65  ? -14.270 -9.736  3.148   1.00 28.81  ? 65   ASN A C   1 
ATOM   321  O O   . ASN A 1 65  ? -13.112 -9.700  2.716   1.00 29.82  ? 65   ASN A O   1 
ATOM   322  C CB  . ASN A 1 65  ? -15.446 -9.075  0.890   1.00 31.06  ? 65   ASN A CB  1 
ATOM   323  C CG  . ASN A 1 65  ? -15.434 -7.589  1.181   1.00 33.40  ? 65   ASN A CG  1 
ATOM   324  O OD1 . ASN A 1 65  ? -16.139 -7.074  2.053   1.00 35.52  ? 65   ASN A OD1 1 
ATOM   325  N ND2 . ASN A 1 65  ? -14.626 -6.864  0.407   1.00 37.93  ? 65   ASN A ND2 1 
ATOM   326  N N   . VAL A 1 66  ? -14.586 -9.622  4.451   1.00 26.92  ? 66   VAL A N   1 
ATOM   327  C CA  . VAL A 1 66  ? -13.611 -9.450  5.531   1.00 27.37  ? 66   VAL A CA  1 
ATOM   328  C C   . VAL A 1 66  ? -13.475 -10.687 6.479   1.00 31.57  ? 66   VAL A C   1 
ATOM   329  O O   . VAL A 1 66  ? -14.474 -11.368 6.801   1.00 35.29  ? 66   VAL A O   1 
ATOM   330  C CB  . VAL A 1 66  ? -13.891 -8.177  6.329   1.00 27.49  ? 66   VAL A CB  1 
ATOM   331  C CG1 . VAL A 1 66  ? -12.786 -7.931  7.353   1.00 26.14  ? 66   VAL A CG1 1 
ATOM   332  C CG2 . VAL A 1 66  ? -13.961 -6.988  5.376   1.00 28.72  ? 66   VAL A CG2 1 
ATOM   333  N N   . LYS A 1 67  ? -12.220 -11.017 6.857   1.00 28.24  ? 67   LYS A N   1 
ATOM   334  C CA  . LYS A 1 67  ? -11.927 -12.252 7.573   1.00 27.30  ? 67   LYS A CA  1 
ATOM   335  C C   . LYS A 1 67  ? -10.860 -11.947 8.607   1.00 26.42  ? 67   LYS A C   1 
ATOM   336  O O   . LYS A 1 67  ? -9.728  -11.556 8.269   1.00 25.02  ? 67   LYS A O   1 
ATOM   337  C CB  . LYS A 1 67  ? -11.488 -13.362 6.597   1.00 29.24  ? 67   LYS A CB  1 
ATOM   338  C CG  . LYS A 1 67  ? -11.435 -14.803 7.116   1.00 31.12  ? 67   LYS A CG  1 
ATOM   339  N N   . ALA A 1 68  ? -11.231 -12.091 9.870   1.00 23.07  ? 68   ALA A N   1 
ATOM   340  C CA  . ALA A 1 68  ? -10.277 -11.997 10.974  1.00 25.05  ? 68   ALA A CA  1 
ATOM   341  C C   . ALA A 1 68  ? -9.791  -13.378 11.350  1.00 26.42  ? 68   ALA A C   1 
ATOM   342  O O   . ALA A 1 68  ? -10.572 -14.339 11.381  1.00 30.02  ? 68   ALA A O   1 
ATOM   343  C CB  . ALA A 1 68  ? -10.904 -11.299 12.171  1.00 30.00  ? 68   ALA A CB  1 
ATOM   344  N N   . LEU A 1 69  ? -8.495  -13.471 11.622  1.00 29.36  ? 69   LEU A N   1 
ATOM   345  C CA  . LEU A 1 69  ? -7.835  -14.739 12.002  1.00 29.07  ? 69   LEU A CA  1 
ATOM   346  C C   . LEU A 1 69  ? -6.824  -14.494 13.113  1.00 27.41  ? 69   LEU A C   1 
ATOM   347  O O   . LEU A 1 69  ? -6.095  -13.486 13.114  1.00 25.07  ? 69   LEU A O   1 
ATOM   348  C CB  . LEU A 1 69  ? -7.064  -15.303 10.827  1.00 30.31  ? 69   LEU A CB  1 
ATOM   349  C CG  . LEU A 1 69  ? -7.834  -15.664 9.563   1.00 32.33  ? 69   LEU A CG  1 
ATOM   350  C CD1 . LEU A 1 69  ? -6.905  -15.532 8.368   1.00 32.04  ? 69   LEU A CD1 1 
ATOM   351  C CD2 . LEU A 1 69  ? -8.336  -17.090 9.697   1.00 34.00  ? 69   LEU A CD2 1 
ATOM   352  N N   . ASN A 1 70  ? -6.744  -15.454 14.020  1.00 25.85  ? 70   ASN A N   1 
ATOM   353  C CA  . ASN A 1 70  ? -5.775  -15.419 15.090  1.00 26.77  ? 70   ASN A CA  1 
ATOM   354  C C   . ASN A 1 70  ? -4.539  -16.123 14.579  1.00 27.92  ? 70   ASN A C   1 
ATOM   355  O O   . ASN A 1 70  ? -4.646  -17.243 14.060  1.00 27.64  ? 70   ASN A O   1 
ATOM   356  C CB  . ASN A 1 70  ? -6.310  -16.124 16.341  1.00 26.71  ? 70   ASN A CB  1 
ATOM   357  C CG  . ASN A 1 70  ? -7.431  -15.352 17.014  1.00 25.97  ? 70   ASN A CG  1 
ATOM   358  O OD1 . ASN A 1 70  ? -7.467  -14.146 17.007  1.00 26.78  ? 70   ASN A OD1 1 
ATOM   359  N ND2 . ASN A 1 70  ? -8.360  -16.066 17.574  1.00 29.04  ? 70   ASN A ND2 1 
ATOM   360  N N   . LEU A 1 71  ? -3.366  -15.491 14.723  1.00 26.14  ? 71   LEU A N   1 
ATOM   361  C CA  . LEU A 1 71  ? -2.143  -16.131 14.281  1.00 25.13  ? 71   LEU A CA  1 
ATOM   362  C C   . LEU A 1 71  ? -1.608  -17.005 15.360  1.00 27.91  ? 71   LEU A C   1 
ATOM   363  O O   . LEU A 1 71  ? -1.607  -16.596 16.508  1.00 26.65  ? 71   LEU A O   1 
ATOM   364  C CB  . LEU A 1 71  ? -1.072  -15.097 13.990  1.00 24.77  ? 71   LEU A CB  1 
ATOM   365  C CG  . LEU A 1 71  ? -1.342  -14.110 12.889  1.00 23.46  ? 71   LEU A CG  1 
ATOM   366  C CD1 . LEU A 1 71  ? -0.073  -13.275 12.763  1.00 23.13  ? 71   LEU A CD1 1 
ATOM   367  C CD2 . LEU A 1 71  ? -1.716  -14.858 11.616  1.00 22.31  ? 71   LEU A CD2 1 
ATOM   368  N N   . LYS A 1 72  ? -1.092  -18.181 15.008  1.00 30.12  ? 72   LYS A N   1 
ATOM   369  C CA  . LYS A 1 72  ? -0.347  -18.938 15.999  1.00 32.62  ? 72   LYS A CA  1 
ATOM   370  C C   . LYS A 1 72  ? 1.073   -18.359 16.083  1.00 31.01  ? 72   LYS A C   1 
ATOM   371  O O   . LYS A 1 72  ? 1.440   -17.523 15.256  1.00 25.51  ? 72   LYS A O   1 
ATOM   372  C CB  . LYS A 1 72  ? -0.389  -20.467 15.724  1.00 35.43  ? 72   LYS A CB  1 
ATOM   373  C CG  . LYS A 1 72  ? 0.503   -21.025 14.647  1.00 37.47  ? 72   LYS A CG  1 
ATOM   374  C CD  . LYS A 1 72  ? -0.041  -22.366 14.086  1.00 41.95  ? 72   LYS A CD  1 
ATOM   375  C CE  . LYS A 1 72  ? -0.180  -23.470 15.148  1.00 44.50  ? 72   LYS A CE  1 
ATOM   376  N NZ  . LYS A 1 72  ? -0.047  -24.909 14.658  1.00 43.60  ? 72   LYS A NZ  1 
ATOM   377  N N   . THR A 1 73  ? 1.821   -18.769 17.111  1.00 28.60  ? 73   THR A N   1 
ATOM   378  C CA  . THR A 1 73  ? 3.216   -18.406 17.272  1.00 30.30  ? 73   THR A CA  1 
ATOM   379  C C   . THR A 1 73  ? 4.006   -19.242 16.283  1.00 29.57  ? 73   THR A C   1 
ATOM   380  O O   . THR A 1 73  ? 3.636   -20.377 15.984  1.00 28.44  ? 73   THR A O   1 
ATOM   381  C CB  . THR A 1 73  ? 3.686   -18.588 18.733  1.00 32.11  ? 73   THR A CB  1 
ATOM   382  O OG1 . THR A 1 73  ? 2.917   -17.717 19.576  1.00 35.10  ? 73   THR A OG1 1 
ATOM   383  C CG2 . THR A 1 73  ? 5.071   -18.168 18.899  1.00 35.49  ? 73   THR A CG2 1 
ATOM   384  N N   . GLY A 1 74  ? 5.056   -18.667 15.710  1.00 28.13  ? 74   GLY A N   1 
ATOM   385  C CA  . GLY A 1 74  ? 5.806   -19.378 14.691  1.00 26.62  ? 74   GLY A CA  1 
ATOM   386  C C   . GLY A 1 74  ? 5.130   -19.245 13.336  1.00 27.76  ? 74   GLY A C   1 
ATOM   387  O O   . GLY A 1 74  ? 4.536   -18.189 13.061  1.00 25.89  ? 74   GLY A O   1 
ATOM   388  N N   . LYS A 1 75  ? 5.257   -20.272 12.490  1.00 25.26  ? 75   LYS A N   1 
ATOM   389  C CA  . LYS A 1 75  ? 4.925   -20.173 11.053  1.00 29.87  ? 75   LYS A CA  1 
ATOM   390  C C   . LYS A 1 75  ? 3.443   -20.283 10.776  1.00 33.30  ? 75   LYS A C   1 
ATOM   391  O O   . LYS A 1 75  ? 2.828   -21.204 11.251  1.00 38.13  ? 75   LYS A O   1 
ATOM   392  C CB  . LYS A 1 75  ? 5.624   -21.273 10.254  1.00 28.49  ? 75   LYS A CB  1 
ATOM   393  N N   . ASN A 1 76  ? 2.873   -19.336 10.029  1.00 34.05  ? 76   ASN A N   1 
ATOM   394  C CA  . ASN A 1 76  ? 1.469   -19.403 9.595   1.00 29.94  ? 76   ASN A CA  1 
ATOM   395  C C   . ASN A 1 76  ? 1.451   -19.239 8.114   1.00 30.13  ? 76   ASN A C   1 
ATOM   396  O O   . ASN A 1 76  ? 2.186   -18.392 7.591   1.00 23.83  ? 76   ASN A O   1 
ATOM   397  C CB  . ASN A 1 76  ? 0.660   -18.246 10.122  1.00 30.35  ? 76   ASN A CB  1 
ATOM   398  C CG  . ASN A 1 76  ? 0.644   -18.180 11.606  1.00 31.33  ? 76   ASN A CG  1 
ATOM   399  O OD1 . ASN A 1 76  ? -0.342  -18.577 12.230  1.00 35.64  ? 76   ASN A OD1 1 
ATOM   400  N ND2 . ASN A 1 76  ? 1.725   -17.636 12.202  1.00 29.38  ? 76   ASN A ND2 1 
ATOM   401  N N   . GLU A 1 77  ? 0.610   -20.019 7.440   1.00 27.73  ? 77   GLU A N   1 
ATOM   402  C CA  . GLU A 1 77  ? 0.514   -19.941 5.991   1.00 32.34  ? 77   GLU A CA  1 
ATOM   403  C C   . GLU A 1 77  ? -0.939  -19.872 5.712   1.00 32.12  ? 77   GLU A C   1 
ATOM   404  O O   . GLU A 1 77  ? -1.686  -20.626 6.281   1.00 28.45  ? 77   GLU A O   1 
ATOM   405  C CB  . GLU A 1 77  ? 1.101   -21.169 5.255   1.00 36.37  ? 77   GLU A CB  1 
ATOM   406  C CG  . GLU A 1 77  ? 2.560   -21.512 5.606   1.00 42.85  ? 77   GLU A CG  1 
ATOM   407  C CD  . GLU A 1 77  ? 3.205   -22.555 4.671   1.00 46.49  ? 77   GLU A CD  1 
ATOM   408  O OE1 . GLU A 1 77  ? 2.460   -23.261 3.936   1.00 45.47  ? 77   GLU A OE1 1 
ATOM   409  O OE2 . GLU A 1 77  ? 4.467   -22.665 4.682   1.00 44.62  ? 77   GLU A OE2 1 
ATOM   410  N N   . PHE A 1 78  ? -1.353  -18.970 4.840   1.00 34.25  ? 78   PHE A N   1 
ATOM   411  C CA  . PHE A 1 78  ? -2.726  -18.966 4.361   1.00 33.50  ? 78   PHE A CA  1 
ATOM   412  C C   . PHE A 1 78  ? -2.760  -18.889 2.859   1.00 34.34  ? 78   PHE A C   1 
ATOM   413  O O   . PHE A 1 78  ? -1.931  -18.200 2.262   1.00 28.58  ? 78   PHE A O   1 
ATOM   414  C CB  . PHE A 1 78  ? -3.476  -17.807 4.938   1.00 34.30  ? 78   PHE A CB  1 
ATOM   415  C CG  . PHE A 1 78  ? -3.375  -17.736 6.420   1.00 34.96  ? 78   PHE A CG  1 
ATOM   416  C CD1 . PHE A 1 78  ? -4.200  -18.525 7.217   1.00 34.32  ? 78   PHE A CD1 1 
ATOM   417  C CD2 . PHE A 1 78  ? -2.461  -16.894 7.021   1.00 30.58  ? 78   PHE A CD2 1 
ATOM   418  C CE1 . PHE A 1 78  ? -4.113  -18.458 8.605   1.00 35.73  ? 78   PHE A CE1 1 
ATOM   419  C CE2 . PHE A 1 78  ? -2.370  -16.827 8.397   1.00 32.79  ? 78   PHE A CE2 1 
ATOM   420  C CZ  . PHE A 1 78  ? -3.210  -17.593 9.200   1.00 32.55  ? 78   PHE A CZ  1 
ATOM   421  N N   . PRO A 1 79  ? -3.731  -19.591 2.252   1.00 35.02  ? 79   PRO A N   1 
ATOM   422  C CA  . PRO A 1 79  ? -3.923  -19.577 0.810   1.00 35.87  ? 79   PRO A CA  1 
ATOM   423  C C   . PRO A 1 79  ? -4.597  -18.296 0.430   1.00 32.76  ? 79   PRO A C   1 
ATOM   424  O O   . PRO A 1 79  ? -5.371  -17.775 1.227   1.00 34.86  ? 79   PRO A O   1 
ATOM   425  C CB  . PRO A 1 79  ? -4.894  -20.740 0.583   1.00 35.88  ? 79   PRO A CB  1 
ATOM   426  C CG  . PRO A 1 79  ? -5.733  -20.749 1.818   1.00 35.37  ? 79   PRO A CG  1 
ATOM   427  C CD  . PRO A 1 79  ? -4.810  -20.337 2.939   1.00 36.49  ? 79   PRO A CD  1 
ATOM   428  N N   . LEU A 1 80  ? -4.313  -17.782 -0.766  1.00 32.36  ? 80   LEU A N   1 
ATOM   429  C CA  . LEU A 1 80  ? -5.062  -16.634 -1.269  1.00 32.27  ? 80   LEU A CA  1 
ATOM   430  C C   . LEU A 1 80  ? -5.700  -17.063 -2.566  1.00 33.33  ? 80   LEU A C   1 
ATOM   431  O O   . LEU A 1 80  ? -5.024  -17.584 -3.439  1.00 33.20  ? 80   LEU A O   1 
ATOM   432  C CB  . LEU A 1 80  ? -4.176  -15.400 -1.479  1.00 29.44  ? 80   LEU A CB  1 
ATOM   433  C CG  . LEU A 1 80  ? -3.319  -14.854 -0.346  1.00 29.72  ? 80   LEU A CG  1 
ATOM   434  C CD1 . LEU A 1 80  ? -2.402  -13.713 -0.805  1.00 27.91  ? 80   LEU A CD1 1 
ATOM   435  C CD2 . LEU A 1 80  ? -4.190  -14.382 0.811   1.00 29.61  ? 80   LEU A CD2 1 
ATOM   436  N N   . ASP A 1 81  ? -7.001  -16.837 -2.679  1.00 34.84  ? 81   ASP A N   1 
ATOM   437  C CA  . ASP A 1 81  ? -7.766  -17.138 -3.873  1.00 37.09  ? 81   ASP A CA  1 
ATOM   438  C C   . ASP A 1 81  ? -7.220  -16.378 -5.081  1.00 36.49  ? 81   ASP A C   1 
ATOM   439  O O   . ASP A 1 81  ? -7.256  -15.160 -5.114  1.00 36.06  ? 81   ASP A O   1 
ATOM   440  C CB  . ASP A 1 81  ? -9.236  -16.766 -3.654  1.00 38.96  ? 81   ASP A CB  1 
ATOM   441  C CG  . ASP A 1 81  ? -10.154 -17.294 -4.746  1.00 42.52  ? 81   ASP A CG  1 
ATOM   442  O OD1 . ASP A 1 81  ? -9.720  -17.633 -5.864  1.00 45.31  ? 81   ASP A OD1 1 
ATOM   443  O OD2 . ASP A 1 81  ? -11.352 -17.346 -4.484  1.00 46.93  ? 81   ASP A OD2 1 
ATOM   444  N N   . LYS A 1 82  ? -6.764  -17.122 -6.082  1.00 36.91  ? 82   LYS A N   1 
ATOM   445  C CA  . LYS A 1 82  ? -6.208  -16.538 -7.300  1.00 37.97  ? 82   LYS A CA  1 
ATOM   446  C C   . LYS A 1 82  ? -7.259  -15.916 -8.204  1.00 38.04  ? 82   LYS A C   1 
ATOM   447  O O   . LYS A 1 82  ? -6.911  -15.125 -9.056  1.00 37.45  ? 82   LYS A O   1 
ATOM   448  C CB  . LYS A 1 82  ? -5.427  -17.583 -8.065  1.00 41.00  ? 82   LYS A CB  1 
ATOM   449  C CG  . LYS A 1 82  ? -4.087  -17.915 -7.428  1.00 45.01  ? 82   LYS A CG  1 
ATOM   450  C CD  . LYS A 1 82  ? -2.952  -17.070 -8.018  1.00 50.67  ? 82   LYS A CD  1 
ATOM   451  C CE  . LYS A 1 82  ? -1.594  -17.729 -7.766  1.00 52.85  ? 82   LYS A CE  1 
ATOM   452  N NZ  . LYS A 1 82  ? -0.578  -17.352 -8.789  1.00 55.67  ? 82   LYS A NZ  1 
ATOM   453  N N   . ASP A 1 83  ? -8.539  -16.241 -8.005  1.00 38.86  ? 83   ASP A N   1 
ATOM   454  C CA  . ASP A 1 83  ? -9.613  -15.559 -8.735  1.00 40.59  ? 83   ASP A CA  1 
ATOM   455  C C   . ASP A 1 83  ? -9.778  -14.108 -8.229  1.00 37.19  ? 83   ASP A C   1 
ATOM   456  O O   . ASP A 1 83  ? -10.458 -13.313 -8.874  1.00 38.87  ? 83   ASP A O   1 
ATOM   457  C CB  . ASP A 1 83  ? -10.936 -16.350 -8.649  1.00 40.74  ? 83   ASP A CB  1 
ATOM   458  N N   . ILE A 1 84  ? -9.148  -13.780 -7.094  1.00 37.51  ? 84   ILE A N   1 
ATOM   459  C CA  . ILE A 1 84  ? -9.087  -12.408 -6.537  1.00 36.29  ? 84   ILE A CA  1 
ATOM   460  C C   . ILE A 1 84  ? -7.646  -11.876 -6.592  1.00 33.68  ? 84   ILE A C   1 
ATOM   461  O O   . ILE A 1 84  ? -6.731  -12.494 -6.055  1.00 30.65  ? 84   ILE A O   1 
ATOM   462  C CB  . ILE A 1 84  ? -9.542  -12.380 -5.077  1.00 37.04  ? 84   ILE A CB  1 
ATOM   463  C CG1 . ILE A 1 84  ? -10.951 -12.953 -4.954  1.00 40.43  ? 84   ILE A CG1 1 
ATOM   464  C CG2 . ILE A 1 84  ? -9.487  -10.965 -4.526  1.00 35.93  ? 84   ILE A CG2 1 
ATOM   465  C CD1 . ILE A 1 84  ? -11.347 -13.252 -3.525  1.00 38.73  ? 84   ILE A CD1 1 
ATOM   466  N N   . LYS A 1 85  ? -7.449  -10.740 -7.256  1.00 33.02  ? 85   LYS A N   1 
ATOM   467  C CA  . LYS A 1 85  ? -6.103  -10.215 -7.522  1.00 32.16  ? 85   LYS A CA  1 
ATOM   468  C C   . LYS A 1 85  ? -5.469  -9.721  -6.223  1.00 32.47  ? 85   LYS A C   1 
ATOM   469  O O   . LYS A 1 85  ? -4.285  -9.996  -5.933  1.00 29.40  ? 85   LYS A O   1 
ATOM   470  C CB  . LYS A 1 85  ? -6.155  -9.046  -8.534  1.00 32.54  ? 85   LYS A CB  1 
ATOM   471  N N   . ASP A 1 86  ? -6.310  -9.030  -5.449  1.00 29.65  ? 86   ASP A N   1 
ATOM   472  C CA  . ASP A 1 86  ? -5.906  -8.085  -4.441  1.00 31.18  ? 86   ASP A CA  1 
ATOM   473  C C   . ASP A 1 86  ? -6.604  -8.300  -3.101  1.00 26.72  ? 86   ASP A C   1 
ATOM   474  O O   . ASP A 1 86  ? -7.826  -8.515  -3.046  1.00 25.39  ? 86   ASP A O   1 
ATOM   475  C CB  . ASP A 1 86  ? -6.274  -6.661  -4.925  1.00 34.72  ? 86   ASP A CB  1 
ATOM   476  C CG  . ASP A 1 86  ? -5.079  -5.792  -5.036  1.00 41.43  ? 86   ASP A CG  1 
ATOM   477  O OD1 . ASP A 1 86  ? -4.198  -6.192  -5.809  1.00 39.61  ? 86   ASP A OD1 1 
ATOM   478  O OD2 . ASP A 1 86  ? -5.010  -4.745  -4.326  1.00 58.46  ? 86   ASP A OD2 1 
ATOM   479  N N   . TYR A 1 87  ? -5.823  -8.135  -2.049  1.00 22.21  ? 87   TYR A N   1 
ATOM   480  C CA  . TYR A 1 87  ? -6.308  -8.179  -0.704  1.00 22.75  ? 87   TYR A CA  1 
ATOM   481  C C   . TYR A 1 87  ? -5.681  -7.045  0.052   1.00 21.81  ? 87   TYR A C   1 
ATOM   482  O O   . TYR A 1 87  ? -4.599  -6.555  -0.312  1.00 20.62  ? 87   TYR A O   1 
ATOM   483  C CB  . TYR A 1 87  ? -5.894  -9.481  -0.003  1.00 23.02  ? 87   TYR A CB  1 
ATOM   484  C CG  . TYR A 1 87  ? -6.551  -10.741 -0.536  1.00 24.61  ? 87   TYR A CG  1 
ATOM   485  C CD1 . TYR A 1 87  ? -6.088  -11.347 -1.694  1.00 23.73  ? 87   TYR A CD1 1 
ATOM   486  C CD2 . TYR A 1 87  ? -7.619  -11.328 0.132   1.00 23.88  ? 87   TYR A CD2 1 
ATOM   487  C CE1 . TYR A 1 87  ? -6.667  -12.478 -2.189  1.00 23.66  ? 87   TYR A CE1 1 
ATOM   488  C CE2 . TYR A 1 87  ? -8.216  -12.449 -0.360  1.00 23.51  ? 87   TYR A CE2 1 
ATOM   489  C CZ  . TYR A 1 87  ? -7.721  -13.043 -1.514  1.00 25.62  ? 87   TYR A CZ  1 
ATOM   490  O OH  . TYR A 1 87  ? -8.305  -14.190 -2.032  1.00 27.24  ? 87   TYR A OH  1 
ATOM   491  N N   . ALA A 1 88  ? -6.341  -6.676  1.150   1.00 20.47  ? 88   ALA A N   1 
ATOM   492  C CA  . ALA A 1 88  ? -5.760  -5.789  2.188   1.00 18.70  ? 88   ALA A CA  1 
ATOM   493  C C   . ALA A 1 88  ? -5.514  -6.654  3.393   1.00 18.34  ? 88   ALA A C   1 
ATOM   494  O O   . ALA A 1 88  ? -6.307  -7.539  3.721   1.00 18.90  ? 88   ALA A O   1 
ATOM   495  C CB  . ALA A 1 88  ? -6.703  -4.656  2.518   1.00 17.84  ? 88   ALA A CB  1 
ATOM   496  N N   . LEU A 1 89  ? -4.367  -6.459  3.998   1.00 18.53  ? 89   LEU A N   1 
ATOM   497  C CA  . LEU A 1 89  ? -3.942  -7.247  5.115   1.00 18.88  ? 89   LEU A CA  1 
ATOM   498  C C   . LEU A 1 89  ? -3.647  -6.311  6.244   1.00 19.26  ? 89   LEU A C   1 
ATOM   499  O O   . LEU A 1 89  ? -2.903  -5.368  6.061   1.00 21.35  ? 89   LEU A O   1 
ATOM   500  C CB  . LEU A 1 89  ? -2.651  -8.005  4.769   1.00 18.80  ? 89   LEU A CB  1 
ATOM   501  C CG  . LEU A 1 89  ? -1.974  -8.594  6.009   1.00 17.44  ? 89   LEU A CG  1 
ATOM   502  C CD1 . LEU A 1 89  ? -2.864  -9.650  6.622   1.00 18.06  ? 89   LEU A CD1 1 
ATOM   503  C CD2 . LEU A 1 89  ? -0.659  -9.177  5.616   1.00 19.35  ? 89   LEU A CD2 1 
ATOM   504  N N   . TYR A 1 90  ? -4.188  -6.574  7.419   1.00 19.63  ? 90   TYR A N   1 
ATOM   505  C CA  . TYR A 1 90  ? -3.971  -5.707  8.554   1.00 19.70  ? 90   TYR A CA  1 
ATOM   506  C C   . TYR A 1 90  ? -3.453  -6.550  9.713   1.00 20.39  ? 90   TYR A C   1 
ATOM   507  O O   . TYR A 1 90  ? -3.973  -7.621  9.951   1.00 22.06  ? 90   TYR A O   1 
ATOM   508  C CB  . TYR A 1 90  ? -5.302  -5.047  8.986   1.00 18.47  ? 90   TYR A CB  1 
ATOM   509  C CG  . TYR A 1 90  ? -6.038  -4.226  7.957   1.00 17.36  ? 90   TYR A CG  1 
ATOM   510  C CD1 . TYR A 1 90  ? -6.883  -4.827  7.024   1.00 16.90  ? 90   TYR A CD1 1 
ATOM   511  C CD2 . TYR A 1 90  ? -5.949  -2.826  7.951   1.00 17.59  ? 90   TYR A CD2 1 
ATOM   512  C CE1 . TYR A 1 90  ? -7.562  -4.071  6.071   1.00 16.21  ? 90   TYR A CE1 1 
ATOM   513  C CE2 . TYR A 1 90  ? -6.630  -2.052  7.017   1.00 16.80  ? 90   TYR A CE2 1 
ATOM   514  C CZ  . TYR A 1 90  ? -7.449  -2.675  6.079   1.00 17.23  ? 90   TYR A CZ  1 
ATOM   515  O OH  . TYR A 1 90  ? -8.175  -1.915  5.158   1.00 16.88  ? 90   TYR A OH  1 
ATOM   516  N N   . PHE A 1 91  ? -2.470  -6.054  10.445  1.00 20.30  ? 91   PHE A N   1 
ATOM   517  C CA  . PHE A 1 91  ? -1.919  -6.795  11.589  1.00 23.30  ? 91   PHE A CA  1 
ATOM   518  C C   . PHE A 1 91  ? -2.435  -6.123  12.827  1.00 23.77  ? 91   PHE A C   1 
ATOM   519  O O   . PHE A 1 91  ? -2.319  -4.895  12.944  1.00 22.67  ? 91   PHE A O   1 
ATOM   520  C CB  . PHE A 1 91  ? -0.386  -6.786  11.617  1.00 20.72  ? 91   PHE A CB  1 
ATOM   521  C CG  . PHE A 1 91  ? 0.246   -7.546  10.497  1.00 21.55  ? 91   PHE A CG  1 
ATOM   522  C CD1 . PHE A 1 91  ? 0.486   -6.952  9.304   1.00 19.09  ? 91   PHE A CD1 1 
ATOM   523  C CD2 . PHE A 1 91  ? 0.637   -8.870  10.679  1.00 21.64  ? 91   PHE A CD2 1 
ATOM   524  C CE1 . PHE A 1 91  ? 1.079   -7.649  8.283   1.00 19.32  ? 91   PHE A CE1 1 
ATOM   525  C CE2 . PHE A 1 91  ? 1.240   -9.567  9.673   1.00 21.47  ? 91   PHE A CE2 1 
ATOM   526  C CZ  . PHE A 1 91  ? 1.442   -8.958  8.449   1.00 19.94  ? 91   PHE A CZ  1 
ATOM   527  N N   . ILE A 1 92  ? -3.032  -6.920  13.718  1.00 27.73  ? 92   ILE A N   1 
ATOM   528  C CA  . ILE A 1 92  ? -3.579  -6.420  15.000  1.00 27.99  ? 92   ILE A CA  1 
ATOM   529  C C   . ILE A 1 92  ? -2.815  -7.035  16.173  1.00 27.93  ? 92   ILE A C   1 
ATOM   530  O O   . ILE A 1 92  ? -3.019  -8.206  16.541  1.00 26.11  ? 92   ILE A O   1 
ATOM   531  C CB  . ILE A 1 92  ? -5.078  -6.710  15.172  1.00 31.07  ? 92   ILE A CB  1 
ATOM   532  C CG1 . ILE A 1 92  ? -5.873  -6.514  13.864  1.00 32.25  ? 92   ILE A CG1 1 
ATOM   533  C CG2 . ILE A 1 92  ? -5.638  -5.800  16.259  1.00 32.93  ? 92   ILE A CG2 1 
ATOM   534  C CD1 . ILE A 1 92  ? -5.953  -5.095  13.339  1.00 31.51  ? 92   ILE A CD1 1 
ATOM   535  N N   . LEU A 1 93  ? -1.877  -6.261  16.718  1.00 30.29  ? 93   LEU A N   1 
ATOM   536  C CA  . LEU A 1 93  ? -1.044  -6.738  17.835  1.00 34.61  ? 93   LEU A CA  1 
ATOM   537  C C   . LEU A 1 93  ? -1.874  -6.671  19.138  1.00 35.49  ? 93   LEU A C   1 
ATOM   538  O O   . LEU A 1 93  ? -2.852  -5.912  19.197  1.00 32.96  ? 93   LEU A O   1 
ATOM   539  C CB  . LEU A 1 93  ? 0.241   -5.907  17.979  1.00 34.88  ? 93   LEU A CB  1 
ATOM   540  C CG  . LEU A 1 93  ? 1.211   -5.826  16.816  1.00 36.26  ? 93   LEU A CG  1 
ATOM   541  C CD1 . LEU A 1 93  ? 2.492   -5.141  17.268  1.00 38.76  ? 93   LEU A CD1 1 
ATOM   542  C CD2 . LEU A 1 93  ? 1.517   -7.183  16.229  1.00 38.10  ? 93   LEU A CD2 1 
ATOM   543  N N   . PRO A 1 94  ? -1.484  -7.448  20.170  1.00 33.45  ? 94   PRO A N   1 
ATOM   544  C CA  . PRO A 1 94  ? -2.335  -7.548  21.374  1.00 37.36  ? 94   PRO A CA  1 
ATOM   545  C C   . PRO A 1 94  ? -2.304  -6.351  22.358  1.00 38.21  ? 94   PRO A C   1 
ATOM   546  O O   . PRO A 1 94  ? -1.505  -5.431  22.208  1.00 43.11  ? 94   PRO A O   1 
ATOM   547  C CB  . PRO A 1 94  ? -1.834  -8.840  22.056  1.00 34.46  ? 94   PRO A CB  1 
ATOM   548  C CG  . PRO A 1 94  ? -0.443  -9.039  21.549  1.00 34.20  ? 94   PRO A CG  1 
ATOM   549  C CD  . PRO A 1 94  ? -0.443  -8.498  20.139  1.00 35.45  ? 94   PRO A CD  1 
ATOM   550  N N   . LYS A 1 97  ? -0.737  -2.863  22.001  1.00 61.43  ? 97   LYS A N   1 
ATOM   551  C CA  . LYS A 1 97  ? 0.514   -2.562  21.290  1.00 65.66  ? 97   LYS A CA  1 
ATOM   552  C C   . LYS A 1 97  ? 0.260   -1.932  19.908  1.00 67.70  ? 97   LYS A C   1 
ATOM   553  O O   . LYS A 1 97  ? -0.727  -2.242  19.239  1.00 59.43  ? 97   LYS A O   1 
ATOM   554  C CB  . LYS A 1 97  ? 1.398   -3.816  21.150  1.00 64.56  ? 97   LYS A CB  1 
ATOM   555  N N   . LYS A 1 98  ? 1.161   -1.040  19.494  1.00 69.68  ? 98   LYS A N   1 
ATOM   556  C CA  . LYS A 1 98  ? 1.067   -0.350  18.195  1.00 69.37  ? 98   LYS A CA  1 
ATOM   557  C C   . LYS A 1 98  ? 2.372   -0.543  17.363  1.00 62.48  ? 98   LYS A C   1 
ATOM   558  O O   . LYS A 1 98  ? 3.490   -0.526  17.911  1.00 55.59  ? 98   LYS A O   1 
ATOM   559  C CB  . LYS A 1 98  ? 0.735   1.150   18.399  1.00 69.91  ? 98   LYS A CB  1 
ATOM   560  N N   . THR A 1 99  ? 2.216   -0.770  16.052  1.00 57.32  ? 99   THR A N   1 
ATOM   561  C CA  . THR A 1 99  ? 3.366   -0.907  15.122  1.00 50.98  ? 99   THR A CA  1 
ATOM   562  C C   . THR A 1 99  ? 3.181   0.006   13.895  1.00 45.48  ? 99   THR A C   1 
ATOM   563  O O   . THR A 1 99  ? 2.048   0.305   13.504  1.00 42.73  ? 99   THR A O   1 
ATOM   564  C CB  . THR A 1 99  ? 3.643   -2.391  14.718  1.00 46.52  ? 99   THR A CB  1 
ATOM   565  O OG1 . THR A 1 99  ? 4.955   -2.504  14.134  1.00 47.70  ? 99   THR A OG1 1 
ATOM   566  C CG2 . THR A 1 99  ? 2.593   -2.917  13.737  1.00 43.92  ? 99   THR A CG2 1 
ATOM   567  N N   . GLU A 1 100 ? 4.304   0.460   13.321  1.00 44.29  ? 100  GLU A N   1 
ATOM   568  C CA  . GLU A 1 100 ? 4.298   1.417   12.205  1.00 39.29  ? 100  GLU A CA  1 
ATOM   569  C C   . GLU A 1 100 ? 3.695   0.747   10.966  1.00 36.89  ? 100  GLU A C   1 
ATOM   570  O O   . GLU A 1 100 ? 2.780   1.270   10.371  1.00 32.89  ? 100  GLU A O   1 
ATOM   571  C CB  . GLU A 1 100 ? 5.706   1.946   11.902  1.00 36.98  ? 100  GLU A CB  1 
ATOM   572  N N   . ASN A 1 101 ? 4.207   -0.416  10.587  1.00 35.97  ? 101  ASN A N   1 
ATOM   573  C CA  . ASN A 1 101 ? 3.784   -1.037  9.342   1.00 37.77  ? 101  ASN A CA  1 
ATOM   574  C C   . ASN A 1 101 ? 2.672   -2.047  9.534   1.00 34.01  ? 101  ASN A C   1 
ATOM   575  O O   . ASN A 1 101 ? 2.823   -3.235  9.208   1.00 38.46  ? 101  ASN A O   1 
ATOM   576  C CB  . ASN A 1 101 ? 4.961   -1.738  8.672   1.00 42.78  ? 101  ASN A CB  1 
ATOM   577  C CG  . ASN A 1 101 ? 6.145   -0.832  8.475   1.00 43.84  ? 101  ASN A CG  1 
ATOM   578  O OD1 . ASN A 1 101 ? 6.011   0.387   8.446   1.00 48.36  ? 101  ASN A OD1 1 
ATOM   579  N ND2 . ASN A 1 101 ? 7.325   -1.428  8.348   1.00 48.47  ? 101  ASN A ND2 1 
ATOM   580  N N   . TRP A 1 102 ? 1.538   -1.594  10.023  1.00 27.02  ? 102  TRP A N   1 
ATOM   581  C CA  . TRP A 1 102 ? 0.541   -2.543  10.445  1.00 23.79  ? 102  TRP A CA  1 
ATOM   582  C C   . TRP A 1 102 ? -0.350  -2.965  9.269   1.00 21.31  ? 102  TRP A C   1 
ATOM   583  O O   . TRP A 1 102 ? -1.163  -3.858  9.414   1.00 20.55  ? 102  TRP A O   1 
ATOM   584  C CB  . TRP A 1 102 ? -0.278  -1.960  11.593  1.00 23.77  ? 102  TRP A CB  1 
ATOM   585  C CG  . TRP A 1 102 ? -1.177  -0.868  11.216  1.00 24.55  ? 102  TRP A CG  1 
ATOM   586  C CD1 . TRP A 1 102 ? -0.836  0.425   10.874  1.00 27.50  ? 102  TRP A CD1 1 
ATOM   587  C CD2 . TRP A 1 102 ? -2.589  -0.941  11.139  1.00 24.47  ? 102  TRP A CD2 1 
ATOM   588  N NE1 . TRP A 1 102 ? -1.970  1.151   10.578  1.00 26.24  ? 102  TRP A NE1 1 
ATOM   589  C CE2 . TRP A 1 102 ? -3.057  0.338   10.752  1.00 24.38  ? 102  TRP A CE2 1 
ATOM   590  C CE3 . TRP A 1 102 ? -3.522  -1.948  11.428  1.00 23.55  ? 102  TRP A CE3 1 
ATOM   591  C CZ2 . TRP A 1 102 ? -4.401  0.617   10.624  1.00 24.14  ? 102  TRP A CZ2 1 
ATOM   592  C CZ3 . TRP A 1 102 ? -4.841  -1.680  11.260  1.00 23.67  ? 102  TRP A CZ3 1 
ATOM   593  C CH2 . TRP A 1 102 ? -5.277  -0.406  10.859  1.00 25.39  ? 102  TRP A CH2 1 
ATOM   594  N N   . LYS A 1 103 ? -0.171  -2.373  8.094   1.00 20.17  ? 103  LYS A N   1 
ATOM   595  C CA  . LYS A 1 103 ? -1.148  -2.649  7.010   1.00 20.90  ? 103  LYS A CA  1 
ATOM   596  C C   . LYS A 1 103 ? -0.550  -2.657  5.588   1.00 19.83  ? 103  LYS A C   1 
ATOM   597  O O   . LYS A 1 103 ? 0.300   -1.836  5.282   1.00 19.68  ? 103  LYS A O   1 
ATOM   598  C CB  . LYS A 1 103 ? -2.376  -1.729  7.159   1.00 22.20  ? 103  LYS A CB  1 
ATOM   599  C CG  . LYS A 1 103 ? -2.110  -0.253  6.912   1.00 24.08  ? 103  LYS A CG  1 
ATOM   600  C CD  . LYS A 1 103 ? -3.431  0.519   7.043   1.00 25.62  ? 103  LYS A CD  1 
ATOM   601  C CE  . LYS A 1 103 ? -3.216  1.977   6.679   1.00 24.58  ? 103  LYS A CE  1 
ATOM   602  N NZ  . LYS A 1 103 ? -4.437  2.770   6.897   1.00 25.20  ? 103  LYS A NZ  1 
ATOM   603  N N   . TYR A 1 104 ? -0.974  -3.609  4.754   1.00 18.64  ? 104  TYR A N   1 
ATOM   604  C CA  . TYR A 1 104 ? -0.387  -3.820  3.434   1.00 18.82  ? 104  TYR A CA  1 
ATOM   605  C C   . TYR A 1 104 ? -1.387  -4.287  2.428   1.00 19.22  ? 104  TYR A C   1 
ATOM   606  O O   . TYR A 1 104 ? -2.314  -5.034  2.760   1.00 19.44  ? 104  TYR A O   1 
ATOM   607  C CB  . TYR A 1 104 ? 0.671   -4.907  3.467   1.00 21.68  ? 104  TYR A CB  1 
ATOM   608  C CG  . TYR A 1 104 ? 1.841   -4.615  4.331   1.00 23.71  ? 104  TYR A CG  1 
ATOM   609  C CD1 . TYR A 1 104 ? 1.830   -4.959  5.666   1.00 26.97  ? 104  TYR A CD1 1 
ATOM   610  C CD2 . TYR A 1 104 ? 2.971   -4.077  3.808   1.00 27.65  ? 104  TYR A CD2 1 
ATOM   611  C CE1 . TYR A 1 104 ? 2.910   -4.697  6.479   1.00 29.00  ? 104  TYR A CE1 1 
ATOM   612  C CE2 . TYR A 1 104 ? 4.085   -3.847  4.603   1.00 31.17  ? 104  TYR A CE2 1 
ATOM   613  C CZ  . TYR A 1 104 ? 4.029   -4.138  5.938   1.00 29.50  ? 104  TYR A CZ  1 
ATOM   614  O OH  . TYR A 1 104 ? 5.124   -3.921  6.711   1.00 35.52  ? 104  TYR A OH  1 
ATOM   615  N N   . LEU A 1 105 ? -1.188  -3.886  1.178   1.00 18.80  ? 105  LEU A N   1 
ATOM   616  C CA  . LEU A 1 105 ? -1.987  -4.406  0.047   1.00 18.49  ? 105  LEU A CA  1 
ATOM   617  C C   . LEU A 1 105 ? -1.096  -5.440  -0.609  1.00 21.71  ? 105  LEU A C   1 
ATOM   618  O O   . LEU A 1 105 ? 0.110   -5.192  -0.877  1.00 21.16  ? 105  LEU A O   1 
ATOM   619  C CB  . LEU A 1 105 ? -2.325  -3.316  -0.932  1.00 17.79  ? 105  LEU A CB  1 
ATOM   620  C CG  . LEU A 1 105 ? -3.294  -2.259  -0.431  1.00 18.67  ? 105  LEU A CG  1 
ATOM   621  C CD1 . LEU A 1 105 ? -3.064  -0.908  -1.088  1.00 18.50  ? 105  LEU A CD1 1 
ATOM   622  C CD2 . LEU A 1 105 ? -4.740  -2.707  -0.645  1.00 17.25  ? 105  LEU A CD2 1 
ATOM   623  N N   . ILE A 1 106 ? -1.654  -6.621  -0.807  1.00 20.81  ? 106  ILE A N   1 
ATOM   624  C CA  . ILE A 1 106 ? -0.873  -7.814  -1.226  1.00 21.42  ? 106  ILE A CA  1 
ATOM   625  C C   . ILE A 1 106 ? -1.656  -8.464  -2.324  1.00 21.29  ? 106  ILE A C   1 
ATOM   626  O O   . ILE A 1 106 ? -2.873  -8.298  -2.353  1.00 20.58  ? 106  ILE A O   1 
ATOM   627  C CB  . ILE A 1 106 ? -0.629  -8.832  -0.075  1.00 21.01  ? 106  ILE A CB  1 
ATOM   628  C CG1 . ILE A 1 106 ? -1.944  -9.403  0.509   1.00 21.45  ? 106  ILE A CG1 1 
ATOM   629  C CG2 . ILE A 1 106 ? 0.181   -8.189  1.021   1.00 22.32  ? 106  ILE A CG2 1 
ATOM   630  C CD1 . ILE A 1 106 ? -1.720  -10.406 1.607   1.00 21.71  ? 106  ILE A CD1 1 
ATOM   631  N N   . SER A 1 107 ? -0.967  -9.096  -3.273  1.00 23.19  ? 107  SER A N   1 
ATOM   632  C CA  . SER A 1 107 ? -1.627  -9.757  -4.406  1.00 24.46  ? 107  SER A CA  1 
ATOM   633  C C   . SER A 1 107 ? -1.522  -11.259 -4.257  1.00 23.66  ? 107  SER A C   1 
ATOM   634  O O   . SER A 1 107 ? -0.545  -11.753 -3.739  1.00 22.76  ? 107  SER A O   1 
ATOM   635  C CB  . SER A 1 107 ? -0.960  -9.387  -5.730  1.00 28.03  ? 107  SER A CB  1 
ATOM   636  O OG  . SER A 1 107 ? -0.922  -7.983  -5.887  1.00 32.71  ? 107  SER A OG  1 
ATOM   637  N N   . SER A 1 108 ? -2.533  -11.961 -4.758  1.00 23.05  ? 108  SER A N   1 
ATOM   638  C CA  . SER A 1 108 ? -2.600  -13.405 -4.747  1.00 24.10  ? 108  SER A CA  1 
ATOM   639  C C   . SER A 1 108 ? -1.641  -14.073 -5.741  1.00 25.75  ? 108  SER A C   1 
ATOM   640  O O   . SER A 1 108 ? -1.402  -15.247 -5.618  1.00 27.64  ? 108  SER A O   1 
ATOM   641  C CB  . SER A 1 108 ? -4.026  -13.847 -5.077  1.00 25.07  ? 108  SER A CB  1 
ATOM   642  O OG  . SER A 1 108 ? -4.415  -13.350 -6.361  1.00 23.72  ? 108  SER A OG  1 
ATOM   643  N N   . ASP A 1 109 ? -1.074  -13.341 -6.694  1.00 26.53  ? 109  ASP A N   1 
ATOM   644  C CA  . ASP A 1 109 ? -0.105  -13.902 -7.635  1.00 29.16  ? 109  ASP A CA  1 
ATOM   645  C C   . ASP A 1 109 ? 1.359   -13.801 -7.095  1.00 29.85  ? 109  ASP A C   1 
ATOM   646  O O   . ASP A 1 109 ? 2.341   -13.730 -7.865  1.00 25.33  ? 109  ASP A O   1 
ATOM   647  C CB  . ASP A 1 109 ? -0.221  -13.192 -9.010  1.00 30.89  ? 109  ASP A CB  1 
ATOM   648  C CG  . ASP A 1 109 ? 0.137   -11.709 -8.932  1.00 33.16  ? 109  ASP A CG  1 
ATOM   649  O OD1 . ASP A 1 109 ? 0.354   -11.184 -7.826  1.00 37.86  ? 109  ASP A OD1 1 
ATOM   650  O OD2 . ASP A 1 109 ? 0.203   -11.042 -9.967  1.00 41.34  ? 109  ASP A OD2 1 
ATOM   651  N N   . SER A 1 110 ? 1.514   -13.771 -5.777  1.00 28.60  ? 110  SER A N   1 
ATOM   652  C CA  . SER A 1 110 ? 2.824   -13.458 -5.210  1.00 27.68  ? 110  SER A CA  1 
ATOM   653  C C   . SER A 1 110 ? 2.951   -14.187 -3.921  1.00 27.51  ? 110  SER A C   1 
ATOM   654  O O   . SER A 1 110 ? 1.949   -14.508 -3.282  1.00 27.39  ? 110  SER A O   1 
ATOM   655  C CB  . SER A 1 110 ? 3.006   -11.956 -4.950  1.00 26.72  ? 110  SER A CB  1 
ATOM   656  O OG  . SER A 1 110 ? 2.903   -11.224 -6.147  1.00 29.13  ? 110  SER A OG  1 
ATOM   657  N N   . VAL A 1 111 ? 4.207   -14.393 -3.536  1.00 26.77  ? 111  VAL A N   1 
ATOM   658  C CA  . VAL A 1 111 ? 4.564   -15.025 -2.311  1.00 26.46  ? 111  VAL A CA  1 
ATOM   659  C C   . VAL A 1 111 ? 4.724   -13.852 -1.393  1.00 25.23  ? 111  VAL A C   1 
ATOM   660  O O   . VAL A 1 111 ? 5.616   -13.084 -1.576  1.00 28.47  ? 111  VAL A O   1 
ATOM   661  C CB  . VAL A 1 111 ? 5.893   -15.820 -2.445  1.00 25.70  ? 111  VAL A CB  1 
ATOM   662  C CG1 . VAL A 1 111 ? 6.391   -16.251 -1.090  1.00 25.96  ? 111  VAL A CG1 1 
ATOM   663  C CG2 . VAL A 1 111 ? 5.713   -16.995 -3.405  1.00 26.95  ? 111  VAL A CG2 1 
ATOM   664  N N   . ASN A 1 112 ? 3.838   -13.730 -0.410  1.00 25.33  ? 112  ASN A N   1 
ATOM   665  C CA  . ASN A 1 112 ? 3.822   -12.620 0.548   1.00 23.03  ? 112  ASN A CA  1 
ATOM   666  C C   . ASN A 1 112 ? 4.307   -13.098 1.886   1.00 21.58  ? 112  ASN A C   1 
ATOM   667  O O   . ASN A 1 112 ? 3.626   -13.902 2.552   1.00 20.44  ? 112  ASN A O   1 
ATOM   668  C CB  . ASN A 1 112 ? 2.407   -12.080 0.672   1.00 23.88  ? 112  ASN A CB  1 
ATOM   669  C CG  . ASN A 1 112 ? 1.910   -11.533 -0.633  1.00 24.23  ? 112  ASN A CG  1 
ATOM   670  O OD1 . ASN A 1 112 ? 2.448   -10.534 -1.115  1.00 23.61  ? 112  ASN A OD1 1 
ATOM   671  N ND2 . ASN A 1 112 ? 0.946   -12.228 -1.281  1.00 24.93  ? 112  ASN A ND2 1 
ATOM   672  N N   . GLU A 1 113 ? 5.482   -12.624 2.281   1.00 20.34  ? 113  GLU A N   1 
ATOM   673  C CA  . GLU A 1 113 ? 6.095   -13.096 3.508   1.00 23.20  ? 113  GLU A CA  1 
ATOM   674  C C   . GLU A 1 113 ? 6.285   -11.964 4.435   1.00 19.53  ? 113  GLU A C   1 
ATOM   675  O O   . GLU A 1 113 ? 6.728   -10.872 4.039   1.00 19.17  ? 113  GLU A O   1 
ATOM   676  C CB  . GLU A 1 113 ? 7.492   -13.668 3.303   1.00 26.74  ? 113  GLU A CB  1 
ATOM   677  C CG  . GLU A 1 113 ? 7.671   -14.612 2.177   1.00 30.98  ? 113  GLU A CG  1 
ATOM   678  C CD  . GLU A 1 113 ? 9.127   -15.076 2.103   1.00 31.89  ? 113  GLU A CD  1 
ATOM   679  O OE1 . GLU A 1 113 ? 9.587   -15.742 3.055   1.00 27.61  ? 113  GLU A OE1 1 
ATOM   680  O OE2 . GLU A 1 113 ? 9.783   -14.747 1.097   1.00 36.32  ? 113  GLU A OE2 1 
ATOM   681  N N   . PHE A 1 114 ? 6.012   -12.254 5.683   1.00 17.88  ? 114  PHE A N   1 
ATOM   682  C CA  . PHE A 1 114 ? 6.101   -11.296 6.759   1.00 18.27  ? 114  PHE A CA  1 
ATOM   683  C C   . PHE A 1 114 ? 6.632   -11.938 7.994   1.00 19.11  ? 114  PHE A C   1 
ATOM   684  O O   . PHE A 1 114 ? 6.333   -13.071 8.265   1.00 18.74  ? 114  PHE A O   1 
ATOM   685  C CB  . PHE A 1 114 ? 4.726   -10.713 7.140   1.00 18.21  ? 114  PHE A CB  1 
ATOM   686  C CG  . PHE A 1 114 ? 4.034   -10.010 6.031   1.00 19.13  ? 114  PHE A CG  1 
ATOM   687  C CD1 . PHE A 1 114 ? 3.301   -10.715 5.105   1.00 19.95  ? 114  PHE A CD1 1 
ATOM   688  C CD2 . PHE A 1 114 ? 4.136   -8.609  5.891   1.00 21.86  ? 114  PHE A CD2 1 
ATOM   689  C CE1 . PHE A 1 114 ? 2.648   -10.061 4.076   1.00 20.93  ? 114  PHE A CE1 1 
ATOM   690  C CE2 . PHE A 1 114 ? 3.492   -7.953  4.847   1.00 21.25  ? 114  PHE A CE2 1 
ATOM   691  C CZ  . PHE A 1 114 ? 2.762   -8.695  3.929   1.00 20.85  ? 114  PHE A CZ  1 
ATOM   692  N N   . THR A 1 115 ? 7.335   -11.153 8.803   1.00 23.62  ? 115  THR A N   1 
ATOM   693  C CA  . THR A 1 115 ? 7.808   -11.579 10.109  1.00 23.05  ? 115  THR A CA  1 
ATOM   694  C C   . THR A 1 115 ? 7.391   -10.492 11.086  1.00 25.07  ? 115  THR A C   1 
ATOM   695  O O   . THR A 1 115 ? 7.684   -9.318  10.858  1.00 26.76  ? 115  THR A O   1 
ATOM   696  C CB  . THR A 1 115 ? 9.349   -11.796 10.131  1.00 26.19  ? 115  THR A CB  1 
ATOM   697  O OG1 . THR A 1 115 ? 9.695   -12.904 9.290   1.00 25.29  ? 115  THR A OG1 1 
ATOM   698  C CG2 . THR A 1 115 ? 9.882   -12.072 11.573  1.00 24.87  ? 115  THR A CG2 1 
ATOM   699  N N   . ILE A 1 116 ? 6.675   -10.881 12.138  1.00 22.47  ? 116  ILE A N   1 
ATOM   700  C CA  . ILE A 1 116 ? 6.417   -10.023 13.250  1.00 23.89  ? 116  ILE A CA  1 
ATOM   701  C C   . ILE A 1 116 ? 7.532   -10.273 14.292  1.00 28.51  ? 116  ILE A C   1 
ATOM   702  O O   . ILE A 1 116 ? 7.607   -11.357 14.926  1.00 26.23  ? 116  ILE A O   1 
ATOM   703  C CB  . ILE A 1 116 ? 5.020   -10.297 13.866  1.00 23.07  ? 116  ILE A CB  1 
ATOM   704  C CG1 . ILE A 1 116 ? 3.947   -10.275 12.778  1.00 21.67  ? 116  ILE A CG1 1 
ATOM   705  C CG2 . ILE A 1 116 ? 4.689   -9.283  14.962  1.00 23.09  ? 116  ILE A CG2 1 
ATOM   706  C CD1 . ILE A 1 116 ? 2.667   -10.976 13.174  1.00 22.35  ? 116  ILE A CD1 1 
ATOM   707  N N   . LYS A 1 117 ? 8.380   -9.274  14.497  1.00 30.99  ? 117  LYS A N   1 
ATOM   708  C CA  . LYS A 1 117 ? 9.564   -9.461  15.325  1.00 33.00  ? 117  LYS A CA  1 
ATOM   709  C C   . LYS A 1 117 ? 9.189   -9.266  16.765  1.00 35.17  ? 117  LYS A C   1 
ATOM   710  O O   . LYS A 1 117 ? 8.113   -8.726  17.094  1.00 30.63  ? 117  LYS A O   1 
ATOM   711  C CB  . LYS A 1 117 ? 10.682  -8.497  14.939  1.00 37.64  ? 117  LYS A CB  1 
ATOM   712  C CG  . LYS A 1 117 ? 10.977  -8.402  13.433  1.00 39.34  ? 117  LYS A CG  1 
ATOM   713  C CD  . LYS A 1 117 ? 11.887  -9.530  13.003  1.00 44.69  ? 117  LYS A CD  1 
ATOM   714  C CE  . LYS A 1 117 ? 13.336  -9.287  13.413  1.00 46.33  ? 117  LYS A CE  1 
ATOM   715  N NZ  . LYS A 1 117 ? 14.040  -10.561 13.749  1.00 48.89  ? 117  LYS A NZ  1 
ATOM   716  N N   . ASN A 1 118 ? 10.105  -9.702  17.628  1.00 38.30  ? 118  ASN A N   1 
ATOM   717  C CA  . ASN A 1 118 ? 9.883   -9.667  19.067  1.00 38.21  ? 118  ASN A CA  1 
ATOM   718  C C   . ASN A 1 118 ? 9.676   -8.264  19.561  1.00 33.45  ? 118  ASN A C   1 
ATOM   719  O O   . ASN A 1 118 ? 8.935   -8.057  20.479  1.00 32.95  ? 118  ASN A O   1 
ATOM   720  C CB  . ASN A 1 118 ? 11.057  -10.303 19.797  1.00 42.53  ? 118  ASN A CB  1 
ATOM   721  C CG  . ASN A 1 118 ? 11.258  -11.698 19.364  1.00 44.49  ? 118  ASN A CG  1 
ATOM   722  O OD1 . ASN A 1 118 ? 12.071  -11.949 18.495  1.00 51.69  ? 118  ASN A OD1 1 
ATOM   723  N ND2 . ASN A 1 118 ? 10.428  -12.605 19.869  1.00 45.28  ? 118  ASN A ND2 1 
ATOM   724  N N   . ASP A 1 119 ? 10.316  -7.311  18.908  1.00 31.91  ? 119  ASP A N   1 
ATOM   725  C CA  . ASP A 1 119 ? 10.142  -5.905  19.201  1.00 35.64  ? 119  ASP A CA  1 
ATOM   726  C C   . ASP A 1 119 ? 8.848   -5.317  18.618  1.00 39.03  ? 119  ASP A C   1 
ATOM   727  O O   . ASP A 1 119 ? 8.701   -4.096  18.629  1.00 34.77  ? 119  ASP A O   1 
ATOM   728  C CB  . ASP A 1 119 ? 11.385  -5.091  18.721  1.00 35.52  ? 119  ASP A CB  1 
ATOM   729  C CG  . ASP A 1 119 ? 11.447  -4.841  17.187  1.00 37.28  ? 119  ASP A CG  1 
ATOM   730  O OD1 . ASP A 1 119 ? 10.617  -5.300  16.396  1.00 39.22  ? 119  ASP A OD1 1 
ATOM   731  O OD2 . ASP A 1 119 ? 12.405  -4.169  16.748  1.00 38.33  ? 119  ASP A OD2 1 
ATOM   732  N N   . SER A 1 120 ? 7.950   -6.172  18.085  1.00 40.85  ? 120  SER A N   1 
ATOM   733  C CA  . SER A 1 120 ? 6.685   -5.735  17.424  1.00 42.91  ? 120  SER A CA  1 
ATOM   734  C C   . SER A 1 120 ? 6.833   -5.097  16.045  1.00 41.20  ? 120  SER A C   1 
ATOM   735  O O   . SER A 1 120 ? 5.831   -4.742  15.408  1.00 44.32  ? 120  SER A O   1 
ATOM   736  C CB  . SER A 1 120 ? 5.874   -4.765  18.311  1.00 42.68  ? 120  SER A CB  1 
ATOM   737  O OG  . SER A 1 120 ? 5.462   -5.414  19.498  1.00 44.62  ? 120  SER A OG  1 
ATOM   738  N N   . SER A 1 121 ? 8.041   -4.937  15.537  1.00 37.87  ? 121  SER A N   1 
ATOM   739  C CA  . SER A 1 121 ? 8.131   -4.414  14.178  1.00 37.14  ? 121  SER A CA  1 
ATOM   740  C C   . SER A 1 121 ? 7.690   -5.530  13.238  1.00 32.52  ? 121  SER A C   1 
ATOM   741  O O   . SER A 1 121 ? 7.715   -6.690  13.600  1.00 31.13  ? 121  SER A O   1 
ATOM   742  C CB  . SER A 1 121 ? 9.535   -3.909  13.839  1.00 40.32  ? 121  SER A CB  1 
ATOM   743  O OG  . SER A 1 121 ? 10.403  -4.980  13.589  1.00 44.95  ? 121  SER A OG  1 
ATOM   744  N N   . ILE A 1 122 ? 7.279   -5.158  12.041  1.00 30.43  ? 122  ILE A N   1 
ATOM   745  C CA  . ILE A 1 122 ? 6.820   -6.104  11.050  1.00 31.03  ? 122  ILE A CA  1 
ATOM   746  C C   . ILE A 1 122 ? 7.699   -5.878  9.847   1.00 31.07  ? 122  ILE A C   1 
ATOM   747  O O   . ILE A 1 122 ? 7.802   -4.764  9.375   1.00 28.92  ? 122  ILE A O   1 
ATOM   748  C CB  . ILE A 1 122 ? 5.315   -5.927  10.719  1.00 31.85  ? 122  ILE A CB  1 
ATOM   749  C CG1 . ILE A 1 122 ? 4.506   -6.353  11.951  1.00 32.62  ? 122  ILE A CG1 1 
ATOM   750  C CG2 . ILE A 1 122 ? 4.932   -6.760  9.489   1.00 32.38  ? 122  ILE A CG2 1 
ATOM   751  C CD1 . ILE A 1 122 ? 3.043   -6.034  11.919  1.00 34.58  ? 122  ILE A CD1 1 
ATOM   752  N N   . GLU A 1 123 ? 8.379   -6.933  9.419   1.00 31.76  ? 123  GLU A N   1 
ATOM   753  C CA  . GLU A 1 123 ? 9.177   -6.911  8.222   1.00 35.02  ? 123  GLU A CA  1 
ATOM   754  C C   . GLU A 1 123 ? 8.463   -7.717  7.163   1.00 36.29  ? 123  GLU A C   1 
ATOM   755  O O   . GLU A 1 123 ? 7.989   -8.820  7.441   1.00 30.02  ? 123  GLU A O   1 
ATOM   756  C CB  . GLU A 1 123 ? 10.531  -7.569  8.474   1.00 40.72  ? 123  GLU A CB  1 
ATOM   757  C CG  . GLU A 1 123 ? 11.219  -7.147  9.760   1.00 43.73  ? 123  GLU A CG  1 
ATOM   758  C CD  . GLU A 1 123 ? 12.650  -7.696  9.861   1.00 54.04  ? 123  GLU A CD  1 
ATOM   759  O OE1 . GLU A 1 123 ? 12.905  -8.907  9.535   1.00 48.26  ? 123  GLU A OE1 1 
ATOM   760  O OE2 . GLU A 1 123 ? 13.522  -6.885  10.268  1.00 56.99  ? 123  GLU A OE2 1 
ATOM   761  N N   . LYS A 1 124 ? 8.397   -7.130  5.967   1.00 35.64  ? 124  LYS A N   1 
ATOM   762  C CA  . LYS A 1 124 ? 7.871   -7.733  4.780   1.00 37.01  ? 124  LYS A CA  1 
ATOM   763  C C   . LYS A 1 124 ? 9.116   -8.074  4.034   1.00 39.55  ? 124  LYS A C   1 
ATOM   764  O O   . LYS A 1 124 ? 9.904   -7.185  3.735   1.00 40.17  ? 124  LYS A O   1 
ATOM   765  C CB  . LYS A 1 124 ? 7.009   -6.740  3.992   1.00 32.34  ? 124  LYS A CB  1 
ATOM   766  C CG  . LYS A 1 124 ? 6.444   -7.325  2.708   1.00 37.28  ? 124  LYS A CG  1 
ATOM   767  C CD  . LYS A 1 124 ? 5.373   -6.446  2.009   1.00 40.54  ? 124  LYS A CD  1 
ATOM   768  C CE  . LYS A 1 124 ? 4.815   -7.102  0.729   1.00 42.93  ? 124  LYS A CE  1 
ATOM   769  N NZ  . LYS A 1 124 ? 4.699   -8.616  0.740   1.00 44.61  ? 124  LYS A NZ  1 
ATOM   770  N N   . ASP A 1 125 ? 9.301   -9.352  3.740   1.00 44.79  ? 125  ASP A N   1 
ATOM   771  C CA  . ASP A 1 125 ? 10.633  -9.897  3.418   1.00 46.35  ? 125  ASP A CA  1 
ATOM   772  C C   . ASP A 1 125 ? 10.719  -10.128 1.930   1.00 44.80  ? 125  ASP A C   1 
ATOM   773  O O   . ASP A 1 125 ? 9.666   -10.237 1.297   1.00 48.07  ? 125  ASP A O   1 
ATOM   774  C CB  . ASP A 1 125 ? 10.857  -11.234 4.153   1.00 50.46  ? 125  ASP A CB  1 
ATOM   775  C CG  . ASP A 1 125 ? 10.587  -11.150 5.682   1.00 54.79  ? 125  ASP A CG  1 
ATOM   776  O OD1 . ASP A 1 125 ? 11.315  -10.416 6.400   1.00 59.83  ? 125  ASP A OD1 1 
ATOM   777  O OD2 . ASP A 1 125 ? 9.677   -11.865 6.175   1.00 51.40  ? 125  ASP A OD2 1 
ATOM   778  N N   . MET B 1 24  ? -14.152 12.535  -13.175 1.00 35.46  ? 24   MET B N   1 
ATOM   779  C CA  . MET B 1 24  ? -13.893 12.843  -11.733 1.00 36.52  ? 24   MET B CA  1 
ATOM   780  C C   . MET B 1 24  ? -12.687 12.114  -11.177 1.00 32.91  ? 24   MET B C   1 
ATOM   781  O O   . MET B 1 24  ? -11.871 12.695  -10.445 1.00 30.68  ? 24   MET B O   1 
ATOM   782  C CB  . MET B 1 24  ? -15.087 12.435  -10.887 1.00 40.82  ? 24   MET B CB  1 
ATOM   783  C CG  . MET B 1 24  ? -15.265 13.302  -9.675  1.00 43.68  ? 24   MET B CG  1 
ATOM   784  S SD  . MET B 1 24  ? -16.755 12.915  -8.727  1.00 51.66  ? 24   MET B SD  1 
ATOM   785  C CE  . MET B 1 24  ? -16.617 11.163  -8.355  1.00 44.68  ? 24   MET B CE  1 
ATOM   786  N N   . ASP B 1 25  ? -12.602 10.835  -11.516 1.00 31.17  ? 25   ASP B N   1 
ATOM   787  C CA  . ASP B 1 25  ? -11.541 9.949   -11.039 1.00 30.59  ? 25   ASP B CA  1 
ATOM   788  C C   . ASP B 1 25  ? -10.236 10.445  -11.637 1.00 30.53  ? 25   ASP B C   1 
ATOM   789  O O   . ASP B 1 25  ? -10.216 11.019  -12.733 1.00 31.71  ? 25   ASP B O   1 
ATOM   790  C CB  . ASP B 1 25  ? -11.777 8.501   -11.476 1.00 31.64  ? 25   ASP B CB  1 
ATOM   791  C CG  . ASP B 1 25  ? -12.865 7.798   -10.679 1.00 31.61  ? 25   ASP B CG  1 
ATOM   792  O OD1 . ASP B 1 25  ? -13.203 8.180   -9.548  1.00 27.81  ? 25   ASP B OD1 1 
ATOM   793  O OD2 . ASP B 1 25  ? -13.384 6.806   -11.202 1.00 34.35  ? 25   ASP B OD2 1 
ATOM   794  N N   . GLY B 1 26  ? -9.138  10.221  -10.937 1.00 25.78  ? 26   GLY B N   1 
ATOM   795  C CA  . GLY B 1 26  ? -7.874  10.747  -11.422 1.00 24.68  ? 26   GLY B CA  1 
ATOM   796  C C   . GLY B 1 26  ? -6.904  10.974  -10.294 1.00 23.45  ? 26   GLY B C   1 
ATOM   797  O O   . GLY B 1 26  ? -7.090  10.466  -9.185  1.00 21.49  ? 26   GLY B O   1 
ATOM   798  N N   . LEU B 1 27  ? -5.848  11.720  -10.588 1.00 20.44  ? 27   LEU B N   1 
ATOM   799  C CA  . LEU B 1 27  ? -4.831  12.031  -9.574  1.00 19.31  ? 27   LEU B CA  1 
ATOM   800  C C   . LEU B 1 27  ? -4.759  13.534  -9.448  1.00 21.16  ? 27   LEU B C   1 
ATOM   801  O O   . LEU B 1 27  ? -4.651  14.261  -10.470 1.00 21.41  ? 27   LEU B O   1 
ATOM   802  C CB  . LEU B 1 27  ? -3.463  11.469  -9.993  1.00 18.62  ? 27   LEU B CB  1 
ATOM   803  C CG  . LEU B 1 27  ? -2.276  11.781  -9.116  1.00 17.49  ? 27   LEU B CG  1 
ATOM   804  C CD1 . LEU B 1 27  ? -2.520  11.164  -7.761  1.00 17.97  ? 27   LEU B CD1 1 
ATOM   805  C CD2 . LEU B 1 27  ? -0.987  11.277  -9.782  1.00 20.71  ? 27   LEU B CD2 1 
ATOM   806  N N   . TYR B 1 28  ? -4.784  13.994  -8.199  1.00 21.29  ? 28   TYR B N   1 
ATOM   807  C CA  . TYR B 1 28  ? -4.884  15.403  -7.862  1.00 21.11  ? 28   TYR B CA  1 
ATOM   808  C C   . TYR B 1 28  ? -3.900  15.693  -6.735  1.00 19.56  ? 28   TYR B C   1 
ATOM   809  O O   . TYR B 1 28  ? -3.955  15.085  -5.663  1.00 20.65  ? 28   TYR B O   1 
ATOM   810  C CB  . TYR B 1 28  ? -6.299  15.759  -7.390  1.00 21.68  ? 28   TYR B CB  1 
ATOM   811  C CG  . TYR B 1 28  ? -7.427  15.499  -8.354  1.00 22.98  ? 28   TYR B CG  1 
ATOM   812  C CD1 . TYR B 1 28  ? -8.102  14.293  -8.341  1.00 25.52  ? 28   TYR B CD1 1 
ATOM   813  C CD2 . TYR B 1 28  ? -7.890  16.502  -9.232  1.00 26.72  ? 28   TYR B CD2 1 
ATOM   814  C CE1 . TYR B 1 28  ? -9.141  14.052  -9.207  1.00 25.70  ? 28   TYR B CE1 1 
ATOM   815  C CE2 . TYR B 1 28  ? -8.964  16.281  -10.102 1.00 27.27  ? 28   TYR B CE2 1 
ATOM   816  C CZ  . TYR B 1 28  ? -9.586  15.061  -10.078 1.00 28.00  ? 28   TYR B CZ  1 
ATOM   817  O OH  . TYR B 1 28  ? -10.635 14.808  -10.919 1.00 29.39  ? 28   TYR B OH  1 
ATOM   818  N N   . ILE B 1 29  ? -2.994  16.622  -6.969  1.00 19.64  ? 29   ILE B N   1 
ATOM   819  C CA  . ILE B 1 29  ? -1.936  16.914  -6.013  1.00 19.95  ? 29   ILE B CA  1 
ATOM   820  C C   . ILE B 1 29  ? -1.784  18.398  -5.820  1.00 22.74  ? 29   ILE B C   1 
ATOM   821  O O   . ILE B 1 29  ? -1.414  19.107  -6.767  1.00 23.26  ? 29   ILE B O   1 
ATOM   822  C CB  . ILE B 1 29  ? -0.582  16.362  -6.482  1.00 18.66  ? 29   ILE B CB  1 
ATOM   823  C CG1 . ILE B 1 29  ? -0.704  14.869  -6.879  1.00 19.62  ? 29   ILE B CG1 1 
ATOM   824  C CG2 . ILE B 1 29  ? 0.447   16.503  -5.362  1.00 20.68  ? 29   ILE B CG2 1 
ATOM   825  C CD1 . ILE B 1 29  ? 0.599   14.219  -7.256  1.00 19.87  ? 29   ILE B CD1 1 
ATOM   826  N N   . ASN B 1 30  ? -2.016  18.834  -4.588  1.00 25.75  ? 30   ASN B N   1 
ATOM   827  C CA  . ASN B 1 30  ? -1.706  20.177  -4.149  1.00 27.25  ? 30   ASN B CA  1 
ATOM   828  C C   . ASN B 1 30  ? -0.297  20.187  -3.566  1.00 24.99  ? 30   ASN B C   1 
ATOM   829  O O   . ASN B 1 30  ? -0.032  19.623  -2.503  1.00 25.19  ? 30   ASN B O   1 
ATOM   830  C CB  . ASN B 1 30  ? -2.779  20.692  -3.150  1.00 30.13  ? 30   ASN B CB  1 
ATOM   831  C CG  . ASN B 1 30  ? -2.608  22.197  -2.765  1.00 37.83  ? 30   ASN B CG  1 
ATOM   832  O OD1 . ASN B 1 30  ? -2.011  23.031  -3.490  1.00 36.73  ? 30   ASN B OD1 1 
ATOM   833  N ND2 . ASN B 1 30  ? -3.157  22.549  -1.595  1.00 43.01  ? 30   ASN B ND2 1 
ATOM   834  N N   . ASN B 1 31  ? 0.614   20.853  -4.258  1.00 21.92  ? 31   ASN B N   1 
ATOM   835  C CA  . ASN B 1 31  ? 2.008   20.755  -3.927  1.00 21.44  ? 31   ASN B CA  1 
ATOM   836  C C   . ASN B 1 31  ? 2.538   22.070  -3.374  1.00 22.71  ? 31   ASN B C   1 
ATOM   837  O O   . ASN B 1 31  ? 2.660   23.059  -4.115  1.00 22.39  ? 31   ASN B O   1 
ATOM   838  C CB  . ASN B 1 31  ? 2.816   20.410  -5.149  1.00 20.26  ? 31   ASN B CB  1 
ATOM   839  C CG  . ASN B 1 31  ? 4.300   20.420  -4.859  1.00 21.97  ? 31   ASN B CG  1 
ATOM   840  O OD1 . ASN B 1 31  ? 4.722   20.036  -3.785  1.00 21.27  ? 31   ASN B OD1 1 
ATOM   841  N ND2 . ASN B 1 31  ? 5.099   20.880  -5.807  1.00 23.83  ? 31   ASN B ND2 1 
ATOM   842  N N   . ASN B 1 32  ? 2.939   22.077  -2.113  1.00 23.23  ? 32   ASN B N   1 
ATOM   843  C CA  . ASN B 1 32  ? 3.567   23.307  -1.540  1.00 27.17  ? 32   ASN B CA  1 
ATOM   844  C C   . ASN B 1 32  ? 5.093   23.264  -1.460  1.00 29.28  ? 32   ASN B C   1 
ATOM   845  O O   . ASN B 1 32  ? 5.673   24.180  -0.917  1.00 37.66  ? 32   ASN B O   1 
ATOM   846  C CB  . ASN B 1 32  ? 2.991   23.618  -0.139  1.00 27.31  ? 32   ASN B CB  1 
ATOM   847  C CG  . ASN B 1 32  ? 1.502   23.906  -0.182  1.00 28.19  ? 32   ASN B CG  1 
ATOM   848  O OD1 . ASN B 1 32  ? 0.700   23.305  0.517   1.00 31.28  ? 32   ASN B OD1 1 
ATOM   849  N ND2 . ASN B 1 32  ? 1.138   24.807  -1.024  1.00 29.05  ? 32   ASN B ND2 1 
ATOM   850  N N   . ILE B 1 33  ? 5.737   22.233  -2.009  1.00 29.14  ? 33   ILE B N   1 
ATOM   851  C CA  . ILE B 1 33  ? 7.186   22.105  -2.042  1.00 26.07  ? 33   ILE B CA  1 
ATOM   852  C C   . ILE B 1 33  ? 7.692   22.208  -3.485  1.00 28.08  ? 33   ILE B C   1 
ATOM   853  O O   . ILE B 1 33  ? 7.548   21.276  -4.295  1.00 29.25  ? 33   ILE B O   1 
ATOM   854  C CB  . ILE B 1 33  ? 7.637   20.762  -1.424  1.00 28.02  ? 33   ILE B CB  1 
ATOM   855  C CG1 . ILE B 1 33  ? 7.111   20.592  0.023   1.00 28.32  ? 33   ILE B CG1 1 
ATOM   856  C CG2 . ILE B 1 33  ? 9.149   20.620  -1.445  1.00 27.90  ? 33   ILE B CG2 1 
ATOM   857  C CD1 . ILE B 1 33  ? 7.806   21.534  1.011   1.00 28.80  ? 33   ILE B CD1 1 
ATOM   858  N N   . PRO B 1 34  ? 8.286   23.353  -3.834  1.00 29.85  ? 34   PRO B N   1 
ATOM   859  C CA  . PRO B 1 34  ? 8.860   23.528  -5.181  1.00 29.28  ? 34   PRO B CA  1 
ATOM   860  C C   . PRO B 1 34  ? 9.840   22.434  -5.600  1.00 28.43  ? 34   PRO B C   1 
ATOM   861  O O   . PRO B 1 34  ? 10.562  21.882  -4.764  1.00 30.59  ? 34   PRO B O   1 
ATOM   862  C CB  . PRO B 1 34  ? 9.594   24.871  -5.076  1.00 31.20  ? 34   PRO B CB  1 
ATOM   863  C CG  . PRO B 1 34  ? 8.931   25.615  -3.946  1.00 32.30  ? 34   PRO B CG  1 
ATOM   864  C CD  . PRO B 1 34  ? 8.398   24.570  -2.996  1.00 30.42  ? 34   PRO B CD  1 
ATOM   865  N N   . LYS B 1 35  ? 9.861   22.129  -6.896  1.00 29.73  ? 35   LYS B N   1 
ATOM   866  C CA  . LYS B 1 35  ? 10.807  21.163  -7.488  1.00 27.37  ? 35   LYS B CA  1 
ATOM   867  C C   . LYS B 1 35  ? 10.529  19.714  -7.009  1.00 28.73  ? 35   LYS B C   1 
ATOM   868  O O   . LYS B 1 35  ? 11.348  18.829  -7.180  1.00 30.94  ? 35   LYS B O   1 
ATOM   869  C CB  . LYS B 1 35  ? 12.279  21.600  -7.238  1.00 28.93  ? 35   LYS B CB  1 
ATOM   870  C CG  . LYS B 1 35  ? 12.675  22.991  -7.780  1.00 26.34  ? 35   LYS B CG  1 
ATOM   871  N N   . THR B 1 36  ? 9.353   19.458  -6.421  1.00 25.59  ? 36   THR B N   1 
ATOM   872  C CA  . THR B 1 36  ? 8.950   18.103  -6.100  1.00 24.08  ? 36   THR B CA  1 
ATOM   873  C C   . THR B 1 36  ? 8.652   17.336  -7.422  1.00 24.40  ? 36   THR B C   1 
ATOM   874  O O   . THR B 1 36  ? 8.069   17.904  -8.374  1.00 21.85  ? 36   THR B O   1 
ATOM   875  C CB  . THR B 1 36  ? 7.735   18.107  -5.124  1.00 24.71  ? 36   THR B CB  1 
ATOM   876  O OG1 . THR B 1 36  ? 8.117   18.678  -3.839  1.00 27.15  ? 36   THR B OG1 1 
ATOM   877  C CG2 . THR B 1 36  ? 7.214   16.713  -4.924  1.00 24.62  ? 36   THR B CG2 1 
ATOM   878  N N   . LYS B 1 37  ? 9.064   16.057  -7.456  1.00 24.96  ? 37   LYS B N   1 
ATOM   879  C CA  . LYS B 1 37  ? 8.799   15.111  -8.564  1.00 25.91  ? 37   LYS B CA  1 
ATOM   880  C C   . LYS B 1 37  ? 7.900   13.944  -8.100  1.00 24.26  ? 37   LYS B C   1 
ATOM   881  O O   . LYS B 1 37  ? 7.943   13.533  -6.938  1.00 22.45  ? 37   LYS B O   1 
ATOM   882  C CB  . LYS B 1 37  ? 10.120  14.507  -9.100  1.00 27.71  ? 37   LYS B CB  1 
ATOM   883  N N   . ILE B 1 38  ? 7.067   13.451  -9.014  1.00 21.84  ? 38   ILE B N   1 
ATOM   884  C CA  . ILE B 1 38  ? 6.426   12.166  -8.843  1.00 22.16  ? 38   ILE B CA  1 
ATOM   885  C C   . ILE B 1 38  ? 6.930   11.173  -9.888  1.00 21.31  ? 38   ILE B C   1 
ATOM   886  O O   . ILE B 1 38  ? 7.413   11.578  -10.945 1.00 22.33  ? 38   ILE B O   1 
ATOM   887  C CB  . ILE B 1 38  ? 4.871   12.265  -8.875  1.00 21.72  ? 38   ILE B CB  1 
ATOM   888  C CG1 . ILE B 1 38  ? 4.392   12.734  -10.271 1.00 21.50  ? 38   ILE B CG1 1 
ATOM   889  C CG2 . ILE B 1 38  ? 4.395   13.118  -7.677  1.00 21.06  ? 38   ILE B CG2 1 
ATOM   890  C CD1 . ILE B 1 38  ? 2.924   12.565  -10.528 1.00 20.56  ? 38   ILE B CD1 1 
ATOM   891  N N   . VAL B 1 39  ? 6.880   9.889   -9.531  1.00 21.48  ? 39   VAL B N   1 
ATOM   892  C CA  . VAL B 1 39  ? 6.990   8.739   -10.465 1.00 18.91  ? 39   VAL B CA  1 
ATOM   893  C C   . VAL B 1 39  ? 5.704   7.930   -10.422 1.00 18.74  ? 39   VAL B C   1 
ATOM   894  O O   . VAL B 1 39  ? 5.279   7.506   -9.361  1.00 19.00  ? 39   VAL B O   1 
ATOM   895  C CB  . VAL B 1 39  ? 8.209   7.875   -10.097 1.00 19.41  ? 39   VAL B CB  1 
ATOM   896  C CG1 . VAL B 1 39  ? 8.370   6.707   -11.021 1.00 19.34  ? 39   VAL B CG1 1 
ATOM   897  C CG2 . VAL B 1 39  ? 9.468   8.726   -10.102 1.00 20.80  ? 39   VAL B CG2 1 
ATOM   898  N N   . LEU B 1 40  ? 5.064   7.740   -11.574 1.00 19.98  ? 40   LEU B N   1 
ATOM   899  C CA  . LEU B 1 40  ? 3.960   6.768   -11.729 1.00 22.53  ? 40   LEU B CA  1 
ATOM   900  C C   . LEU B 1 40  ? 4.398   5.510   -12.428 1.00 24.35  ? 40   LEU B C   1 
ATOM   901  O O   . LEU B 1 40  ? 4.916   5.578   -13.556 1.00 22.52  ? 40   LEU B O   1 
ATOM   902  C CB  . LEU B 1 40  ? 2.792   7.335   -12.550 1.00 23.84  ? 40   LEU B CB  1 
ATOM   903  C CG  . LEU B 1 40  ? 1.977   8.365   -11.770 1.00 26.48  ? 40   LEU B CG  1 
ATOM   904  C CD1 . LEU B 1 40  ? 1.385   9.426   -12.668 1.00 29.44  ? 40   LEU B CD1 1 
ATOM   905  C CD2 . LEU B 1 40  ? 0.889   7.730   -10.890 1.00 25.75  ? 40   LEU B CD2 1 
ATOM   906  N N   . GLU B 1 41  ? 4.164   4.357   -11.786 1.00 24.22  ? 41   GLU B N   1 
ATOM   907  C CA  . GLU B 1 41  ? 4.330   3.068   -12.468 1.00 24.29  ? 41   GLU B CA  1 
ATOM   908  C C   . GLU B 1 41  ? 2.973   2.367   -12.645 1.00 24.77  ? 41   GLU B C   1 
ATOM   909  O O   . GLU B 1 41  ? 2.274   2.129   -11.648 1.00 24.84  ? 41   GLU B O   1 
ATOM   910  C CB  . GLU B 1 41  ? 5.273   2.172   -11.655 1.00 24.55  ? 41   GLU B CB  1 
ATOM   911  C CG  . GLU B 1 41  ? 5.575   0.863   -12.354 1.00 26.19  ? 41   GLU B CG  1 
ATOM   912  C CD  . GLU B 1 41  ? 6.768   0.161   -11.774 1.00 27.56  ? 41   GLU B CD  1 
ATOM   913  O OE1 . GLU B 1 41  ? 7.152   0.521   -10.671 1.00 30.23  ? 41   GLU B OE1 1 
ATOM   914  O OE2 . GLU B 1 41  ? 7.335   -0.765  -12.400 1.00 30.56  ? 41   GLU B OE2 1 
ATOM   915  N N   . SER B 1 42  ? 2.593   2.049   -13.890 1.00 25.37  ? 42   SER B N   1 
ATOM   916  C CA  . SER B 1 42  ? 1.358   1.328   -14.171 1.00 26.44  ? 42   SER B CA  1 
ATOM   917  C C   . SER B 1 42  ? 1.525   -0.173  -13.901 1.00 26.53  ? 42   SER B C   1 
ATOM   918  O O   . SER B 1 42  ? 2.582   -0.709  -14.118 1.00 24.58  ? 42   SER B O   1 
ATOM   919  C CB  . SER B 1 42  ? 0.845   1.592   -15.605 1.00 27.68  ? 42   SER B CB  1 
ATOM   920  O OG  . SER B 1 42  ? 1.730   1.113   -16.603 1.00 30.99  ? 42   SER B OG  1 
ATOM   921  N N   . LYS B 1 43  ? 0.476   -0.824  -13.404 1.00 27.53  ? 43   LYS B N   1 
ATOM   922  C CA  . LYS B 1 43  ? 0.502   -2.261  -13.088 1.00 29.68  ? 43   LYS B CA  1 
ATOM   923  C C   . LYS B 1 43  ? 1.676   -2.656  -12.208 1.00 28.63  ? 43   LYS B C   1 
ATOM   924  O O   . LYS B 1 43  ? 2.372   -3.612  -12.530 1.00 27.94  ? 43   LYS B O   1 
ATOM   925  C CB  . LYS B 1 43  ? 0.634   -3.104  -14.343 1.00 37.41  ? 43   LYS B CB  1 
ATOM   926  C CG  . LYS B 1 43  ? -0.561  -3.135  -15.248 1.00 44.26  ? 43   LYS B CG  1 
ATOM   927  C CD  . LYS B 1 43  ? -0.265  -4.139  -16.359 1.00 51.00  ? 43   LYS B CD  1 
ATOM   928  C CE  . LYS B 1 43  ? -1.477  -4.321  -17.272 1.00 58.66  ? 43   LYS B CE  1 
ATOM   929  N NZ  . LYS B 1 43  ? -1.740  -3.166  -18.183 1.00 56.30  ? 43   LYS B NZ  1 
ATOM   930  N N   . PRO B 1 44  ? 1.900   -1.945  -11.088 1.00 24.74  ? 44   PRO B N   1 
ATOM   931  C CA  . PRO B 1 44  ? 3.044   -2.283  -10.254 1.00 23.85  ? 44   PRO B CA  1 
ATOM   932  C C   . PRO B 1 44  ? 2.957   -3.680  -9.665  1.00 24.81  ? 44   PRO B C   1 
ATOM   933  O O   . PRO B 1 44  ? 1.863   -4.132  -9.341  1.00 29.58  ? 44   PRO B O   1 
ATOM   934  C CB  . PRO B 1 44  ? 2.923   -1.252  -9.118  1.00 23.33  ? 44   PRO B CB  1 
ATOM   935  C CG  . PRO B 1 44  ? 1.437   -1.099  -8.979  1.00 22.81  ? 44   PRO B CG  1 
ATOM   936  C CD  . PRO B 1 44  ? 0.943   -1.083  -10.376 1.00 22.33  ? 44   PRO B CD  1 
ATOM   937  N N   . ASP B 1 45  ? 4.092   -4.350  -9.491  1.00 24.67  ? 45   ASP B N   1 
ATOM   938  C CA  . ASP B 1 45  ? 4.172   -5.481  -8.591  1.00 26.54  ? 45   ASP B CA  1 
ATOM   939  C C   . ASP B 1 45  ? 4.204   -4.919  -7.167  1.00 24.75  ? 45   ASP B C   1 
ATOM   940  O O   . ASP B 1 45  ? 5.103   -4.148  -6.805  1.00 21.51  ? 45   ASP B O   1 
ATOM   941  C CB  . ASP B 1 45  ? 5.416   -6.352  -8.867  1.00 28.76  ? 45   ASP B CB  1 
ATOM   942  C CG  . ASP B 1 45  ? 5.539   -7.508  -7.898  1.00 29.27  ? 45   ASP B CG  1 
ATOM   943  O OD1 . ASP B 1 45  ? 4.940   -8.551  -8.103  1.00 36.52  ? 45   ASP B OD1 1 
ATOM   944  O OD2 . ASP B 1 45  ? 6.228   -7.372  -6.900  1.00 37.16  ? 45   ASP B OD2 1 
ATOM   945  N N   . LYS B 1 46  ? 3.206   -5.296  -6.363  1.00 26.35  ? 46   LYS B N   1 
ATOM   946  C CA  . LYS B 1 46  ? 3.070   -4.748  -4.991  1.00 26.14  ? 46   LYS B CA  1 
ATOM   947  C C   . LYS B 1 46  ? 4.243   -5.111  -4.059  1.00 27.13  ? 46   LYS B C   1 
ATOM   948  O O   . LYS B 1 46  ? 4.718   -4.261  -3.271  1.00 26.59  ? 46   LYS B O   1 
ATOM   949  C CB  . LYS B 1 46  ? 1.731   -5.180  -4.379  1.00 27.13  ? 46   LYS B CB  1 
ATOM   950  C CG  . LYS B 1 46  ? 0.514   -4.561  -5.033  1.00 27.48  ? 46   LYS B CG  1 
ATOM   951  C CD  . LYS B 1 46  ? -0.751  -4.881  -4.242  1.00 29.26  ? 46   LYS B CD  1 
ATOM   952  C CE  . LYS B 1 46  ? -1.938  -4.175  -4.856  1.00 31.92  ? 46   LYS B CE  1 
ATOM   953  N NZ  . LYS B 1 46  ? -2.301  -4.778  -6.183  1.00 33.81  ? 46   LYS B NZ  1 
ATOM   954  N N   . ASN B 1 47  ? 4.787   -6.324  -4.170  1.00 30.03  ? 47   ASN B N   1 
ATOM   955  C CA  . ASN B 1 47  ? 6.036   -6.618  -3.427  1.00 31.56  ? 47   ASN B CA  1 
ATOM   956  C C   . ASN B 1 47  ? 7.208   -5.728  -3.735  1.00 31.47  ? 47   ASN B C   1 
ATOM   957  O O   . ASN B 1 47  ? 7.953   -5.320  -2.845  1.00 32.73  ? 47   ASN B O   1 
ATOM   958  C CB  . ASN B 1 47  ? 6.543   -8.016  -3.710  1.00 38.69  ? 47   ASN B CB  1 
ATOM   959  C CG  . ASN B 1 47  ? 5.692   -9.034  -3.078  1.00 41.13  ? 47   ASN B CG  1 
ATOM   960  O OD1 . ASN B 1 47  ? 4.635   -9.326  -3.591  1.00 49.70  ? 47   ASN B OD1 1 
ATOM   961  N ND2 . ASN B 1 47  ? 6.105   -9.528  -1.921  1.00 43.15  ? 47   ASN B ND2 1 
ATOM   962  N N   . ILE B 1 48  ? 7.429   -5.514  -5.019  1.00 32.97  ? 48   ILE B N   1 
ATOM   963  C CA  . ILE B 1 48  ? 8.531   -4.677  -5.430  1.00 30.87  ? 48   ILE B CA  1 
ATOM   964  C C   . ILE B 1 48  ? 8.218   -3.307  -4.876  1.00 27.38  ? 48   ILE B C   1 
ATOM   965  O O   . ILE B 1 48  ? 9.086   -2.677  -4.283  1.00 27.18  ? 48   ILE B O   1 
ATOM   966  C CB  . ILE B 1 48  ? 8.678   -4.613  -6.960  1.00 32.53  ? 48   ILE B CB  1 
ATOM   967  C CG1 . ILE B 1 48  ? 8.888   -6.010  -7.576  1.00 37.74  ? 48   ILE B CG1 1 
ATOM   968  C CG2 . ILE B 1 48  ? 9.833   -3.698  -7.334  1.00 32.40  ? 48   ILE B CG2 1 
ATOM   969  C CD1 . ILE B 1 48  ? 9.912   -6.886  -6.893  1.00 41.81  ? 48   ILE B CD1 1 
ATOM   970  N N   . PHE B 1 49  ? 6.965   -2.857  -5.033  1.00 24.91  ? 49   PHE B N   1 
ATOM   971  C CA  . PHE B 1 49  ? 6.569   -1.546  -4.480  1.00 23.02  ? 49   PHE B CA  1 
ATOM   972  C C   . PHE B 1 49  ? 6.969   -1.352  -2.989  1.00 22.63  ? 49   PHE B C   1 
ATOM   973  O O   . PHE B 1 49  ? 7.560   -0.339  -2.623  1.00 18.68  ? 49   PHE B O   1 
ATOM   974  C CB  . PHE B 1 49  ? 5.071   -1.302  -4.685  1.00 22.44  ? 49   PHE B CB  1 
ATOM   975  C CG  . PHE B 1 49  ? 4.539   -0.106  -3.940  1.00 19.89  ? 49   PHE B CG  1 
ATOM   976  C CD1 . PHE B 1 49  ? 4.553   1.154   -4.514  1.00 21.01  ? 49   PHE B CD1 1 
ATOM   977  C CD2 . PHE B 1 49  ? 3.958   -0.260  -2.693  1.00 21.45  ? 49   PHE B CD2 1 
ATOM   978  C CE1 . PHE B 1 49  ? 4.046   2.252   -3.834  1.00 18.85  ? 49   PHE B CE1 1 
ATOM   979  C CE2 . PHE B 1 49  ? 3.432   0.825   -1.994  1.00 19.84  ? 49   PHE B CE2 1 
ATOM   980  C CZ  . PHE B 1 49  ? 3.458   2.071   -2.574  1.00 20.04  ? 49   PHE B CZ  1 
ATOM   981  N N   . TYR B 1 50  ? 6.671   -2.333  -2.144  1.00 23.14  ? 50   TYR B N   1 
ATOM   982  C CA  . TYR B 1 50  ? 6.927   -2.200  -0.717  1.00 22.18  ? 50   TYR B CA  1 
ATOM   983  C C   . TYR B 1 50  ? 8.413   -2.283  -0.359  1.00 25.30  ? 50   TYR B C   1 
ATOM   984  O O   . TYR B 1 50  ? 8.833   -1.731  0.658   1.00 25.34  ? 50   TYR B O   1 
ATOM   985  C CB  . TYR B 1 50  ? 6.089   -3.194  0.084   1.00 21.21  ? 50   TYR B CB  1 
ATOM   986  C CG  . TYR B 1 50  ? 4.646   -2.743  0.322   1.00 19.86  ? 50   TYR B CG  1 
ATOM   987  C CD1 . TYR B 1 50  ? 4.359   -1.710  1.189   1.00 20.74  ? 50   TYR B CD1 1 
ATOM   988  C CD2 . TYR B 1 50  ? 3.578   -3.328  -0.344  1.00 20.63  ? 50   TYR B CD2 1 
ATOM   989  C CE1 . TYR B 1 50  ? 3.063   -1.273  1.389   1.00 20.91  ? 50   TYR B CE1 1 
ATOM   990  C CE2 . TYR B 1 50  ? 2.274   -2.896  -0.123  1.00 19.96  ? 50   TYR B CE2 1 
ATOM   991  C CZ  . TYR B 1 50  ? 2.024   -1.871  0.736   1.00 20.79  ? 50   TYR B CZ  1 
ATOM   992  O OH  . TYR B 1 50  ? 0.719   -1.454  1.006   1.00 22.02  ? 50   TYR B OH  1 
ATOM   993  N N   . SER B 1 51  ? 9.206   -2.938  -1.200  1.00 29.11  ? 51   SER B N   1 
ATOM   994  C CA  . SER B 1 51  ? 10.695  -2.916  -1.041  1.00 30.09  ? 51   SER B CA  1 
ATOM   995  C C   . SER B 1 51  ? 11.384  -1.702  -1.616  1.00 29.14  ? 51   SER B C   1 
ATOM   996  O O   . SER B 1 51  ? 12.508  -1.441  -1.267  1.00 30.30  ? 51   SER B O   1 
ATOM   997  C CB  . SER B 1 51  ? 11.276  -4.101  -1.765  1.00 30.74  ? 51   SER B CB  1 
ATOM   998  O OG  . SER B 1 51  ? 10.708  -5.251  -1.181  1.00 38.92  ? 51   SER B OG  1 
ATOM   999  N N   . ASP B 1 52  ? 10.743  -0.981  -2.533  1.00 28.77  ? 52   ASP B N   1 
ATOM   1000 C CA  . ASP B 1 52  ? 11.429  0.108   -3.217  1.00 28.05  ? 52   ASP B CA  1 
ATOM   1001 C C   . ASP B 1 52  ? 11.961  1.242   -2.297  1.00 26.55  ? 52   ASP B C   1 
ATOM   1002 O O   . ASP B 1 52  ? 11.342  1.657   -1.324  1.00 24.08  ? 52   ASP B O   1 
ATOM   1003 C CB  . ASP B 1 52  ? 10.555  0.720   -4.319  1.00 27.84  ? 52   ASP B CB  1 
ATOM   1004 C CG  . ASP B 1 52  ? 10.562  -0.059  -5.600  1.00 27.96  ? 52   ASP B CG  1 
ATOM   1005 O OD1 . ASP B 1 52  ? 11.634  -0.610  -5.953  1.00 30.94  ? 52   ASP B OD1 1 
ATOM   1006 O OD2 . ASP B 1 52  ? 9.512   -0.039  -6.311  1.00 20.76  ? 52   ASP B OD2 1 
ATOM   1007 N N   . ASN B 1 53  ? 13.117  1.760   -2.690  1.00 28.18  ? 53   ASN B N   1 
ATOM   1008 C CA  . ASN B 1 53  ? 13.649  2.979   -2.165  1.00 30.81  ? 53   ASN B CA  1 
ATOM   1009 C C   . ASN B 1 53  ? 13.896  3.910   -3.328  1.00 32.33  ? 53   ASN B C   1 
ATOM   1010 O O   . ASN B 1 53  ? 13.536  3.573   -4.498  1.00 29.11  ? 53   ASN B O   1 
ATOM   1011 C CB  . ASN B 1 53  ? 14.920  2.715   -1.358  1.00 33.98  ? 53   ASN B CB  1 
ATOM   1012 C CG  . ASN B 1 53  ? 15.995  1.999   -2.141  1.00 35.66  ? 53   ASN B CG  1 
ATOM   1013 O OD1 . ASN B 1 53  ? 15.903  1.767   -3.340  1.00 39.12  ? 53   ASN B OD1 1 
ATOM   1014 N ND2 . ASN B 1 53  ? 17.046  1.660   -1.445  1.00 41.17  ? 53   ASN B ND2 1 
ATOM   1015 N N   . TYR B 1 54  ? 14.463  5.084   -3.035  1.00 34.17  ? 54   TYR B N   1 
ATOM   1016 C CA  . TYR B 1 54  ? 14.740  6.047   -4.091  1.00 39.99  ? 54   TYR B CA  1 
ATOM   1017 C C   . TYR B 1 54  ? 15.584  5.393   -5.234  1.00 36.51  ? 54   TYR B C   1 
ATOM   1018 O O   . TYR B 1 54  ? 15.252  5.551   -6.408  1.00 30.54  ? 54   TYR B O   1 
ATOM   1019 C CB  . TYR B 1 54  ? 15.364  7.355   -3.526  1.00 49.57  ? 54   TYR B CB  1 
ATOM   1020 C CG  . TYR B 1 54  ? 15.950  8.251   -4.610  1.00 60.42  ? 54   TYR B CG  1 
ATOM   1021 C CD1 . TYR B 1 54  ? 15.136  9.128   -5.348  1.00 63.56  ? 54   TYR B CD1 1 
ATOM   1022 C CD2 . TYR B 1 54  ? 17.321  8.197   -4.928  1.00 66.94  ? 54   TYR B CD2 1 
ATOM   1023 C CE1 . TYR B 1 54  ? 15.668  9.933   -6.357  1.00 68.15  ? 54   TYR B CE1 1 
ATOM   1024 C CE2 . TYR B 1 54  ? 17.855  8.991   -5.941  1.00 70.13  ? 54   TYR B CE2 1 
ATOM   1025 C CZ  . TYR B 1 54  ? 17.027  9.857   -6.648  1.00 71.62  ? 54   TYR B CZ  1 
ATOM   1026 O OH  . TYR B 1 54  ? 17.567  10.628  -7.648  1.00 74.88  ? 54   TYR B OH  1 
ATOM   1027 N N   . GLN B 1 55  ? 16.630  4.625   -4.904  1.00 33.48  ? 55   GLN B N   1 
ATOM   1028 C CA  . GLN B 1 55  ? 17.513  4.078   -5.936  1.00 30.72  ? 55   GLN B CA  1 
ATOM   1029 C C   . GLN B 1 55  ? 16.758  3.053   -6.829  1.00 31.02  ? 55   GLN B C   1 
ATOM   1030 O O   . GLN B 1 55  ? 16.858  3.108   -8.058  1.00 33.27  ? 55   GLN B O   1 
ATOM   1031 C CB  . GLN B 1 55  ? 18.858  3.505   -5.348  1.00 29.19  ? 55   GLN B CB  1 
ATOM   1032 N N   . SER B 1 56  ? 15.972  2.147   -6.242  1.00 28.68  ? 56   SER B N   1 
ATOM   1033 C CA  . SER B 1 56  ? 15.347  1.104   -7.052  1.00 27.61  ? 56   SER B CA  1 
ATOM   1034 C C   . SER B 1 56  ? 14.336  1.673   -8.060  1.00 27.29  ? 56   SER B C   1 
ATOM   1035 O O   . SER B 1 56  ? 14.302  1.250   -9.208  1.00 28.66  ? 56   SER B O   1 
ATOM   1036 C CB  . SER B 1 56  ? 14.719  0.028   -6.158  1.00 30.22  ? 56   SER B CB  1 
ATOM   1037 O OG  . SER B 1 56  ? 13.876  0.584   -5.148  1.00 29.57  ? 56   SER B OG  1 
ATOM   1038 N N   . ILE B 1 57  ? 13.535  2.657   -7.647  1.00 28.61  ? 57   ILE B N   1 
ATOM   1039 C CA  . ILE B 1 57  ? 12.569  3.299   -8.558  1.00 26.91  ? 57   ILE B CA  1 
ATOM   1040 C C   . ILE B 1 57  ? 13.260  4.258   -9.556  1.00 26.34  ? 57   ILE B C   1 
ATOM   1041 O O   . ILE B 1 57  ? 12.866  4.309   -10.707 1.00 23.58  ? 57   ILE B O   1 
ATOM   1042 C CB  . ILE B 1 57  ? 11.377  3.961   -7.793  1.00 27.53  ? 57   ILE B CB  1 
ATOM   1043 C CG1 . ILE B 1 57  ? 10.321  4.454   -8.778  1.00 27.71  ? 57   ILE B CG1 1 
ATOM   1044 C CG2 . ILE B 1 57  ? 11.786  5.142   -6.923  1.00 27.41  ? 57   ILE B CG2 1 
ATOM   1045 C CD1 . ILE B 1 57  ? 9.625   3.363   -9.543  1.00 30.15  ? 57   ILE B CD1 1 
ATOM   1046 N N   . SER B 1 58  ? 14.298  4.990   -9.123  1.00 28.41  ? 58   SER B N   1 
ATOM   1047 C CA  . SER B 1 58  ? 15.155  5.739   -10.053 1.00 29.09  ? 58   SER B CA  1 
ATOM   1048 C C   . SER B 1 58  ? 15.679  4.861   -11.157 1.00 30.76  ? 58   SER B C   1 
ATOM   1049 O O   . SER B 1 58  ? 15.464  5.204   -12.318 1.00 30.85  ? 58   SER B O   1 
ATOM   1050 C CB  . SER B 1 58  ? 16.327  6.356   -9.338  1.00 33.51  ? 58   SER B CB  1 
ATOM   1051 O OG  . SER B 1 58  ? 15.822  7.114   -8.285  1.00 32.98  ? 58   SER B OG  1 
ATOM   1052 N N   . GLN B 1 59  ? 16.274  3.704   -10.811 1.00 29.61  ? 59   GLN B N   1 
ATOM   1053 C CA  . GLN B 1 59  ? 16.700  2.702   -11.829 1.00 31.83  ? 59   GLN B CA  1 
ATOM   1054 C C   . GLN B 1 59  ? 15.641  2.331   -12.900 1.00 31.36  ? 59   GLN B C   1 
ATOM   1055 O O   . GLN B 1 59  ? 15.975  1.961   -14.031 1.00 30.33  ? 59   GLN B O   1 
ATOM   1056 C CB  . GLN B 1 59  ? 17.302  1.421   -11.180 1.00 30.67  ? 59   GLN B CB  1 
ATOM   1057 N N   . ARG B 1 60  ? 14.362  2.433   -12.568 1.00 30.86  ? 60   ARG B N   1 
ATOM   1058 C CA  . ARG B 1 60  ? 13.332  2.005   -13.503 1.00 30.03  ? 60   ARG B CA  1 
ATOM   1059 C C   . ARG B 1 60  ? 12.739  3.120   -14.321 1.00 28.74  ? 60   ARG B C   1 
ATOM   1060 O O   . ARG B 1 60  ? 11.753  2.900   -15.042 1.00 26.81  ? 60   ARG B O   1 
ATOM   1061 C CB  . ARG B 1 60  ? 12.196  1.311   -12.754 1.00 30.98  ? 60   ARG B CB  1 
ATOM   1062 C CG  . ARG B 1 60  ? 12.646  0.123   -11.931 1.00 29.83  ? 60   ARG B CG  1 
ATOM   1063 C CD  . ARG B 1 60  ? 11.542  -0.920  -11.853 1.00 30.31  ? 60   ARG B CD  1 
ATOM   1064 N NE  . ARG B 1 60  ? 10.383  -0.515  -11.048 1.00 28.73  ? 60   ARG B NE  1 
ATOM   1065 C CZ  . ARG B 1 60  ? 10.351  -0.498  -9.713  1.00 28.43  ? 60   ARG B CZ  1 
ATOM   1066 N NH1 . ARG B 1 60  ? 11.442  -0.798  -8.991  1.00 28.69  ? 60   ARG B NH1 1 
ATOM   1067 N NH2 . ARG B 1 60  ? 9.239   -0.108  -9.081  1.00 29.10  ? 60   ARG B NH2 1 
ATOM   1068 N N   . ALA B 1 61  ? 13.309  4.317   -14.225 1.00 32.74  ? 61   ALA B N   1 
ATOM   1069 C CA  . ALA B 1 61  ? 12.694  5.482   -14.871 1.00 33.42  ? 61   ALA B CA  1 
ATOM   1070 C C   . ALA B 1 61  ? 12.543  5.299   -16.374 1.00 34.21  ? 61   ALA B C   1 
ATOM   1071 O O   . ALA B 1 61  ? 11.601  5.811   -16.944 1.00 35.38  ? 61   ALA B O   1 
ATOM   1072 C CB  . ALA B 1 61  ? 13.466  6.747   -14.578 1.00 35.03  ? 61   ALA B CB  1 
ATOM   1073 N N   . ALA B 1 62  ? 13.427  4.535   -17.009 1.00 34.85  ? 62   ALA B N   1 
ATOM   1074 C CA  . ALA B 1 62  ? 13.354  4.355   -18.453 1.00 34.27  ? 62   ALA B CA  1 
ATOM   1075 C C   . ALA B 1 62  ? 12.470  3.198   -18.914 1.00 32.93  ? 62   ALA B C   1 
ATOM   1076 O O   . ALA B 1 62  ? 12.476  2.881   -20.105 1.00 29.17  ? 62   ALA B O   1 
ATOM   1077 C CB  . ALA B 1 62  ? 14.756  4.197   -19.024 1.00 38.33  ? 62   ALA B CB  1 
ATOM   1078 N N   . ASP B 1 63  ? 11.714  2.571   -18.003 1.00 29.32  ? 63   ASP B N   1 
ATOM   1079 C CA  . ASP B 1 63  ? 10.865  1.454   -18.369 1.00 27.30  ? 63   ASP B CA  1 
ATOM   1080 C C   . ASP B 1 63  ? 9.661   1.999   -19.065 1.00 25.49  ? 63   ASP B C   1 
ATOM   1081 O O   . ASP B 1 63  ? 9.228   3.117   -18.764 1.00 25.35  ? 63   ASP B O   1 
ATOM   1082 C CB  . ASP B 1 63  ? 10.369  0.641   -17.147 1.00 30.95  ? 63   ASP B CB  1 
ATOM   1083 C CG  . ASP B 1 63  ? 11.476  -0.171  -16.456 1.00 32.22  ? 63   ASP B CG  1 
ATOM   1084 O OD1 . ASP B 1 63  ? 12.575  -0.248  -17.006 1.00 29.69  ? 63   ASP B OD1 1 
ATOM   1085 O OD2 . ASP B 1 63  ? 11.215  -0.752  -15.361 1.00 33.78  ? 63   ASP B OD2 1 
ATOM   1086 N N   . ASP B 1 64  ? 9.082   1.182   -19.947 1.00 23.19  ? 64   ASP B N   1 
ATOM   1087 C CA  . ASP B 1 64  ? 7.969   1.590   -20.821 1.00 26.04  ? 64   ASP B CA  1 
ATOM   1088 C C   . ASP B 1 64  ? 6.778   2.054   -19.983 1.00 27.66  ? 64   ASP B C   1 
ATOM   1089 O O   . ASP B 1 64  ? 6.052   2.985   -20.371 1.00 31.68  ? 64   ASP B O   1 
ATOM   1090 C CB  . ASP B 1 64  ? 7.562   0.415   -21.798 1.00 24.31  ? 64   ASP B CB  1 
ATOM   1091 N N   . ASN B 1 65  ? 6.591   1.398   -18.832 1.00 28.94  ? 65   ASN B N   1 
ATOM   1092 C CA  . ASN B 1 65  ? 5.456   1.638   -17.930 1.00 29.27  ? 65   ASN B CA  1 
ATOM   1093 C C   . ASN B 1 65  ? 5.720   2.591   -16.708 1.00 29.90  ? 65   ASN B C   1 
ATOM   1094 O O   . ASN B 1 65  ? 4.871   2.720   -15.812 1.00 28.16  ? 65   ASN B O   1 
ATOM   1095 C CB  . ASN B 1 65  ? 4.890   0.267   -17.505 1.00 28.68  ? 65   ASN B CB  1 
ATOM   1096 C CG  . ASN B 1 65  ? 5.746   -0.435  -16.471 1.00 29.96  ? 65   ASN B CG  1 
ATOM   1097 O OD1 . ASN B 1 65  ? 6.949   -0.665  -16.654 1.00 32.38  ? 65   ASN B OD1 1 
ATOM   1098 N ND2 . ASN B 1 65  ? 5.109   -0.826  -15.359 1.00 33.82  ? 65   ASN B ND2 1 
ATOM   1099 N N   . VAL B 1 66  ? 6.864   3.280   -16.712 1.00 28.50  ? 66   VAL B N   1 
ATOM   1100 C CA  . VAL B 1 66  ? 7.228   4.178   -15.643 1.00 27.42  ? 66   VAL B CA  1 
ATOM   1101 C C   . VAL B 1 66  ? 7.349   5.603   -16.166 1.00 29.43  ? 66   VAL B C   1 
ATOM   1102 O O   . VAL B 1 66  ? 7.876   5.820   -17.246 1.00 31.64  ? 66   VAL B O   1 
ATOM   1103 C CB  . VAL B 1 66  ? 8.517   3.749   -14.969 1.00 27.58  ? 66   VAL B CB  1 
ATOM   1104 C CG1 . VAL B 1 66  ? 8.965   4.780   -13.930 1.00 26.89  ? 66   VAL B CG1 1 
ATOM   1105 C CG2 . VAL B 1 66  ? 8.323   2.380   -14.310 1.00 27.61  ? 66   VAL B CG2 1 
ATOM   1106 N N   . LYS B 1 67  ? 6.843   6.578   -15.409 1.00 26.86  ? 67   LYS B N   1 
ATOM   1107 C CA  . LYS B 1 67  ? 6.798   7.968   -15.881 1.00 30.12  ? 67   LYS B CA  1 
ATOM   1108 C C   . LYS B 1 67  ? 7.125   8.928   -14.740 1.00 27.69  ? 67   LYS B C   1 
ATOM   1109 O O   . LYS B 1 67  ? 6.464   8.914   -13.708 1.00 26.37  ? 67   LYS B O   1 
ATOM   1110 C CB  . LYS B 1 67  ? 5.411   8.284   -16.482 1.00 32.44  ? 67   LYS B CB  1 
ATOM   1111 C CG  . LYS B 1 67  ? 5.340   9.480   -17.426 1.00 37.41  ? 67   LYS B CG  1 
ATOM   1112 N N   . ALA B 1 68  ? 8.153   9.744   -14.926 1.00 26.63  ? 68   ALA B N   1 
ATOM   1113 C CA  . ALA B 1 68  ? 8.505   10.752  -13.952 1.00 27.77  ? 68   ALA B CA  1 
ATOM   1114 C C   . ALA B 1 68  ? 7.970   12.136  -14.373 1.00 30.35  ? 68   ALA B C   1 
ATOM   1115 O O   . ALA B 1 68  ? 8.169   12.563  -15.515 1.00 30.03  ? 68   ALA B O   1 
ATOM   1116 C CB  . ALA B 1 68  ? 10.013  10.799  -13.757 1.00 30.00  ? 68   ALA B CB  1 
ATOM   1117 N N   . LEU B 1 69  ? 7.315   12.829  -13.439 1.00 30.39  ? 69   LEU B N   1 
ATOM   1118 C CA  . LEU B 1 69  ? 6.760   14.183  -13.681 1.00 32.51  ? 69   LEU B CA  1 
ATOM   1119 C C   . LEU B 1 69  ? 7.222   15.160  -12.609 1.00 29.40  ? 69   LEU B C   1 
ATOM   1120 O O   . LEU B 1 69  ? 7.345   14.803  -11.428 1.00 29.39  ? 69   LEU B O   1 
ATOM   1121 C CB  . LEU B 1 69  ? 5.225   14.159  -13.721 1.00 33.47  ? 69   LEU B CB  1 
ATOM   1122 C CG  . LEU B 1 69  ? 4.674   13.174  -14.770 1.00 38.58  ? 69   LEU B CG  1 
ATOM   1123 C CD1 . LEU B 1 69  ? 3.203   12.848  -14.571 1.00 37.95  ? 69   LEU B CD1 1 
ATOM   1124 C CD2 . LEU B 1 69  ? 4.894   13.755  -16.153 1.00 41.07  ? 69   LEU B CD2 1 
ATOM   1125 N N   . ASN B 1 70  ? 7.497   16.384  -13.057 1.00 28.59  ? 70   ASN B N   1 
ATOM   1126 C CA  . ASN B 1 70  ? 7.779   17.525  -12.192 1.00 28.12  ? 70   ASN B CA  1 
ATOM   1127 C C   . ASN B 1 70  ? 6.453   18.181  -11.886 1.00 29.03  ? 70   ASN B C   1 
ATOM   1128 O O   . ASN B 1 70  ? 5.644   18.378  -12.812 1.00 28.60  ? 70   ASN B O   1 
ATOM   1129 C CB  . ASN B 1 70  ? 8.691   18.536  -12.897 1.00 28.72  ? 70   ASN B CB  1 
ATOM   1130 C CG  . ASN B 1 70  ? 10.130  18.031  -13.049 1.00 29.22  ? 70   ASN B CG  1 
ATOM   1131 O OD1 . ASN B 1 70  ? 10.632  17.277  -12.242 1.00 25.32  ? 70   ASN B OD1 1 
ATOM   1132 N ND2 . ASN B 1 70  ? 10.765  18.419  -14.119 1.00 30.15  ? 70   ASN B ND2 1 
ATOM   1133 N N   . LEU B 1 71  ? 6.220   18.467  -10.596 1.00 26.89  ? 71   LEU B N   1 
ATOM   1134 C CA  . LEU B 1 71  ? 4.959   19.028  -10.138 1.00 26.07  ? 71   LEU B CA  1 
ATOM   1135 C C   . LEU B 1 71  ? 5.151   20.483  -10.114 1.00 27.30  ? 71   LEU B C   1 
ATOM   1136 O O   . LEU B 1 71  ? 6.258   20.939  -9.820  1.00 26.15  ? 71   LEU B O   1 
ATOM   1137 C CB  . LEU B 1 71  ? 4.659   18.628  -8.708  1.00 25.18  ? 71   LEU B CB  1 
ATOM   1138 C CG  . LEU B 1 71  ? 4.405   17.168  -8.367  1.00 24.66  ? 71   LEU B CG  1 
ATOM   1139 C CD1 . LEU B 1 71  ? 3.977   17.136  -6.885  1.00 23.01  ? 71   LEU B CD1 1 
ATOM   1140 C CD2 . LEU B 1 71  ? 3.344   16.639  -9.319  1.00 23.70  ? 71   LEU B CD2 1 
ATOM   1141 N N   . LYS B 1 72  ? 4.108   21.235  -10.422 1.00 29.18  ? 72   LYS B N   1 
ATOM   1142 C CA  . LYS B 1 72  ? 4.269   22.646  -10.306 1.00 31.28  ? 72   LYS B CA  1 
ATOM   1143 C C   . LYS B 1 72  ? 3.815   22.946  -8.871  1.00 30.07  ? 72   LYS B C   1 
ATOM   1144 O O   . LYS B 1 72  ? 3.259   22.053  -8.202  1.00 25.29  ? 72   LYS B O   1 
ATOM   1145 C CB  . LYS B 1 72  ? 3.543   23.394  -11.436 1.00 34.24  ? 72   LYS B CB  1 
ATOM   1146 C CG  . LYS B 1 72  ? 2.050   23.579  -11.300 1.00 37.51  ? 72   LYS B CG  1 
ATOM   1147 C CD  . LYS B 1 72  ? 1.375   23.901  -12.660 1.00 40.75  ? 72   LYS B CD  1 
ATOM   1148 C CE  . LYS B 1 72  ? 1.688   25.298  -13.205 1.00 40.84  ? 72   LYS B CE  1 
ATOM   1149 N NZ  . LYS B 1 72  ? 0.567   25.884  -14.044 1.00 38.76  ? 72   LYS B NZ  1 
ATOM   1150 N N   . THR B 1 73  ? 4.083   24.167  -8.404  1.00 27.55  ? 73   THR B N   1 
ATOM   1151 C CA  . THR B 1 73  ? 3.598   24.641  -7.132  1.00 28.92  ? 73   THR B CA  1 
ATOM   1152 C C   . THR B 1 73  ? 2.087   24.838  -7.308  1.00 29.48  ? 73   THR B C   1 
ATOM   1153 O O   . THR B 1 73  ? 1.629   25.239  -8.370  1.00 31.77  ? 73   THR B O   1 
ATOM   1154 C CB  . THR B 1 73  ? 4.411   25.887  -6.675  1.00 33.12  ? 73   THR B CB  1 
ATOM   1155 O OG1 . THR B 1 73  ? 5.703   25.438  -6.234  1.00 37.66  ? 73   THR B OG1 1 
ATOM   1156 C CG2 . THR B 1 73  ? 3.805   26.579  -5.521  1.00 35.05  ? 73   THR B CG2 1 
ATOM   1157 N N   . GLY B 1 74  ? 1.289   24.454  -6.320  1.00 29.01  ? 74   GLY B N   1 
ATOM   1158 C CA  . GLY B 1 74  ? -0.172  24.619  -6.416  1.00 27.15  ? 74   GLY B CA  1 
ATOM   1159 C C   . GLY B 1 74  ? -0.836  23.348  -6.908  1.00 24.62  ? 74   GLY B C   1 
ATOM   1160 O O   . GLY B 1 74  ? -0.284  22.264  -6.707  1.00 22.01  ? 74   GLY B O   1 
ATOM   1161 N N   . LYS B 1 75  ? -2.016  23.490  -7.519  1.00 24.52  ? 75   LYS B N   1 
ATOM   1162 C CA  . LYS B 1 75  ? -2.827  22.359  -8.028  1.00 29.08  ? 75   LYS B CA  1 
ATOM   1163 C C   . LYS B 1 75  ? -2.218  21.696  -9.255  1.00 30.13  ? 75   LYS B C   1 
ATOM   1164 O O   . LYS B 1 75  ? -1.802  22.384  -10.186 1.00 35.73  ? 75   LYS B O   1 
ATOM   1165 C CB  . LYS B 1 75  ? -4.265  22.812  -8.355  1.00 30.36  ? 75   LYS B CB  1 
ATOM   1166 N N   . ASN B 1 76  ? -2.121  20.361  -9.217  1.00 29.89  ? 76   ASN B N   1 
ATOM   1167 C CA  . ASN B 1 76  ? -1.724  19.521  -10.340 1.00 25.14  ? 76   ASN B CA  1 
ATOM   1168 C C   . ASN B 1 76  ? -2.773  18.462  -10.443 1.00 26.66  ? 76   ASN B C   1 
ATOM   1169 O O   . ASN B 1 76  ? -3.174  17.904  -9.426  1.00 24.45  ? 76   ASN B O   1 
ATOM   1170 C CB  . ASN B 1 76  ? -0.429  18.747  -10.056 1.00 25.25  ? 76   ASN B CB  1 
ATOM   1171 C CG  . ASN B 1 76  ? 0.736   19.652  -9.757  1.00 25.79  ? 76   ASN B CG  1 
ATOM   1172 O OD1 . ASN B 1 76  ? 1.589   19.845  -10.599 1.00 23.91  ? 76   ASN B OD1 1 
ATOM   1173 N ND2 . ASN B 1 76  ? 0.767   20.229  -8.542  1.00 25.79  ? 76   ASN B ND2 1 
ATOM   1174 N N   . GLU B 1 77  ? -3.160  18.127  -11.662 1.00 26.78  ? 77   GLU B N   1 
ATOM   1175 C CA  . GLU B 1 77  ? -4.173  17.107  -11.902 1.00 32.55  ? 77   GLU B CA  1 
ATOM   1176 C C   . GLU B 1 77  ? -3.626  16.291  -13.036 1.00 34.26  ? 77   GLU B C   1 
ATOM   1177 O O   . GLU B 1 77  ? -3.173  16.868  -14.024 1.00 29.60  ? 77   GLU B O   1 
ATOM   1178 C CB  . GLU B 1 77  ? -5.532  17.719  -12.288 1.00 35.45  ? 77   GLU B CB  1 
ATOM   1179 C CG  . GLU B 1 77  ? -6.028  18.776  -11.299 1.00 41.53  ? 77   GLU B CG  1 
ATOM   1180 C CD  . GLU B 1 77  ? -7.459  19.258  -11.559 1.00 49.39  ? 77   GLU B CD  1 
ATOM   1181 O OE1 . GLU B 1 77  ? -8.053  18.732  -12.541 1.00 49.18  ? 77   GLU B OE1 1 
ATOM   1182 O OE2 . GLU B 1 77  ? -7.973  20.137  -10.772 1.00 47.05  ? 77   GLU B OE2 1 
ATOM   1183 N N   . PHE B 1 78  ? -3.612  14.969  -12.877 1.00 34.99  ? 78   PHE B N   1 
ATOM   1184 C CA  . PHE B 1 78  ? -3.189  14.079  -13.939 1.00 33.59  ? 78   PHE B CA  1 
ATOM   1185 C C   . PHE B 1 78  ? -4.261  13.027  -14.156 1.00 34.69  ? 78   PHE B C   1 
ATOM   1186 O O   . PHE B 1 78  ? -4.877  12.565  -13.212 1.00 29.67  ? 78   PHE B O   1 
ATOM   1187 C CB  . PHE B 1 78  ? -1.871  13.412  -13.624 1.00 35.81  ? 78   PHE B CB  1 
ATOM   1188 C CG  . PHE B 1 78  ? -0.795  14.367  -13.249 1.00 35.17  ? 78   PHE B CG  1 
ATOM   1189 C CD1 . PHE B 1 78  ? -0.151  15.104  -14.222 1.00 37.31  ? 78   PHE B CD1 1 
ATOM   1190 C CD2 . PHE B 1 78  ? -0.437  14.549  -11.917 1.00 31.23  ? 78   PHE B CD2 1 
ATOM   1191 C CE1 . PHE B 1 78  ? 0.846   16.009  -13.886 1.00 35.42  ? 78   PHE B CE1 1 
ATOM   1192 C CE2 . PHE B 1 78  ? 0.562   15.446  -11.576 1.00 33.21  ? 78   PHE B CE2 1 
ATOM   1193 C CZ  . PHE B 1 78  ? 1.219   16.174  -12.563 1.00 33.11  ? 78   PHE B CZ  1 
ATOM   1194 N N   . PRO B 1 79  ? -4.506  12.675  -15.426 1.00 36.04  ? 79   PRO B N   1 
ATOM   1195 C CA  . PRO B 1 79  ? -5.485  11.642  -15.712 1.00 35.31  ? 79   PRO B CA  1 
ATOM   1196 C C   . PRO B 1 79  ? -4.864  10.304  -15.408 1.00 29.51  ? 79   PRO B C   1 
ATOM   1197 O O   . PRO B 1 79  ? -3.642  10.182  -15.453 1.00 29.65  ? 79   PRO B O   1 
ATOM   1198 C CB  . PRO B 1 79  ? -5.700  11.771  -17.216 1.00 36.04  ? 79   PRO B CB  1 
ATOM   1199 C CG  . PRO B 1 79  ? -4.353  12.197  -17.728 1.00 37.95  ? 79   PRO B CG  1 
ATOM   1200 C CD  . PRO B 1 79  ? -3.769  13.093  -16.642 1.00 37.58  ? 79   PRO B CD  1 
ATOM   1201 N N   . LEU B 1 80  ? -5.686  9.315   -15.085 1.00 27.37  ? 80   LEU B N   1 
ATOM   1202 C CA  . LEU B 1 80  ? -5.199  7.917   -15.003 1.00 27.60  ? 80   LEU B CA  1 
ATOM   1203 C C   . LEU B 1 80  ? -6.035  7.124   -15.965 1.00 30.58  ? 80   LEU B C   1 
ATOM   1204 O O   . LEU B 1 80  ? -7.249  7.288   -16.032 1.00 32.19  ? 80   LEU B O   1 
ATOM   1205 C CB  . LEU B 1 80  ? -5.337  7.331   -13.598 1.00 24.48  ? 80   LEU B CB  1 
ATOM   1206 C CG  . LEU B 1 80  ? -4.697  8.080   -12.443 1.00 22.76  ? 80   LEU B CG  1 
ATOM   1207 C CD1 . LEU B 1 80  ? -5.074  7.503   -11.076 1.00 22.47  ? 80   LEU B CD1 1 
ATOM   1208 C CD2 . LEU B 1 80  ? -3.190  8.060   -12.633 1.00 24.09  ? 80   LEU B CD2 1 
ATOM   1209 N N   . ASP B 1 81  ? -5.369  6.295   -16.735 1.00 33.22  ? 81   ASP B N   1 
ATOM   1210 C CA  . ASP B 1 81  ? -6.018  5.461   -17.704 1.00 35.62  ? 81   ASP B CA  1 
ATOM   1211 C C   . ASP B 1 81  ? -6.891  4.387   -17.029 1.00 34.24  ? 81   ASP B C   1 
ATOM   1212 O O   . ASP B 1 81  ? -6.387  3.525   -16.346 1.00 30.44  ? 81   ASP B O   1 
ATOM   1213 C CB  . ASP B 1 81  ? -4.946  4.797   -18.577 1.00 38.48  ? 81   ASP B CB  1 
ATOM   1214 C CG  . ASP B 1 81  ? -5.530  3.945   -19.641 1.00 39.88  ? 81   ASP B CG  1 
ATOM   1215 O OD1 . ASP B 1 81  ? -6.728  3.622   -19.553 1.00 42.75  ? 81   ASP B OD1 1 
ATOM   1216 O OD2 . ASP B 1 81  ? -4.786  3.583   -20.555 1.00 44.58  ? 81   ASP B OD2 1 
ATOM   1217 N N   . LYS B 1 82  ? -8.199  4.432   -17.285 1.00 36.48  ? 82   LYS B N   1 
ATOM   1218 C CA  . LYS B 1 82  ? -9.137  3.440   -16.731 1.00 36.69  ? 82   LYS B CA  1 
ATOM   1219 C C   . LYS B 1 82  ? -8.945  2.012   -17.226 1.00 38.33  ? 82   LYS B C   1 
ATOM   1220 O O   . LYS B 1 82  ? -9.351  1.089   -16.543 1.00 38.33  ? 82   LYS B O   1 
ATOM   1221 C CB  . LYS B 1 82  ? -10.584 3.878   -16.933 1.00 39.89  ? 82   LYS B CB  1 
ATOM   1222 C CG  . LYS B 1 82  ? -10.924 5.163   -16.162 1.00 42.25  ? 82   LYS B CG  1 
ATOM   1223 C CD  . LYS B 1 82  ? -12.354 5.150   -15.655 1.00 48.93  ? 82   LYS B CD  1 
ATOM   1224 C CE  . LYS B 1 82  ? -12.600 6.238   -14.618 1.00 51.81  ? 82   LYS B CE  1 
ATOM   1225 N NZ  . LYS B 1 82  ? -13.591 5.789   -13.596 1.00 52.92  ? 82   LYS B NZ  1 
ATOM   1226 N N   . ASP B 1 83  ? -8.291  1.809   -18.368 1.00 37.95  ? 83   ASP B N   1 
ATOM   1227 C CA  . ASP B 1 83  ? -7.996  0.445   -18.808 1.00 42.16  ? 83   ASP B CA  1 
ATOM   1228 C C   . ASP B 1 83  ? -6.966  -0.210  -17.901 1.00 40.69  ? 83   ASP B C   1 
ATOM   1229 O O   . ASP B 1 83  ? -6.762  -1.412  -18.014 1.00 42.36  ? 83   ASP B O   1 
ATOM   1230 C CB  . ASP B 1 83  ? -7.441  0.407   -20.232 1.00 46.55  ? 83   ASP B CB  1 
ATOM   1231 C CG  . ASP B 1 83  ? -8.454  0.858   -21.289 1.00 49.80  ? 83   ASP B CG  1 
ATOM   1232 O OD1 . ASP B 1 83  ? -9.655  0.909   -20.979 1.00 46.65  ? 83   ASP B OD1 1 
ATOM   1233 O OD2 . ASP B 1 83  ? -8.026  1.155   -22.433 1.00 56.98  ? 83   ASP B OD2 1 
ATOM   1234 N N   . ILE B 1 84  ? -6.276  0.585   -17.071 1.00 38.30  ? 84   ILE B N   1 
ATOM   1235 C CA  . ILE B 1 84  ? -5.326  0.071   -16.060 1.00 34.83  ? 84   ILE B CA  1 
ATOM   1236 C C   . ILE B 1 84  ? -5.890  0.250   -14.636 1.00 32.68  ? 84   ILE B C   1 
ATOM   1237 O O   . ILE B 1 84  ? -6.163  1.361   -14.205 1.00 34.49  ? 84   ILE B O   1 
ATOM   1238 C CB  . ILE B 1 84  ? -3.991  0.806   -16.137 1.00 33.56  ? 84   ILE B CB  1 
ATOM   1239 C CG1 . ILE B 1 84  ? -3.408  0.691   -17.556 1.00 33.72  ? 84   ILE B CG1 1 
ATOM   1240 C CG2 . ILE B 1 84  ? -3.017  0.257   -15.076 1.00 31.50  ? 84   ILE B CG2 1 
ATOM   1241 C CD1 . ILE B 1 84  ? -2.242  1.632   -17.797 1.00 31.33  ? 84   ILE B CD1 1 
ATOM   1242 N N   . LYS B 1 85  ? -6.071  -0.849  -13.922 1.00 30.34  ? 85   LYS B N   1 
ATOM   1243 C CA  . LYS B 1 85  ? -6.665  -0.827  -12.568 1.00 31.58  ? 85   LYS B CA  1 
ATOM   1244 C C   . LYS B 1 85  ? -5.839  0.008   -11.619 1.00 28.12  ? 85   LYS B C   1 
ATOM   1245 O O   . LYS B 1 85  ? -6.374  0.901   -10.947 1.00 30.27  ? 85   LYS B O   1 
ATOM   1246 C CB  . LYS B 1 85  ? -6.746  -2.258  -11.979 1.00 32.77  ? 85   LYS B CB  1 
ATOM   1247 N N   . ASP B 1 86  ? -4.530  -0.288  -11.617 1.00 24.64  ? 86   ASP B N   1 
ATOM   1248 C CA  . ASP B 1 86  ? -3.587  0.096   -10.568 1.00 29.77  ? 86   ASP B CA  1 
ATOM   1249 C C   . ASP B 1 86  ? -2.326  0.796   -11.045 1.00 25.94  ? 86   ASP B C   1 
ATOM   1250 O O   . ASP B 1 86  ? -1.761  0.408   -12.065 1.00 23.70  ? 86   ASP B O   1 
ATOM   1251 C CB  . ASP B 1 86  ? -3.055  -1.190  -9.881  1.00 31.55  ? 86   ASP B CB  1 
ATOM   1252 C CG  . ASP B 1 86  ? -3.852  -1.556  -8.703  1.00 39.25  ? 86   ASP B CG  1 
ATOM   1253 O OD1 . ASP B 1 86  ? -5.009  -1.074  -8.607  1.00 40.66  ? 86   ASP B OD1 1 
ATOM   1254 O OD2 . ASP B 1 86  ? -3.295  -2.292  -7.860  1.00 48.06  ? 86   ASP B OD2 1 
ATOM   1255 N N   . TYR B 1 87  ? -1.849  1.700   -10.197 1.00 23.57  ? 87   TYR B N   1 
ATOM   1256 C CA  . TYR B 1 87  ? -0.612  2.421   -10.358 1.00 22.82  ? 87   TYR B CA  1 
ATOM   1257 C C   . TYR B 1 87  ? 0.109   2.506   -9.004  1.00 22.57  ? 87   TYR B C   1 
ATOM   1258 O O   . TYR B 1 87  ? -0.526  2.448   -7.939  1.00 20.79  ? 87   TYR B O   1 
ATOM   1259 C CB  . TYR B 1 87  ? -0.917  3.846   -10.774 1.00 22.89  ? 87   TYR B CB  1 
ATOM   1260 C CG  . TYR B 1 87  ? -1.477  4.011   -12.167 1.00 24.37  ? 87   TYR B CG  1 
ATOM   1261 C CD1 . TYR B 1 87  ? -2.811  3.851   -12.400 1.00 23.31  ? 87   TYR B CD1 1 
ATOM   1262 C CD2 . TYR B 1 87  ? -0.647  4.343   -13.241 1.00 24.65  ? 87   TYR B CD2 1 
ATOM   1263 C CE1 . TYR B 1 87  ? -3.335  3.978   -13.648 1.00 24.79  ? 87   TYR B CE1 1 
ATOM   1264 C CE2 . TYR B 1 87  ? -1.160  4.482   -14.505 1.00 24.02  ? 87   TYR B CE2 1 
ATOM   1265 C CZ  . TYR B 1 87  ? -2.512  4.308   -14.698 1.00 25.54  ? 87   TYR B CZ  1 
ATOM   1266 O OH  . TYR B 1 87  ? -3.080  4.458   -15.948 1.00 29.88  ? 87   TYR B OH  1 
ATOM   1267 N N   . ALA B 1 88  ? 1.427   2.664   -9.060  1.00 19.36  ? 88   ALA B N   1 
ATOM   1268 C CA  . ALA B 1 88  ? 2.214   3.011   -7.892  1.00 19.85  ? 88   ALA B CA  1 
ATOM   1269 C C   . ALA B 1 88  ? 2.624   4.435   -8.148  1.00 18.07  ? 88   ALA B C   1 
ATOM   1270 O O   . ALA B 1 88  ? 2.997   4.805   -9.247  1.00 20.16  ? 88   ALA B O   1 
ATOM   1271 C CB  . ALA B 1 88  ? 3.427   2.097   -7.726  1.00 19.29  ? 88   ALA B CB  1 
ATOM   1272 N N   . LEU B 1 89  ? 2.487   5.238   -7.134  1.00 16.97  ? 89   LEU B N   1 
ATOM   1273 C CA  . LEU B 1 89  ? 2.872   6.614   -7.158  1.00 17.38  ? 89   LEU B CA  1 
ATOM   1274 C C   . LEU B 1 89  ? 3.958   6.827   -6.105  1.00 17.86  ? 89   LEU B C   1 
ATOM   1275 O O   . LEU B 1 89  ? 3.799   6.435   -4.975  1.00 20.94  ? 89   LEU B O   1 
ATOM   1276 C CB  . LEU B 1 89  ? 1.626   7.438   -6.800  1.00 16.92  ? 89   LEU B CB  1 
ATOM   1277 C CG  . LEU B 1 89  ? 1.845   8.903   -6.463  1.00 15.65  ? 89   LEU B CG  1 
ATOM   1278 C CD1 . LEU B 1 89  ? 2.466   9.604   -7.625  1.00 16.42  ? 89   LEU B CD1 1 
ATOM   1279 C CD2 . LEU B 1 89  ? 0.490   9.511   -6.098  1.00 16.81  ? 89   LEU B CD2 1 
ATOM   1280 N N   . TYR B 1 90  ? 5.051   7.453   -6.487  1.00 18.23  ? 90   TYR B N   1 
ATOM   1281 C CA  . TYR B 1 90  ? 6.132   7.815   -5.598  1.00 17.56  ? 90   TYR B CA  1 
ATOM   1282 C C   . TYR B 1 90  ? 6.304   9.330   -5.622  1.00 18.51  ? 90   TYR B C   1 
ATOM   1283 O O   . TYR B 1 90  ? 6.268   9.960   -6.705  1.00 17.10  ? 90   TYR B O   1 
ATOM   1284 C CB  . TYR B 1 90  ? 7.439   7.130   -6.044  1.00 16.61  ? 90   TYR B CB  1 
ATOM   1285 C CG  . TYR B 1 90  ? 7.396   5.647   -6.224  1.00 16.24  ? 90   TYR B CG  1 
ATOM   1286 C CD1 . TYR B 1 90  ? 6.850   5.092   -7.361  1.00 17.42  ? 90   TYR B CD1 1 
ATOM   1287 C CD2 . TYR B 1 90  ? 7.916   4.789   -5.247  1.00 17.59  ? 90   TYR B CD2 1 
ATOM   1288 C CE1 . TYR B 1 90  ? 6.778   3.722   -7.538  1.00 16.80  ? 90   TYR B CE1 1 
ATOM   1289 C CE2 . TYR B 1 90  ? 7.891   3.408   -5.405  1.00 17.43  ? 90   TYR B CE2 1 
ATOM   1290 C CZ  . TYR B 1 90  ? 7.326   2.882   -6.556  1.00 17.39  ? 90   TYR B CZ  1 
ATOM   1291 O OH  . TYR B 1 90  ? 7.304   1.526   -6.740  1.00 16.83  ? 90   TYR B OH  1 
ATOM   1292 N N   . PHE B 1 91  ? 6.519   9.914   -4.446  1.00 19.19  ? 91   PHE B N   1 
ATOM   1293 C CA  . PHE B 1 91  ? 6.799   11.370  -4.336  1.00 20.40  ? 91   PHE B CA  1 
ATOM   1294 C C   . PHE B 1 91  ? 8.251   11.536  -4.066  1.00 23.16  ? 91   PHE B C   1 
ATOM   1295 O O   . PHE B 1 91  ? 8.740   10.973  -3.085  1.00 20.69  ? 91   PHE B O   1 
ATOM   1296 C CB  . PHE B 1 91  ? 6.051   12.006  -3.186  1.00 19.54  ? 91   PHE B CB  1 
ATOM   1297 C CG  . PHE B 1 91  ? 4.560   12.045  -3.381  1.00 20.41  ? 91   PHE B CG  1 
ATOM   1298 C CD1 . PHE B 1 91  ? 3.972   13.129  -4.020  1.00 20.05  ? 91   PHE B CD1 1 
ATOM   1299 C CD2 . PHE B 1 91  ? 3.755   11.029  -2.923  1.00 18.59  ? 91   PHE B CD2 1 
ATOM   1300 C CE1 . PHE B 1 91  ? 2.600   13.192  -4.221  1.00 19.58  ? 91   PHE B CE1 1 
ATOM   1301 C CE2 . PHE B 1 91  ? 2.378   11.091  -3.113  1.00 18.74  ? 91   PHE B CE2 1 
ATOM   1302 C CZ  . PHE B 1 91  ? 1.805   12.170  -3.760  1.00 19.11  ? 91   PHE B CZ  1 
ATOM   1303 N N   . ILE B 1 92  ? 8.922   12.284  -4.951  1.00 27.13  ? 92   ILE B N   1 
ATOM   1304 C CA  . ILE B 1 92  ? 10.361  12.581  -4.844  1.00 27.97  ? 92   ILE B CA  1 
ATOM   1305 C C   . ILE B 1 92  ? 10.548  14.045  -4.432  1.00 28.67  ? 92   ILE B C   1 
ATOM   1306 O O   . ILE B 1 92  ? 10.493  14.974  -5.275  1.00 23.44  ? 92   ILE B O   1 
ATOM   1307 C CB  . ILE B 1 92  ? 11.085  12.356  -6.172  1.00 29.09  ? 92   ILE B CB  1 
ATOM   1308 C CG1 . ILE B 1 92  ? 10.657  11.029  -6.834  1.00 29.33  ? 92   ILE B CG1 1 
ATOM   1309 C CG2 . ILE B 1 92  ? 12.578  12.442  -5.957  1.00 30.52  ? 92   ILE B CG2 1 
ATOM   1310 C CD1 . ILE B 1 92  ? 10.888  9.800   -5.999  1.00 28.49  ? 92   ILE B CD1 1 
ATOM   1311 N N   . LEU B 1 93  ? 10.699  14.249  -3.121  1.00 29.53  ? 93   LEU B N   1 
ATOM   1312 C CA  . LEU B 1 93  ? 10.917  15.581  -2.602  1.00 33.66  ? 93   LEU B CA  1 
ATOM   1313 C C   . LEU B 1 93  ? 12.344  16.053  -2.932  1.00 35.67  ? 93   LEU B C   1 
ATOM   1314 O O   . LEU B 1 93  ? 13.242  15.225  -3.101  1.00 36.00  ? 93   LEU B O   1 
ATOM   1315 C CB  . LEU B 1 93  ? 10.655  15.625  -1.096  1.00 36.91  ? 93   LEU B CB  1 
ATOM   1316 C CG  . LEU B 1 93  ? 9.218   15.377  -0.650  1.00 39.63  ? 93   LEU B CG  1 
ATOM   1317 C CD1 . LEU B 1 93  ? 9.080   15.551  0.856   1.00 44.62  ? 93   LEU B CD1 1 
ATOM   1318 C CD2 . LEU B 1 93  ? 8.292   16.307  -1.390  1.00 42.35  ? 93   LEU B CD2 1 
ATOM   1319 N N   . PRO B 1 94  ? 12.542  17.376  -3.059  1.00 35.60  ? 94   PRO B N   1 
ATOM   1320 C CA  . PRO B 1 94  ? 13.899  17.873  -3.212  1.00 38.43  ? 94   PRO B CA  1 
ATOM   1321 C C   . PRO B 1 94  ? 14.602  17.876  -1.847  1.00 40.12  ? 94   PRO B C   1 
ATOM   1322 O O   . PRO B 1 94  ? 15.737  17.430  -1.755  1.00 42.86  ? 94   PRO B O   1 
ATOM   1323 C CB  . PRO B 1 94  ? 13.691  19.295  -3.755  1.00 35.70  ? 94   PRO B CB  1 
ATOM   1324 C CG  . PRO B 1 94  ? 12.390  19.713  -3.193  1.00 34.64  ? 94   PRO B CG  1 
ATOM   1325 C CD  . PRO B 1 94  ? 11.555  18.471  -2.995  1.00 35.39  ? 94   PRO B CD  1 
ATOM   1326 N N   . THR B 1 99  ? 8.212   13.131  3.598   1.00 43.01  ? 99   THR B N   1 
ATOM   1327 C CA  . THR B 1 99  ? 9.344   12.185  3.452   1.00 50.49  ? 99   THR B CA  1 
ATOM   1328 C C   . THR B 1 99  ? 9.049   10.771  4.031   1.00 46.70  ? 99   THR B C   1 
ATOM   1329 O O   . THR B 1 99  ? 9.528   9.790   3.502   1.00 49.62  ? 99   THR B O   1 
ATOM   1330 C CB  . THR B 1 99  ? 10.679  12.737  4.054   1.00 43.61  ? 99   THR B CB  1 
ATOM   1331 N N   . GLU B 1 100 ? 8.257   10.670  5.093   1.00 48.54  ? 100  GLU B N   1 
ATOM   1332 C CA  . GLU B 1 100 ? 8.027   9.374   5.767   1.00 52.28  ? 100  GLU B CA  1 
ATOM   1333 C C   . GLU B 1 100 ? 7.223   8.481   4.854   1.00 47.10  ? 100  GLU B C   1 
ATOM   1334 O O   . GLU B 1 100 ? 7.691   7.457   4.425   1.00 50.50  ? 100  GLU B O   1 
ATOM   1335 C CB  . GLU B 1 100 ? 7.292   9.537   7.129   1.00 51.86  ? 100  GLU B CB  1 
ATOM   1336 N N   . ASN B 1 101 ? 6.023   8.933   4.536   1.00 45.43  ? 101  ASN B N   1 
ATOM   1337 C CA  . ASN B 1 101 ? 5.079   8.220   3.713   1.00 44.21  ? 101  ASN B CA  1 
ATOM   1338 C C   . ASN B 1 101 ? 5.151   8.761   2.268   1.00 39.36  ? 101  ASN B C   1 
ATOM   1339 O O   . ASN B 1 101 ? 4.412   9.675   1.893   1.00 41.57  ? 101  ASN B O   1 
ATOM   1340 C CB  . ASN B 1 101 ? 3.679   8.409   4.312   1.00 51.38  ? 101  ASN B CB  1 
ATOM   1341 C CG  . ASN B 1 101 ? 3.432   9.842   4.786   1.00 60.26  ? 101  ASN B CG  1 
ATOM   1342 O OD1 . ASN B 1 101 ? 4.339   10.691  4.791   1.00 67.54  ? 101  ASN B OD1 1 
ATOM   1343 N ND2 . ASN B 1 101 ? 2.207   10.122  5.175   1.00 63.13  ? 101  ASN B ND2 1 
ATOM   1344 N N   . TRP B 1 102 ? 6.035   8.187   1.458   1.00 28.66  ? 102  TRP B N   1 
ATOM   1345 C CA  . TRP B 1 102 ? 6.404   8.818   0.190   1.00 26.75  ? 102  TRP B CA  1 
ATOM   1346 C C   . TRP B 1 102 ? 5.824   8.049   -1.011  1.00 24.15  ? 102  TRP B C   1 
ATOM   1347 O O   . TRP B 1 102 ? 5.951   8.493   -2.121  1.00 23.83  ? 102  TRP B O   1 
ATOM   1348 C CB  . TRP B 1 102 ? 7.924   8.961   0.079   1.00 25.69  ? 102  TRP B CB  1 
ATOM   1349 C CG  . TRP B 1 102 ? 8.641   7.672   0.028   1.00 26.43  ? 102  TRP B CG  1 
ATOM   1350 C CD1 . TRP B 1 102 ? 8.784   6.768   1.052   1.00 28.10  ? 102  TRP B CD1 1 
ATOM   1351 C CD2 . TRP B 1 102 ? 9.288   7.097   -1.107  1.00 28.17  ? 102  TRP B CD2 1 
ATOM   1352 N NE1 . TRP B 1 102 ? 9.502   5.685   0.632   1.00 27.92  ? 102  TRP B NE1 1 
ATOM   1353 C CE2 . TRP B 1 102 ? 9.830   5.849   -0.687  1.00 29.09  ? 102  TRP B CE2 1 
ATOM   1354 C CE3 . TRP B 1 102 ? 9.513   7.530   -2.429  1.00 28.10  ? 102  TRP B CE3 1 
ATOM   1355 C CZ2 . TRP B 1 102 ? 10.537  5.010   -1.550  1.00 28.81  ? 102  TRP B CZ2 1 
ATOM   1356 C CZ3 . TRP B 1 102 ? 10.224  6.704   -3.293  1.00 28.89  ? 102  TRP B CZ3 1 
ATOM   1357 C CH2 . TRP B 1 102 ? 10.741  5.460   -2.843  1.00 33.01  ? 102  TRP B CH2 1 
ATOM   1358 N N   . LYS B 1 103 ? 5.169   6.915   -0.770  1.00 20.94  ? 103  LYS B N   1 
ATOM   1359 C CA  . LYS B 1 103 ? 4.664   6.097   -1.855  1.00 22.39  ? 103  LYS B CA  1 
ATOM   1360 C C   . LYS B 1 103 ? 3.310   5.405   -1.530  1.00 20.49  ? 103  LYS B C   1 
ATOM   1361 O O   . LYS B 1 103 ? 3.044   5.045   -0.365  1.00 19.12  ? 103  LYS B O   1 
ATOM   1362 C CB  . LYS B 1 103 ? 5.749   5.079   -2.243  1.00 23.00  ? 103  LYS B CB  1 
ATOM   1363 C CG  . LYS B 1 103 ? 6.052   4.098   -1.158  1.00 23.23  ? 103  LYS B CG  1 
ATOM   1364 C CD  . LYS B 1 103 ? 7.310   3.301   -1.534  1.00 25.99  ? 103  LYS B CD  1 
ATOM   1365 C CE  . LYS B 1 103 ? 7.581   2.288   -0.435  1.00 25.77  ? 103  LYS B CE  1 
ATOM   1366 N NZ  . LYS B 1 103 ? 8.470   1.212   -0.870  1.00 29.18  ? 103  LYS B NZ  1 
ATOM   1367 N N   . TYR B 1 104 ? 2.500   5.200   -2.584  1.00 21.03  ? 104  TYR B N   1 
ATOM   1368 C CA  . TYR B 1 104 ? 1.089   4.826   -2.468  1.00 20.72  ? 104  TYR B CA  1 
ATOM   1369 C C   . TYR B 1 104 ? 0.678   4.045   -3.671  1.00 21.15  ? 104  TYR B C   1 
ATOM   1370 O O   . TYR B 1 104 ? 1.041   4.382   -4.791  1.00 20.99  ? 104  TYR B O   1 
ATOM   1371 C CB  . TYR B 1 104 ? 0.169   6.055   -2.418  1.00 23.41  ? 104  TYR B CB  1 
ATOM   1372 C CG  . TYR B 1 104 ? 0.377   6.874   -1.190  1.00 25.84  ? 104  TYR B CG  1 
ATOM   1373 C CD1 . TYR B 1 104 ? -0.292  6.578   -0.045  1.00 29.79  ? 104  TYR B CD1 1 
ATOM   1374 C CD2 . TYR B 1 104 ? 1.268   7.952   -1.181  1.00 29.64  ? 104  TYR B CD2 1 
ATOM   1375 C CE1 . TYR B 1 104 ? -0.118  7.327   1.103   1.00 33.10  ? 104  TYR B CE1 1 
ATOM   1376 C CE2 . TYR B 1 104 ? 1.488   8.679   -0.028  1.00 30.35  ? 104  TYR B CE2 1 
ATOM   1377 C CZ  . TYR B 1 104 ? 0.780   8.364   1.095   1.00 31.84  ? 104  TYR B CZ  1 
ATOM   1378 O OH  . TYR B 1 104 ? 0.936   9.068   2.229   1.00 33.78  ? 104  TYR B OH  1 
ATOM   1379 N N   . LEU B 1 105 ? -0.095  2.993   -3.442  1.00 18.53  ? 105  LEU B N   1 
ATOM   1380 C CA  . LEU B 1 105 ? -0.760  2.289   -4.526  1.00 18.74  ? 105  LEU B CA  1 
ATOM   1381 C C   . LEU B 1 105 ? -2.154  2.907   -4.679  1.00 19.90  ? 105  LEU B C   1 
ATOM   1382 O O   . LEU B 1 105 ? -2.909  3.097   -3.665  1.00 17.79  ? 105  LEU B O   1 
ATOM   1383 C CB  . LEU B 1 105 ? -0.856  0.824   -4.205  1.00 20.35  ? 105  LEU B CB  1 
ATOM   1384 C CG  . LEU B 1 105 ? 0.469   0.101   -4.054  1.00 20.77  ? 105  LEU B CG  1 
ATOM   1385 C CD1 . LEU B 1 105 ? 0.350   -1.094  -3.115  1.00 20.51  ? 105  LEU B CD1 1 
ATOM   1386 C CD2 . LEU B 1 105 ? 0.902   -0.363  -5.452  1.00 21.39  ? 105  LEU B CD2 1 
ATOM   1387 N N   . ILE B 1 106 ? -2.474  3.272   -5.921  1.00 18.61  ? 106  ILE B N   1 
ATOM   1388 C CA  . ILE B 1 106 ? -3.698  4.019   -6.248  1.00 20.99  ? 106  ILE B CA  1 
ATOM   1389 C C   . ILE B 1 106 ? -4.408  3.358   -7.426  1.00 22.10  ? 106  ILE B C   1 
ATOM   1390 O O   . ILE B 1 106 ? -3.763  2.744   -8.257  1.00 22.60  ? 106  ILE B O   1 
ATOM   1391 C CB  . ILE B 1 106 ? -3.427  5.546   -6.548  1.00 22.44  ? 106  ILE B CB  1 
ATOM   1392 C CG1 . ILE B 1 106 ? -2.532  5.743   -7.793  1.00 22.76  ? 106  ILE B CG1 1 
ATOM   1393 C CG2 . ILE B 1 106 ? -2.843  6.264   -5.332  1.00 22.22  ? 106  ILE B CG2 1 
ATOM   1394 C CD1 . ILE B 1 106 ? -2.305  7.196   -8.131  1.00 23.14  ? 106  ILE B CD1 1 
ATOM   1395 N N   . SER B 1 107 ? -5.730  3.495   -7.476  1.00 25.93  ? 107  SER B N   1 
ATOM   1396 C CA  . SER B 1 107 ? -6.553  2.969   -8.549  1.00 25.61  ? 107  SER B CA  1 
ATOM   1397 C C   . SER B 1 107 ? -7.101  4.066   -9.450  1.00 23.46  ? 107  SER B C   1 
ATOM   1398 O O   . SER B 1 107 ? -7.413  5.151   -8.986  1.00 21.25  ? 107  SER B O   1 
ATOM   1399 C CB  . SER B 1 107 ? -7.742  2.237   -7.937  1.00 28.55  ? 107  SER B CB  1 
ATOM   1400 O OG  . SER B 1 107 ? -7.255  1.301   -6.998  1.00 29.06  ? 107  SER B OG  1 
ATOM   1401 N N   . SER B 1 108 ? -7.261  3.725   -10.722 1.00 22.67  ? 108  SER B N   1 
ATOM   1402 C CA  . SER B 1 108 ? -7.797  4.614   -11.715 1.00 23.82  ? 108  SER B CA  1 
ATOM   1403 C C   . SER B 1 108 ? -9.283  4.801   -11.561 1.00 24.61  ? 108  SER B C   1 
ATOM   1404 O O   . SER B 1 108 ? -9.803  5.762   -12.080 1.00 28.32  ? 108  SER B O   1 
ATOM   1405 C CB  . SER B 1 108 ? -7.500  4.093   -13.111 1.00 24.33  ? 108  SER B CB  1 
ATOM   1406 O OG  . SER B 1 108 ? -7.890  2.746   -13.218 1.00 22.94  ? 108  SER B OG  1 
ATOM   1407 N N   . ASP B 1 109 ? -9.976  3.937   -10.819 1.00 26.01  ? 109  ASP B N   1 
ATOM   1408 C CA  . ASP B 1 109 ? -11.400 4.125   -10.570 1.00 25.92  ? 109  ASP B CA  1 
ATOM   1409 C C   . ASP B 1 109 ? -11.722 5.025   -9.349  1.00 27.59  ? 109  ASP B C   1 
ATOM   1410 O O   . ASP B 1 109 ? -12.787 4.932   -8.715  1.00 25.17  ? 109  ASP B O   1 
ATOM   1411 C CB  . ASP B 1 109 ? -12.046 2.769   -10.361 1.00 31.76  ? 109  ASP B CB  1 
ATOM   1412 C CG  . ASP B 1 109 ? -11.636 2.109   -9.052  1.00 32.94  ? 109  ASP B CG  1 
ATOM   1413 O OD1 . ASP B 1 109 ? -10.911 2.713   -8.205  1.00 39.85  ? 109  ASP B OD1 1 
ATOM   1414 O OD2 . ASP B 1 109 ? -12.044 0.954   -8.885  1.00 40.00  ? 109  ASP B OD2 1 
ATOM   1415 N N   . SER B 1 110 ? -10.797 5.882   -8.980  1.00 25.41  ? 110  SER B N   1 
ATOM   1416 C CA  . SER B 1 110 ? -11.005 6.658   -7.787  1.00 24.91  ? 110  SER B CA  1 
ATOM   1417 C C   . SER B 1 110 ? -10.443 8.019   -8.026  1.00 24.61  ? 110  SER B C   1 
ATOM   1418 O O   . SER B 1 110 ? -9.590  8.223   -8.929  1.00 20.50  ? 110  SER B O   1 
ATOM   1419 C CB  . SER B 1 110 ? -10.287 6.028   -6.570  1.00 24.90  ? 110  SER B CB  1 
ATOM   1420 O OG  . SER B 1 110 ? -10.653 4.672   -6.413  1.00 29.29  ? 110  SER B OG  1 
ATOM   1421 N N   . VAL B 1 111 ? -10.885 8.915   -7.142  1.00 27.17  ? 111  VAL B N   1 
ATOM   1422 C CA  . VAL B 1 111 ? -10.357 10.270  -6.984  1.00 27.39  ? 111  VAL B CA  1 
ATOM   1423 C C   . VAL B 1 111 ? -9.250  10.181  -5.983  1.00 25.18  ? 111  VAL B C   1 
ATOM   1424 O O   . VAL B 1 111 ? -9.491  9.935   -4.852  1.00 26.00  ? 111  VAL B O   1 
ATOM   1425 C CB  . VAL B 1 111 ? -11.436 11.260  -6.435  1.00 24.79  ? 111  VAL B CB  1 
ATOM   1426 C CG1 . VAL B 1 111 ? -10.801 12.589  -6.097  1.00 25.79  ? 111  VAL B CG1 1 
ATOM   1427 C CG2 . VAL B 1 111 ? -12.571 11.391  -7.428  1.00 23.83  ? 111  VAL B CG2 1 
ATOM   1428 N N   . ASN B 1 112 ? -8.023  10.406  -6.414  1.00 24.49  ? 112  ASN B N   1 
ATOM   1429 C CA  . ASN B 1 112 ? -6.900  10.239  -5.565  1.00 21.03  ? 112  ASN B CA  1 
ATOM   1430 C C   . ASN B 1 112 ? -6.351  11.612  -5.314  1.00 19.25  ? 112  ASN B C   1 
ATOM   1431 O O   . ASN B 1 112 ? -5.858  12.271  -6.236  1.00 20.30  ? 112  ASN B O   1 
ATOM   1432 C CB  . ASN B 1 112 ? -5.862  9.374   -6.270  1.00 21.54  ? 112  ASN B CB  1 
ATOM   1433 C CG  . ASN B 1 112 ? -6.365  7.986   -6.545  1.00 22.86  ? 112  ASN B CG  1 
ATOM   1434 O OD1 . ASN B 1 112 ? -6.616  7.212   -5.595  1.00 22.58  ? 112  ASN B OD1 1 
ATOM   1435 N ND2 . ASN B 1 112 ? -6.531  7.637   -7.845  1.00 21.19  ? 112  ASN B ND2 1 
ATOM   1436 N N   . GLU B 1 113 ? -6.439  12.077  -4.091  1.00 18.77  ? 113  GLU B N   1 
ATOM   1437 C CA  . GLU B 1 113 ? -5.969  13.444  -3.797  1.00 21.47  ? 113  GLU B CA  1 
ATOM   1438 C C   . GLU B 1 113 ? -4.944  13.418  -2.727  1.00 18.22  ? 113  GLU B C   1 
ATOM   1439 O O   . GLU B 1 113 ? -5.014  12.609  -1.791  1.00 17.48  ? 113  GLU B O   1 
ATOM   1440 C CB  . GLU B 1 113 ? -7.097  14.414  -3.393  1.00 24.75  ? 113  GLU B CB  1 
ATOM   1441 C CG  . GLU B 1 113 ? -8.487  13.828  -3.357  1.00 27.42  ? 113  GLU B CG  1 
ATOM   1442 C CD  . GLU B 1 113 ? -9.545  14.872  -2.947  1.00 30.59  ? 113  GLU B CD  1 
ATOM   1443 O OE1 . GLU B 1 113 ? -9.215  16.089  -2.910  1.00 28.36  ? 113  GLU B OE1 1 
ATOM   1444 O OE2 . GLU B 1 113 ? -10.696 14.466  -2.682  1.00 28.32  ? 113  GLU B OE2 1 
ATOM   1445 N N   . PHE B 1 114 ? -4.012  14.342  -2.851  1.00 19.26  ? 114  PHE B N   1 
ATOM   1446 C CA  . PHE B 1 114 ? -2.836  14.422  -2.007  1.00 18.85  ? 114  PHE B CA  1 
ATOM   1447 C C   . PHE B 1 114 ? -2.481  15.867  -1.841  1.00 20.96  ? 114  PHE B C   1 
ATOM   1448 O O   . PHE B 1 114 ? -2.647  16.640  -2.755  1.00 23.20  ? 114  PHE B O   1 
ATOM   1449 C CB  . PHE B 1 114 ? -1.623  13.744  -2.664  1.00 18.43  ? 114  PHE B CB  1 
ATOM   1450 C CG  . PHE B 1 114 ? -1.752  12.246  -2.826  1.00 17.54  ? 114  PHE B CG  1 
ATOM   1451 C CD1 . PHE B 1 114 ? -2.345  11.702  -3.950  1.00 17.79  ? 114  PHE B CD1 1 
ATOM   1452 C CD2 . PHE B 1 114 ? -1.290  11.384  -1.853  1.00 17.76  ? 114  PHE B CD2 1 
ATOM   1453 C CE1 . PHE B 1 114 ? -2.454  10.321  -4.116  1.00 17.70  ? 114  PHE B CE1 1 
ATOM   1454 C CE2 . PHE B 1 114 ? -1.405  9.994   -2.009  1.00 17.73  ? 114  PHE B CE2 1 
ATOM   1455 C CZ  . PHE B 1 114 ? -2.013  9.469   -3.129  1.00 16.80  ? 114  PHE B CZ  1 
ATOM   1456 N N   . THR B 1 115 ? -1.978  16.237  -0.675  1.00 23.59  ? 115  THR B N   1 
ATOM   1457 C CA  . THR B 1 115 ? -1.338  17.532  -0.469  1.00 23.98  ? 115  THR B CA  1 
ATOM   1458 C C   . THR B 1 115 ? 0.049   17.291  0.062   1.00 24.68  ? 115  THR B C   1 
ATOM   1459 O O   . THR B 1 115 ? 0.221   16.561  1.017   1.00 25.32  ? 115  THR B O   1 
ATOM   1460 C CB  . THR B 1 115 ? -2.113  18.365  0.567   1.00 27.03  ? 115  THR B CB  1 
ATOM   1461 O OG1 . THR B 1 115 ? -3.477  18.421  0.167   1.00 24.42  ? 115  THR B OG1 1 
ATOM   1462 C CG2 . THR B 1 115 ? -1.540  19.845  0.725   1.00 25.90  ? 115  THR B CG2 1 
ATOM   1463 N N   . ILE B 1 116 ? 1.039   17.892  -0.582  1.00 26.73  ? 116  ILE B N   1 
ATOM   1464 C CA  . ILE B 1 116 ? 2.378   17.991  -0.052  1.00 25.90  ? 116  ILE B CA  1 
ATOM   1465 C C   . ILE B 1 116 ? 2.462   19.333  0.670   1.00 29.19  ? 116  ILE B C   1 
ATOM   1466 O O   . ILE B 1 116 ? 2.466   20.417  0.076   1.00 28.29  ? 116  ILE B O   1 
ATOM   1467 C CB  . ILE B 1 116 ? 3.464   17.900  -1.144  1.00 27.35  ? 116  ILE B CB  1 
ATOM   1468 C CG1 . ILE B 1 116 ? 3.268   16.677  -2.034  1.00 27.55  ? 116  ILE B CG1 1 
ATOM   1469 C CG2 . ILE B 1 116 ? 4.860   17.874  -0.518  1.00 29.32  ? 116  ILE B CG2 1 
ATOM   1470 C CD1 . ILE B 1 116 ? 3.641   16.952  -3.489  1.00 31.75  ? 116  ILE B CD1 1 
ATOM   1471 N N   . LYS B 1 117 ? 2.502   19.231  1.981   1.00 33.44  ? 117  LYS B N   1 
ATOM   1472 C CA  . LYS B 1 117 ? 2.438   20.375  2.833   1.00 34.73  ? 117  LYS B CA  1 
ATOM   1473 C C   . LYS B 1 117 ? 3.769   21.087  2.900   1.00 31.19  ? 117  LYS B C   1 
ATOM   1474 O O   . LYS B 1 117 ? 4.823   20.541  2.564   1.00 29.47  ? 117  LYS B O   1 
ATOM   1475 C CB  . LYS B 1 117 ? 1.989   19.938  4.220   1.00 38.34  ? 117  LYS B CB  1 
ATOM   1476 C CG  . LYS B 1 117 ? 0.602   19.352  4.219   1.00 42.59  ? 117  LYS B CG  1 
ATOM   1477 C CD  . LYS B 1 117 ? 0.033   19.211  5.621   1.00 49.57  ? 117  LYS B CD  1 
ATOM   1478 C CE  . LYS B 1 117 ? -1.452  19.536  5.587   1.00 58.29  ? 117  LYS B CE  1 
ATOM   1479 N NZ  . LYS B 1 117 ? -2.100  19.510  6.934   1.00 67.06  ? 117  LYS B NZ  1 
ATOM   1480 N N   . ASN B 1 118 ? 3.708   22.326  3.356   1.00 32.71  ? 118  ASN B N   1 
ATOM   1481 C CA  . ASN B 1 118 ? 4.914   23.138  3.559   1.00 32.84  ? 118  ASN B CA  1 
ATOM   1482 C C   . ASN B 1 118 ? 5.922   22.452  4.472   1.00 32.43  ? 118  ASN B C   1 
ATOM   1483 O O   . ASN B 1 118 ? 7.115   22.558  4.250   1.00 35.46  ? 118  ASN B O   1 
ATOM   1484 C CB  . ASN B 1 118 ? 4.558   24.523  4.069   1.00 34.18  ? 118  ASN B CB  1 
ATOM   1485 C CG  . ASN B 1 118 ? 3.833   25.348  3.022   1.00 36.75  ? 118  ASN B CG  1 
ATOM   1486 O OD1 . ASN B 1 118 ? 2.607   25.340  2.957   1.00 40.28  ? 118  ASN B OD1 1 
ATOM   1487 N ND2 . ASN B 1 118 ? 4.584   26.043  2.187   1.00 35.30  ? 118  ASN B ND2 1 
ATOM   1488 N N   . ASP B 1 119 ? 5.450   21.685  5.441   1.00 33.05  ? 119  ASP B N   1 
ATOM   1489 C CA  . ASP B 1 119 ? 6.359   20.938  6.295   1.00 34.62  ? 119  ASP B CA  1 
ATOM   1490 C C   . ASP B 1 119 ? 6.916   19.674  5.647   1.00 35.03  ? 119  ASP B C   1 
ATOM   1491 O O   . ASP B 1 119 ? 7.554   18.895  6.332   1.00 32.39  ? 119  ASP B O   1 
ATOM   1492 C CB  . ASP B 1 119 ? 5.708   20.612  7.664   1.00 36.55  ? 119  ASP B CB  1 
ATOM   1493 C CG  . ASP B 1 119 ? 4.529   19.649  7.582   1.00 36.25  ? 119  ASP B CG  1 
ATOM   1494 O OD1 . ASP B 1 119 ? 4.154   19.194  6.486   1.00 36.05  ? 119  ASP B OD1 1 
ATOM   1495 O OD2 . ASP B 1 119 ? 3.954   19.351  8.656   1.00 36.59  ? 119  ASP B OD2 1 
ATOM   1496 N N   . SER B 1 120 ? 6.658   19.458  4.346   1.00 40.15  ? 120  SER B N   1 
ATOM   1497 C CA  . SER B 1 120 ? 7.045   18.218  3.614   1.00 37.58  ? 120  SER B CA  1 
ATOM   1498 C C   . SER B 1 120 ? 6.334   16.954  4.044   1.00 37.23  ? 120  SER B C   1 
ATOM   1499 O O   . SER B 1 120 ? 6.722   15.878  3.598   1.00 38.29  ? 120  SER B O   1 
ATOM   1500 C CB  . SER B 1 120 ? 8.563   17.933  3.688   1.00 38.98  ? 120  SER B CB  1 
ATOM   1501 O OG  . SER B 1 120 ? 9.293   18.953  3.044   1.00 40.84  ? 120  SER B OG  1 
ATOM   1502 N N   . SER B 1 121 ? 5.327   17.049  4.921   1.00 34.76  ? 121  SER B N   1 
ATOM   1503 C CA  . SER B 1 121 ? 4.466   15.910  5.163   1.00 33.63  ? 121  SER B CA  1 
ATOM   1504 C C   . SER B 1 121 ? 3.529   15.815  3.965   1.00 33.39  ? 121  SER B C   1 
ATOM   1505 O O   . SER B 1 121 ? 3.282   16.805  3.296   1.00 29.44  ? 121  SER B O   1 
ATOM   1506 C CB  . SER B 1 121 ? 3.691   16.031  6.488   1.00 35.77  ? 121  SER B CB  1 
ATOM   1507 O OG  . SER B 1 121 ? 2.672   17.017  6.430   1.00 35.94  ? 121  SER B OG  1 
ATOM   1508 N N   . ILE B 1 122 ? 3.020   14.616  3.707   1.00 33.07  ? 122  ILE B N   1 
ATOM   1509 C CA  . ILE B 1 122 ? 2.125   14.376  2.605   1.00 31.26  ? 122  ILE B CA  1 
ATOM   1510 C C   . ILE B 1 122 ? 0.852   13.839  3.194   1.00 29.90  ? 122  ILE B C   1 
ATOM   1511 O O   . ILE B 1 122 ? 0.877   12.869  3.924   1.00 31.48  ? 122  ILE B O   1 
ATOM   1512 C CB  . ILE B 1 122 ? 2.718   13.356  1.601   1.00 31.87  ? 122  ILE B CB  1 
ATOM   1513 C CG1 . ILE B 1 122 ? 3.865   14.006  0.846   1.00 33.33  ? 122  ILE B CG1 1 
ATOM   1514 C CG2 . ILE B 1 122 ? 1.627   12.876  0.626   1.00 33.68  ? 122  ILE B CG2 1 
ATOM   1515 C CD1 . ILE B 1 122 ? 4.755   13.057  0.090   1.00 36.31  ? 122  ILE B CD1 1 
ATOM   1516 N N   . GLU B 1 123 ? -0.260  14.476  2.884   1.00 29.04  ? 123  GLU B N   1 
ATOM   1517 C CA  . GLU B 1 123 ? -1.536  14.085  3.415   1.00 31.62  ? 123  GLU B CA  1 
ATOM   1518 C C   . GLU B 1 123 ? -2.286  13.454  2.248   1.00 33.70  ? 123  GLU B C   1 
ATOM   1519 O O   . GLU B 1 123 ? -2.346  14.066  1.166   1.00 26.73  ? 123  GLU B O   1 
ATOM   1520 C CB  . GLU B 1 123 ? -2.302  15.331  3.919   1.00 29.99  ? 123  GLU B CB  1 
ATOM   1521 N N   . LYS B 1 124 ? -2.867  12.262  2.476   1.00 38.19  ? 124  LYS B N   1 
ATOM   1522 C CA  . LYS B 1 124 ? -3.663  11.570  1.477   1.00 35.61  ? 124  LYS B CA  1 
ATOM   1523 C C   . LYS B 1 124 ? -5.156  11.725  1.740   1.00 40.61  ? 124  LYS B C   1 
ATOM   1524 O O   . LYS B 1 124 ? -5.660  11.409  2.816   1.00 36.19  ? 124  LYS B O   1 
ATOM   1525 C CB  . LYS B 1 124 ? -3.302  10.076  1.345   1.00 33.05  ? 124  LYS B CB  1 
ATOM   1526 C CG  . LYS B 1 124 ? -4.264  9.295   0.447   1.00 35.89  ? 124  LYS B CG  1 
ATOM   1527 C CD  . LYS B 1 124 ? -3.724  7.948   -0.091  1.00 40.83  ? 124  LYS B CD  1 
ATOM   1528 C CE  . LYS B 1 124 ? -4.696  7.267   -1.073  1.00 43.19  ? 124  LYS B CE  1 
ATOM   1529 N NZ  . LYS B 1 124 ? -5.242  8.193   -2.139  1.00 48.36  ? 124  LYS B NZ  1 
ATOM   1530 N N   . ASP B 1 125 ? -5.852  12.079  0.668   1.00 51.93  ? 125  ASP B N   1 
ATOM   1531 C CA  . ASP B 1 125 ? -7.238  12.457  0.673   1.00 58.49  ? 125  ASP B CA  1 
ATOM   1532 C C   . ASP B 1 125 ? -7.454  13.334  1.869   1.00 51.63  ? 125  ASP B C   1 
ATOM   1533 O O   . ASP B 1 125 ? -8.506  13.293  2.435   1.00 51.22  ? 125  ASP B O   1 
ATOM   1534 C CB  . ASP B 1 125 ? -8.177  11.236  0.646   1.00 69.07  ? 125  ASP B CB  1 
ATOM   1535 C CG  . ASP B 1 125 ? -9.619  11.593  0.168   1.00 90.56  ? 125  ASP B CG  1 
ATOM   1536 O OD1 . ASP B 1 125 ? -9.938  12.800  0.004   1.00 98.60  ? 125  ASP B OD1 1 
ATOM   1537 O OD2 . ASP B 1 125 ? -10.447 10.666  -0.040  1.00 103.69 ? 125  ASP B OD2 1 
HETATM 1538 O O   . HOH C 2 .   ? 1.815   -20.643 -7.408  1.00 36.52  ? 2001 HOH A O   1 
HETATM 1539 O O   . HOH C 2 .   ? -2.181  -17.409 -3.947  1.00 27.40  ? 2002 HOH A O   1 
HETATM 1540 O O   . HOH C 2 .   ? -2.155  -19.369 -2.271  1.00 37.93  ? 2003 HOH A O   1 
HETATM 1541 O O   . HOH C 2 .   ? 11.622  -14.629 10.301  1.00 45.80  ? 2004 HOH A O   1 
HETATM 1542 O O   . HOH C 2 .   ? 7.384   -16.707 20.427  1.00 51.37  ? 2005 HOH A O   1 
HETATM 1543 O O   . HOH C 2 .   ? 12.837  -13.230 14.803  1.00 41.82  ? 2006 HOH A O   1 
HETATM 1544 O O   . HOH C 2 .   ? 8.156   -18.178 18.517  1.00 43.71  ? 2007 HOH A O   1 
HETATM 1545 O O   . HOH C 2 .   ? -0.254  -16.256 19.002  1.00 33.92  ? 2008 HOH A O   1 
HETATM 1546 O O   . HOH C 2 .   ? -4.309  -8.929  18.561  1.00 29.88  ? 2009 HOH A O   1 
HETATM 1547 O O   . HOH C 2 .   ? -3.718  -14.878 17.817  1.00 49.73  ? 2010 HOH A O   1 
HETATM 1548 O O   . HOH C 2 .   ? -11.100 -12.992 2.995   1.00 38.28  ? 2011 HOH A O   1 
HETATM 1549 O O   . HOH C 2 .   ? -9.265  -2.420  2.903   1.00 30.58  ? 2012 HOH A O   1 
HETATM 1550 O O   . HOH C 2 .   ? -11.005 -1.029  1.664   1.00 34.49  ? 2013 HOH A O   1 
HETATM 1551 O O   . HOH C 2 .   ? 2.368   2.069   3.288   1.00 30.67  ? 2014 HOH A O   1 
HETATM 1552 O O   . HOH C 2 .   ? -14.552 8.021   5.537   1.00 35.14  ? 2015 HOH A O   1 
HETATM 1553 O O   . HOH C 2 .   ? -8.164  -3.793  -4.904  1.00 27.53  ? 2016 HOH A O   1 
HETATM 1554 O O   . HOH C 2 .   ? -9.194  3.142   -4.469  1.00 36.33  ? 2017 HOH A O   1 
HETATM 1555 O O   . HOH C 2 .   ? -12.826 5.414   -2.760  1.00 33.08  ? 2018 HOH A O   1 
HETATM 1556 O O   . HOH C 2 .   ? -9.161  0.574   -5.139  1.00 28.84  ? 2019 HOH A O   1 
HETATM 1557 O O   . HOH C 2 .   ? -5.079  4.615   -2.786  1.00 23.55  ? 2020 HOH A O   1 
HETATM 1558 O O   . HOH C 2 .   ? -6.810  7.376   1.319   1.00 33.66  ? 2021 HOH A O   1 
HETATM 1559 O O   . HOH C 2 .   ? -6.917  4.758   -5.015  1.00 19.06  ? 2022 HOH A O   1 
HETATM 1560 O O   . HOH C 2 .   ? -5.563  8.353   3.571   1.00 37.63  ? 2023 HOH A O   1 
HETATM 1561 O O   . HOH C 2 .   ? 2.067   2.613   0.516   1.00 17.65  ? 2024 HOH A O   1 
HETATM 1562 O O   . HOH C 2 .   ? -11.298 9.066   2.787   1.00 40.93  ? 2025 HOH A O   1 
HETATM 1563 O O   . HOH C 2 .   ? 5.124   0.069   4.429   1.00 42.18  ? 2026 HOH A O   1 
HETATM 1564 O O   . HOH C 2 .   ? -16.463 -10.977 7.701   1.00 22.42  ? 2027 HOH A O   1 
HETATM 1565 O O   . HOH C 2 .   ? -17.002 -13.783 5.342   1.00 38.52  ? 2028 HOH A O   1 
HETATM 1566 O O   . HOH C 2 .   ? -4.487  -19.736 15.261  1.00 33.35  ? 2029 HOH A O   1 
HETATM 1567 O O   . HOH C 2 .   ? -8.421  -12.034 18.679  1.00 38.38  ? 2030 HOH A O   1 
HETATM 1568 O O   . HOH C 2 .   ? 0.657   -20.378 19.139  1.00 44.77  ? 2031 HOH A O   1 
HETATM 1569 O O   . HOH C 2 .   ? 5.042   -19.291 6.899   1.00 30.96  ? 2032 HOH A O   1 
HETATM 1570 O O   . HOH C 2 .   ? -7.473  -17.230 4.174   1.00 41.50  ? 2033 HOH A O   1 
HETATM 1571 O O   . HOH C 2 .   ? -12.477 -16.503 -2.269  1.00 43.77  ? 2034 HOH A O   1 
HETATM 1572 O O   . HOH C 2 .   ? -0.033  -16.623 -11.155 1.00 47.04  ? 2035 HOH A O   1 
HETATM 1573 O O   . HOH C 2 .   ? -8.926  -12.409 -10.614 1.00 55.58  ? 2036 HOH A O   1 
HETATM 1574 O O   . HOH C 2 .   ? -9.944  -9.486  -8.565  1.00 32.91  ? 2037 HOH A O   1 
HETATM 1575 O O   . HOH C 2 .   ? -1.464  -3.456  15.323  1.00 37.73  ? 2038 HOH A O   1 
HETATM 1576 O O   . HOH C 2 .   ? -5.130  -6.844  22.910  1.00 69.40  ? 2039 HOH A O   1 
HETATM 1577 O O   . HOH C 2 .   ? -0.205  -0.609  15.062  1.00 45.03  ? 2040 HOH A O   1 
HETATM 1578 O O   . HOH C 2 .   ? 7.478   -1.548  4.944   1.00 44.88  ? 2041 HOH A O   1 
HETATM 1579 O O   . HOH C 2 .   ? 0.547   -0.042  3.288   1.00 22.15  ? 2042 HOH A O   1 
HETATM 1580 O O   . HOH C 2 .   ? 2.879   -0.596  6.076   1.00 38.26  ? 2043 HOH A O   1 
HETATM 1581 O O   . HOH C 2 .   ? 2.485   -6.652  -1.473  1.00 18.01  ? 2044 HOH A O   1 
HETATM 1582 O O   . HOH C 2 .   ? 1.901   -8.771  -3.172  1.00 21.11  ? 2045 HOH A O   1 
HETATM 1583 O O   . HOH C 2 .   ? 1.133   -7.133  -7.422  1.00 28.67  ? 2046 HOH A O   1 
HETATM 1584 O O   . HOH C 2 .   ? 2.827   -8.482  -5.636  1.00 30.17  ? 2047 HOH A O   1 
HETATM 1585 O O   . HOH C 2 .   ? 6.342   -13.229 -5.234  1.00 26.12  ? 2048 HOH A O   1 
HETATM 1586 O O   . HOH C 2 .   ? 6.993   -10.554 0.953   1.00 28.86  ? 2049 HOH A O   1 
HETATM 1587 O O   . HOH C 2 .   ? 9.578   -13.082 -1.088  1.00 54.63  ? 2050 HOH A O   1 
HETATM 1588 O O   . HOH C 2 .   ? 12.700  -11.315 16.322  1.00 33.79  ? 2051 HOH A O   1 
HETATM 1589 O O   . HOH D 2 .   ? -14.791 9.764   -13.381 1.00 36.47  ? 2001 HOH B O   1 
HETATM 1590 O O   . HOH D 2 .   ? -15.105 11.518  -15.212 1.00 41.05  ? 2002 HOH B O   1 
HETATM 1591 O O   . HOH D 2 .   ? -4.770  21.313  -0.095  1.00 43.11  ? 2003 HOH B O   1 
HETATM 1592 O O   . HOH D 2 .   ? 12.249  16.391  -6.301  1.00 37.86  ? 2004 HOH B O   1 
HETATM 1593 O O   . HOH D 2 .   ? 9.160   19.781  -10.050 1.00 42.77  ? 2005 HOH B O   1 
HETATM 1594 O O   . HOH D 2 .   ? 2.390   5.829   -16.382 1.00 38.36  ? 2006 HOH B O   1 
HETATM 1595 O O   . HOH D 2 .   ? 6.526   -2.528  -8.834  1.00 23.00  ? 2007 HOH B O   1 
HETATM 1596 O O   . HOH D 2 .   ? 5.769   0.081   -8.325  1.00 24.15  ? 2008 HOH B O   1 
HETATM 1597 O O   . HOH D 2 .   ? 8.044   -3.044  -10.802 1.00 32.33  ? 2009 HOH B O   1 
HETATM 1598 O O   . HOH D 2 .   ? 15.452  -2.668  -3.578  1.00 43.58  ? 2010 HOH B O   1 
HETATM 1599 O O   . HOH D 2 .   ? -0.956  -3.818  -9.558  1.00 27.11  ? 2011 HOH B O   1 
HETATM 1600 O O   . HOH D 2 .   ? 7.769   -6.172  -0.191  1.00 38.21  ? 2012 HOH B O   1 
HETATM 1601 O O   . HOH D 2 .   ? 7.395   0.206   2.611   1.00 57.57  ? 2013 HOH B O   1 
HETATM 1602 O O   . HOH D 2 .   ? 12.737  -2.847  -4.787  1.00 48.53  ? 2014 HOH B O   1 
HETATM 1603 O O   . HOH D 2 .   ? 9.882   5.172   -18.291 1.00 23.72  ? 2015 HOH B O   1 
HETATM 1604 O O   . HOH D 2 .   ? 13.372  -0.923  -19.621 1.00 47.15  ? 2016 HOH B O   1 
HETATM 1605 O O   . HOH D 2 .   ? 10.601  -1.522  -19.707 1.00 36.85  ? 2017 HOH B O   1 
HETATM 1606 O O   . HOH D 2 .   ? 13.268  -2.492  -14.534 1.00 40.66  ? 2018 HOH B O   1 
HETATM 1607 O O   . HOH D 2 .   ? 8.287   -1.667  -18.895 1.00 42.08  ? 2019 HOH B O   1 
HETATM 1608 O O   . HOH D 2 .   ? 8.241   16.421  -16.133 1.00 32.65  ? 2020 HOH B O   1 
HETATM 1609 O O   . HOH D 2 .   ? 5.581   21.046  -13.695 1.00 32.96  ? 2021 HOH B O   1 
HETATM 1610 O O   . HOH D 2 .   ? -0.499  25.005  -10.318 1.00 51.12  ? 2022 HOH B O   1 
HETATM 1611 O O   . HOH D 2 .   ? -5.676  19.095  -7.923  1.00 38.79  ? 2023 HOH B O   1 
HETATM 1612 O O   . HOH D 2 .   ? -2.174  19.954  -13.719 1.00 24.10  ? 2024 HOH B O   1 
HETATM 1613 O O   . HOH D 2 .   ? 0.016   10.479  -16.255 1.00 41.28  ? 2025 HOH B O   1 
HETATM 1614 O O   . HOH D 2 .   ? -0.265  12.941  -17.712 1.00 45.65  ? 2026 HOH B O   1 
HETATM 1615 O O   . HOH D 2 .   ? -9.084  7.730   -13.956 1.00 34.71  ? 2027 HOH B O   1 
HETATM 1616 O O   . HOH D 2 .   ? -0.780  4.391   -22.827 1.00 63.45  ? 2028 HOH B O   1 
HETATM 1617 O O   . HOH D 2 .   ? -5.221  -3.359  -15.126 1.00 29.90  ? 2029 HOH B O   1 
HETATM 1618 O O   . HOH D 2 .   ? -8.789  0.247   -10.637 1.00 47.66  ? 2030 HOH B O   1 
HETATM 1619 O O   . HOH D 2 .   ? 10.581  11.935  -1.273  1.00 34.06  ? 2031 HOH B O   1 
HETATM 1620 O O   . HOH D 2 .   ? 16.611  17.615  0.807   1.00 41.07  ? 2032 HOH B O   1 
HETATM 1621 O O   . HOH D 2 .   ? 15.439  15.688  0.887   1.00 54.35  ? 2033 HOH B O   1 
HETATM 1622 O O   . HOH D 2 .   ? 5.237   5.044   2.012   1.00 34.56  ? 2034 HOH B O   1 
HETATM 1623 O O   . HOH D 2 .   ? 2.921   6.110   2.275   1.00 34.38  ? 2035 HOH B O   1 
HETATM 1624 O O   . HOH D 2 .   ? -12.879 7.865   -5.373  1.00 19.70  ? 2036 HOH B O   1 
HETATM 1625 O O   . HOH D 2 .   ? -11.581 11.793  -2.552  1.00 52.55  ? 2037 HOH B O   1 
HETATM 1626 O O   . HOH D 2 .   ? -5.490  16.544  -1.200  1.00 44.56  ? 2038 HOH B O   1 
HETATM 1627 O O   . HOH D 2 .   ? -5.457  15.609  1.230   1.00 43.83  ? 2039 HOH B O   1 
HETATM 1628 O O   . HOH D 2 .   ? -2.683  16.844  6.076   1.00 47.38  ? 2040 HOH B O   1 
HETATM 1629 O O   . HOH D 2 .   ? 3.652   21.103  10.771  1.00 29.51  ? 2041 HOH B O   1 
# 
